data_1GUP
#
_entry.id   1GUP
#
_cell.length_a   68.700
_cell.length_b   57.700
_cell.length_c   188.700
_cell.angle_alpha   90.00
_cell.angle_beta   100.08
_cell.angle_gamma   90.00
#
_symmetry.space_group_name_H-M   'P 1 21 1'
#
loop_
_entity.id
_entity.type
_entity.pdbx_description
1 polymer 'GALACTOSE-1-PHOSPHATE URIDYLYLTRANSFERASE'
2 non-polymer "GALACTOSE-URIDINE-5'-DIPHOSPHATE"
3 non-polymer 'ZINC ION'
4 non-polymer 'FE (III) ION'
5 non-polymer 'POTASSIUM ION'
6 water water
#
_entity_poly.entity_id   1
_entity_poly.type   'polypeptide(L)'
_entity_poly.pdbx_seq_one_letter_code
;MTQFNPVDHPHRRYNPLTGQWILVSPHRAKRPWQGAQETPAKQVLPAHDPDCFLCAGNVRVTGDKNPDYTGTYVFTNDFA
ALMSDTPDAPESHDPLMRCQSARGTSRVICFSPDHSKTLPELSVAALTEIVKTWQEQTAELGKTYPWVQVFENKGAAMGC
SNPHPGGQIWANSFLPNEAEREDRLQKEYFAEQKSPMLVDYVQRELADGSRTVVETEHWLAVVPYWAAWPFETLLLPKAH
VLRITDLTDAQRSDLALALKKLTSRYDNLFQCSFPYSMGWHGAPFNGEENQHWQLHAHFYPPLLRSATVRKFMVGYEMLA
ETQRDLTAEQAAERLRAVSDIHFRESGV
;
_entity_poly.pdbx_strand_id   A,B,C,D
#
# COMPACT_ATOMS: atom_id res chain seq x y z
N THR A 2 25.67 -10.82 -18.14
CA THR A 2 25.25 -10.02 -17.01
C THR A 2 24.22 -8.99 -17.44
N GLN A 3 23.36 -8.62 -16.50
CA GLN A 3 22.35 -7.65 -16.86
C GLN A 3 22.98 -6.31 -16.76
N PHE A 4 22.72 -5.47 -17.78
CA PHE A 4 23.23 -4.11 -17.79
C PHE A 4 22.79 -3.30 -16.57
N ASN A 5 23.76 -2.77 -15.82
CA ASN A 5 23.42 -1.99 -14.66
C ASN A 5 24.13 -0.64 -14.56
N PRO A 6 23.48 0.38 -15.13
CA PRO A 6 23.98 1.75 -15.15
C PRO A 6 24.66 2.13 -13.86
N VAL A 7 24.29 1.48 -12.78
CA VAL A 7 24.93 1.81 -11.53
C VAL A 7 26.29 1.16 -11.35
N ASP A 8 26.51 0.07 -12.07
CA ASP A 8 27.81 -0.55 -11.92
C ASP A 8 28.53 -0.61 -13.24
N HIS A 9 27.77 -0.52 -14.34
CA HIS A 9 28.34 -0.60 -15.65
C HIS A 9 28.63 0.73 -16.33
N PRO A 10 29.89 0.86 -16.70
CA PRO A 10 30.28 2.07 -17.38
C PRO A 10 29.49 2.11 -18.66
N HIS A 11 29.15 3.33 -19.00
CA HIS A 11 28.40 3.62 -20.20
C HIS A 11 28.68 5.09 -20.55
N ARG A 12 28.18 5.50 -21.70
CA ARG A 12 28.30 6.90 -22.13
C ARG A 12 26.92 7.51 -22.32
N ARG A 13 26.73 8.73 -21.86
CA ARG A 13 25.45 9.43 -22.02
C ARG A 13 25.59 10.60 -22.98
N TYR A 14 24.57 10.83 -23.77
CA TYR A 14 24.67 11.90 -24.72
C TYR A 14 24.16 13.25 -24.24
N ASN A 15 24.92 14.31 -24.49
CA ASN A 15 24.45 15.66 -24.14
C ASN A 15 23.87 16.26 -25.42
N PRO A 16 22.56 16.25 -25.56
CA PRO A 16 22.00 16.78 -26.79
C PRO A 16 22.20 18.29 -26.98
N LEU A 17 22.60 19.02 -25.94
CA LEU A 17 22.79 20.47 -26.05
C LEU A 17 24.11 20.86 -26.76
N THR A 18 25.09 19.99 -26.68
CA THR A 18 26.42 20.14 -27.20
C THR A 18 26.83 19.08 -28.18
N GLY A 19 26.08 17.99 -28.18
CA GLY A 19 26.36 16.90 -29.11
C GLY A 19 27.54 16.05 -28.66
N GLN A 20 27.90 16.20 -27.40
CA GLN A 20 29.01 15.44 -26.85
C GLN A 20 28.62 14.31 -25.89
N TRP A 21 29.49 13.28 -25.81
CA TRP A 21 29.27 12.14 -24.92
C TRP A 21 29.93 12.36 -23.58
N ILE A 22 29.38 11.69 -22.56
CA ILE A 22 29.91 11.74 -21.19
C ILE A 22 30.17 10.34 -20.74
N LEU A 23 31.37 10.06 -20.25
CA LEU A 23 31.69 8.72 -19.80
C LEU A 23 31.37 8.54 -18.34
N VAL A 24 30.54 7.53 -18.00
CA VAL A 24 30.17 7.30 -16.61
C VAL A 24 30.78 6.02 -16.14
N SER A 25 31.57 6.14 -15.07
CA SER A 25 32.29 4.99 -14.53
C SER A 25 32.05 4.80 -13.05
N PRO A 26 30.84 4.41 -12.79
CA PRO A 26 30.26 4.17 -11.48
C PRO A 26 31.16 3.98 -10.26
N HIS A 27 32.25 3.20 -10.35
CA HIS A 27 33.07 2.96 -9.16
C HIS A 27 34.42 3.67 -9.05
N ARG A 28 34.77 4.43 -10.06
CA ARG A 28 36.04 5.12 -10.11
C ARG A 28 36.51 5.76 -8.81
N ALA A 29 35.59 6.35 -8.05
CA ALA A 29 35.97 7.00 -6.79
C ALA A 29 36.35 6.08 -5.62
N LYS A 30 36.49 4.76 -5.86
CA LYS A 30 36.87 3.81 -4.81
C LYS A 30 38.38 3.76 -4.63
N ARG A 31 39.06 4.39 -5.58
CA ARG A 31 40.51 4.48 -5.65
C ARG A 31 41.12 5.38 -4.59
N PRO A 32 42.36 5.07 -4.19
CA PRO A 32 43.07 5.86 -3.21
C PRO A 32 43.21 7.31 -3.68
N TRP A 33 43.01 8.26 -2.76
CA TRP A 33 43.13 9.65 -3.12
C TRP A 33 44.30 10.30 -2.43
N GLN A 34 45.43 10.34 -3.13
CA GLN A 34 46.62 10.93 -2.55
C GLN A 34 47.00 12.24 -3.25
N GLY A 35 46.00 12.92 -3.78
CA GLY A 35 46.20 14.18 -4.48
C GLY A 35 45.95 15.44 -3.64
N ALA A 36 45.70 16.56 -4.32
CA ALA A 36 45.48 17.83 -3.64
C ALA A 36 44.32 17.78 -2.66
N GLN A 37 44.44 18.58 -1.60
CA GLN A 37 43.37 18.63 -0.62
C GLN A 37 42.78 20.03 -0.59
N GLU A 38 41.53 20.17 -0.99
CA GLU A 38 40.89 21.49 -1.03
C GLU A 38 40.92 22.22 0.29
N THR A 39 40.72 23.51 0.18
CA THR A 39 40.69 24.35 1.34
C THR A 39 39.30 24.96 1.50
N PRO A 40 38.58 24.48 2.52
CA PRO A 40 37.25 24.98 2.78
C PRO A 40 37.30 26.46 3.19
N ALA A 41 36.23 27.20 2.85
CA ALA A 41 36.11 28.62 3.16
C ALA A 41 36.17 28.96 4.66
N LYS A 42 36.54 30.22 4.97
CA LYS A 42 36.64 30.71 6.35
C LYS A 42 35.29 31.06 6.95
N GLN A 43 35.10 30.65 8.21
CA GLN A 43 33.86 30.88 8.94
C GLN A 43 33.66 32.29 9.53
N VAL A 44 34.60 33.24 9.31
CA VAL A 44 34.33 34.55 9.91
C VAL A 44 34.64 35.80 9.07
N LEU A 45 33.65 36.29 8.32
CA LEU A 45 33.86 37.48 7.49
C LEU A 45 33.03 38.70 7.89
N PRO A 46 33.62 39.88 7.71
CA PRO A 46 32.94 41.15 7.99
C PRO A 46 31.92 41.56 6.90
N ALA A 47 30.85 42.25 7.29
CA ALA A 47 29.82 42.69 6.34
C ALA A 47 30.38 43.78 5.41
N HIS A 48 31.49 44.37 5.87
CA HIS A 48 32.24 45.40 5.17
C HIS A 48 33.74 45.21 5.37
N ASP A 49 34.48 45.14 4.27
CA ASP A 49 35.92 44.98 4.29
C ASP A 49 36.51 46.26 3.70
N PRO A 50 37.14 47.04 4.56
CA PRO A 50 37.75 48.30 4.20
C PRO A 50 38.76 48.23 3.06
N ASP A 51 39.31 47.04 2.81
CA ASP A 51 40.30 46.82 1.77
C ASP A 51 39.77 46.08 0.56
N CYS A 52 38.47 45.84 0.52
CA CYS A 52 37.90 45.12 -0.59
C CYS A 52 37.48 46.07 -1.71
N PHE A 53 38.06 45.84 -2.87
CA PHE A 53 37.78 46.69 -4.03
C PHE A 53 36.34 46.68 -4.46
N LEU A 54 35.60 45.70 -3.96
CA LEU A 54 34.20 45.55 -4.31
C LEU A 54 33.25 46.11 -3.29
N CYS A 55 33.76 46.39 -2.10
CA CYS A 55 32.89 46.92 -1.06
C CYS A 55 32.35 48.31 -1.36
N ALA A 56 31.24 48.65 -0.74
CA ALA A 56 30.66 49.96 -0.95
C ALA A 56 31.49 51.09 -0.35
N GLY A 57 31.53 52.24 -1.06
CA GLY A 57 32.26 53.40 -0.61
C GLY A 57 33.76 53.19 -0.56
N ASN A 58 34.21 52.09 -1.17
CA ASN A 58 35.64 51.75 -1.25
C ASN A 58 36.23 52.15 -2.62
N VAL A 59 37.56 52.40 -2.69
CA VAL A 59 38.20 52.73 -3.98
C VAL A 59 38.72 51.46 -4.67
N ARG A 60 38.46 51.36 -5.98
CA ARG A 60 38.92 50.20 -6.74
C ARG A 60 40.41 50.22 -7.00
N VAL A 61 40.92 49.11 -7.52
CA VAL A 61 42.32 49.03 -7.77
C VAL A 61 42.79 50.27 -8.53
N THR A 62 41.90 50.80 -9.37
CA THR A 62 42.21 51.97 -10.17
C THR A 62 41.94 53.30 -9.50
N GLY A 63 41.64 53.31 -8.23
CA GLY A 63 41.40 54.59 -7.63
C GLY A 63 39.98 55.04 -7.74
N ASP A 64 39.24 54.48 -8.69
CA ASP A 64 37.83 54.85 -8.78
C ASP A 64 37.05 54.37 -7.56
N LYS A 65 36.21 55.27 -7.02
CA LYS A 65 35.39 55.03 -5.84
C LYS A 65 33.99 54.40 -6.08
N ASN A 66 33.72 53.36 -5.29
CA ASN A 66 32.43 52.73 -5.40
C ASN A 66 31.42 53.63 -4.69
N PRO A 67 30.18 53.61 -5.14
CA PRO A 67 29.17 54.42 -4.49
C PRO A 67 28.82 53.78 -3.14
N ASP A 68 27.99 54.44 -2.33
CA ASP A 68 27.59 53.85 -1.06
C ASP A 68 26.35 52.96 -1.33
N TYR A 69 26.53 51.94 -2.18
CA TYR A 69 25.48 51.05 -2.58
C TYR A 69 24.95 50.19 -1.42
N THR A 70 23.62 49.97 -1.50
CA THR A 70 22.89 49.22 -0.52
C THR A 70 22.31 47.96 -1.10
N GLY A 71 22.20 47.92 -2.43
CA GLY A 71 21.67 46.73 -3.07
C GLY A 71 22.70 46.11 -3.99
N THR A 72 22.27 45.91 -5.24
CA THR A 72 23.16 45.40 -6.24
C THR A 72 23.91 46.63 -6.81
N TYR A 73 25.03 46.36 -7.40
CA TYR A 73 25.84 47.41 -7.99
C TYR A 73 26.51 46.88 -9.24
N VAL A 74 26.41 47.62 -10.37
CA VAL A 74 27.02 47.17 -11.62
C VAL A 74 28.01 48.19 -12.18
N PHE A 75 29.24 47.81 -12.54
CA PHE A 75 30.17 48.79 -13.09
C PHE A 75 31.02 48.15 -14.18
N THR A 76 31.52 48.95 -15.11
CA THR A 76 32.31 48.35 -16.16
C THR A 76 33.53 47.73 -15.56
N ASN A 77 33.87 46.51 -15.97
CA ASN A 77 35.04 45.87 -15.40
C ASN A 77 36.27 46.73 -15.70
N ASP A 78 37.13 46.90 -14.70
CA ASP A 78 38.36 47.70 -14.83
C ASP A 78 39.34 47.05 -15.78
N PHE A 79 39.19 45.73 -15.94
CA PHE A 79 40.03 44.97 -16.83
C PHE A 79 39.13 44.25 -17.82
N ALA A 80 38.33 44.99 -18.59
CA ALA A 80 37.41 44.32 -19.52
C ALA A 80 38.05 43.31 -20.47
N ALA A 81 37.31 42.23 -20.81
CA ALA A 81 37.89 41.23 -21.71
C ALA A 81 37.67 41.59 -23.16
N LEU A 82 36.69 42.46 -23.37
CA LEU A 82 36.34 42.90 -24.69
C LEU A 82 36.02 44.36 -24.64
N MET A 83 36.09 45.01 -25.80
CA MET A 83 35.78 46.43 -25.87
C MET A 83 34.85 46.64 -27.03
N SER A 84 34.15 47.76 -26.98
CA SER A 84 33.20 48.05 -28.01
C SER A 84 33.77 48.45 -29.35
N ASP A 85 34.97 49.04 -29.31
CA ASP A 85 35.64 49.57 -30.50
C ASP A 85 36.91 48.87 -30.93
N THR A 86 37.14 47.66 -30.47
CA THR A 86 38.35 47.02 -30.93
C THR A 86 38.36 46.94 -32.46
N PRO A 87 39.52 47.21 -33.08
CA PRO A 87 39.58 47.13 -34.53
C PRO A 87 39.40 45.72 -35.03
N ASP A 88 38.86 45.62 -36.24
CA ASP A 88 38.68 44.35 -36.89
C ASP A 88 39.98 43.61 -37.08
N ALA A 89 39.93 42.30 -36.87
CA ALA A 89 41.10 41.46 -37.05
C ALA A 89 41.21 41.12 -38.53
N PRO A 90 42.42 40.79 -38.97
CA PRO A 90 42.67 40.41 -40.35
C PRO A 90 42.17 39.01 -40.62
N GLU A 91 40.90 38.93 -41.02
CA GLU A 91 40.27 37.65 -41.28
C GLU A 91 40.60 37.03 -42.65
N SER A 92 41.00 35.74 -42.58
CA SER A 92 41.36 34.94 -43.74
C SER A 92 40.44 33.73 -43.88
N HIS A 93 40.82 32.87 -44.80
CA HIS A 93 40.05 31.68 -45.08
C HIS A 93 41.00 30.52 -44.90
N ASP A 94 42.16 30.92 -44.38
CA ASP A 94 43.27 30.04 -44.09
C ASP A 94 42.78 28.87 -43.25
N PRO A 95 42.88 27.69 -43.85
CA PRO A 95 42.43 26.47 -43.20
C PRO A 95 43.34 26.03 -42.06
N LEU A 96 44.38 26.81 -41.79
CA LEU A 96 45.26 26.44 -40.69
C LEU A 96 45.34 27.48 -39.62
N MET A 97 45.55 28.76 -40.00
CA MET A 97 45.61 29.77 -38.98
C MET A 97 44.75 30.94 -39.35
N ARG A 98 43.52 30.94 -38.82
CA ARG A 98 42.57 31.99 -39.11
C ARG A 98 42.16 32.70 -37.83
N CYS A 99 41.76 33.94 -37.95
CA CYS A 99 41.36 34.69 -36.77
C CYS A 99 40.14 35.49 -37.10
N GLN A 100 39.53 36.06 -36.06
CA GLN A 100 38.34 36.83 -36.24
C GLN A 100 38.29 37.93 -35.22
N SER A 101 37.51 38.95 -35.58
CA SER A 101 37.32 40.10 -34.71
C SER A 101 36.49 39.75 -33.45
N ALA A 102 36.65 40.54 -32.40
CA ALA A 102 35.90 40.32 -31.17
C ALA A 102 35.63 41.60 -30.39
N ARG A 103 34.40 42.05 -30.40
CA ARG A 103 34.00 43.24 -29.66
C ARG A 103 32.99 42.89 -28.58
N GLY A 104 32.77 43.81 -27.65
CA GLY A 104 31.83 43.60 -26.58
C GLY A 104 32.25 44.38 -25.35
N THR A 105 31.84 43.91 -24.20
CA THR A 105 32.18 44.55 -22.96
C THR A 105 32.08 43.55 -21.81
N SER A 106 32.53 43.99 -20.65
CA SER A 106 32.51 43.23 -19.42
C SER A 106 32.07 44.11 -18.26
N ARG A 107 31.07 43.64 -17.54
CA ARG A 107 30.58 44.34 -16.39
C ARG A 107 30.66 43.45 -15.19
N VAL A 108 30.77 44.10 -14.04
CA VAL A 108 30.85 43.41 -12.77
C VAL A 108 29.62 43.75 -11.96
N ILE A 109 29.03 42.74 -11.31
CA ILE A 109 27.87 42.96 -10.48
C ILE A 109 28.10 42.49 -9.06
N CYS A 110 27.98 43.42 -8.14
CA CYS A 110 28.09 43.13 -6.71
C CYS A 110 26.67 42.80 -6.31
N PHE A 111 26.48 41.61 -5.75
CA PHE A 111 25.15 41.13 -5.38
C PHE A 111 24.51 41.99 -4.31
N SER A 112 25.35 42.45 -3.38
CA SER A 112 24.97 43.32 -2.29
C SER A 112 26.24 43.81 -1.64
N PRO A 113 26.14 44.90 -0.81
CA PRO A 113 27.28 45.48 -0.10
C PRO A 113 27.77 44.58 1.00
N ASP A 114 26.98 43.58 1.32
CA ASP A 114 27.41 42.71 2.37
C ASP A 114 28.53 41.83 1.88
N HIS A 115 29.73 42.06 2.42
CA HIS A 115 30.93 41.32 2.03
C HIS A 115 30.89 39.83 2.35
N SER A 116 30.09 39.48 3.37
CA SER A 116 29.98 38.10 3.81
C SER A 116 28.75 37.32 3.40
N LYS A 117 27.85 37.93 2.62
CA LYS A 117 26.64 37.25 2.24
C LYS A 117 26.60 36.75 0.81
N THR A 118 26.42 35.42 0.73
CA THR A 118 26.33 34.64 -0.49
C THR A 118 24.89 34.52 -0.90
N LEU A 119 24.67 34.17 -2.16
CA LEU A 119 23.32 34.04 -2.69
C LEU A 119 22.35 33.27 -1.79
N PRO A 120 22.76 32.10 -1.23
CA PRO A 120 21.87 31.30 -0.38
C PRO A 120 21.46 32.01 0.91
N GLU A 121 22.35 32.92 1.35
CA GLU A 121 22.06 33.69 2.51
C GLU A 121 21.41 35.01 2.21
N LEU A 122 20.90 35.20 1.01
CA LEU A 122 20.29 36.47 0.78
C LEU A 122 18.77 36.33 0.72
N SER A 123 18.07 37.39 1.14
CA SER A 123 16.64 37.45 1.12
C SER A 123 16.16 37.21 -0.28
N VAL A 124 14.92 36.75 -0.35
CA VAL A 124 14.31 36.48 -1.62
C VAL A 124 14.08 37.80 -2.35
N ALA A 125 13.90 38.85 -1.54
CA ALA A 125 13.71 40.20 -2.05
C ALA A 125 14.99 40.67 -2.73
N ALA A 126 16.05 40.54 -1.95
CA ALA A 126 17.37 40.86 -2.43
C ALA A 126 17.60 40.06 -3.68
N LEU A 127 17.29 38.76 -3.66
CA LEU A 127 17.48 37.90 -4.81
C LEU A 127 16.68 38.34 -5.98
N THR A 128 15.51 38.87 -5.67
CA THR A 128 14.69 39.34 -6.76
C THR A 128 15.37 40.54 -7.45
N GLU A 129 16.06 41.37 -6.65
CA GLU A 129 16.75 42.54 -7.20
C GLU A 129 17.81 42.11 -8.18
N ILE A 130 18.55 41.09 -7.76
CA ILE A 130 19.60 40.52 -8.59
C ILE A 130 19.07 40.10 -9.94
N VAL A 131 17.93 39.40 -9.94
CA VAL A 131 17.29 38.97 -11.18
C VAL A 131 16.98 40.19 -12.06
N LYS A 132 16.34 41.20 -11.46
CA LYS A 132 15.98 42.44 -12.15
C LYS A 132 17.22 43.06 -12.82
N THR A 133 18.32 43.03 -12.08
CA THR A 133 19.58 43.54 -12.58
C THR A 133 20.04 42.69 -13.74
N TRP A 134 19.98 41.36 -13.59
CA TRP A 134 20.36 40.49 -14.69
C TRP A 134 19.56 40.82 -15.94
N GLN A 135 18.28 41.06 -15.71
CA GLN A 135 17.37 41.42 -16.79
C GLN A 135 17.75 42.74 -17.41
N GLU A 136 17.92 43.78 -16.58
CA GLU A 136 18.25 45.12 -17.06
C GLU A 136 19.50 45.09 -17.94
N GLN A 137 20.53 44.43 -17.45
CA GLN A 137 21.79 44.26 -18.14
C GLN A 137 21.62 43.55 -19.45
N THR A 138 20.88 42.45 -19.45
CA THR A 138 20.70 41.71 -20.67
C THR A 138 20.01 42.49 -21.79
N ALA A 139 18.98 43.24 -21.41
CA ALA A 139 18.20 43.99 -22.36
C ALA A 139 19.02 45.12 -23.00
N GLU A 140 19.76 45.88 -22.19
CA GLU A 140 20.61 46.99 -22.70
C GLU A 140 21.69 46.46 -23.62
N LEU A 141 22.49 45.56 -23.08
CA LEU A 141 23.53 44.95 -23.87
C LEU A 141 23.05 44.25 -25.11
N GLY A 142 21.91 43.58 -24.99
CA GLY A 142 21.38 42.88 -26.11
C GLY A 142 20.98 43.84 -27.20
N LYS A 143 20.75 45.09 -26.84
CA LYS A 143 20.40 46.01 -27.89
C LYS A 143 21.59 46.14 -28.86
N THR A 144 22.78 45.87 -28.33
CA THR A 144 24.01 46.00 -29.09
C THR A 144 24.75 44.74 -29.52
N TYR A 145 24.72 43.72 -28.70
CA TYR A 145 25.45 42.50 -29.00
C TYR A 145 24.50 41.31 -29.05
N PRO A 146 24.74 40.40 -29.99
CA PRO A 146 23.89 39.24 -30.13
C PRO A 146 24.04 38.25 -28.96
N TRP A 147 25.20 38.26 -28.30
CA TRP A 147 25.35 37.35 -27.19
C TRP A 147 25.65 38.04 -25.89
N VAL A 148 24.76 37.88 -24.91
CA VAL A 148 24.99 38.47 -23.59
C VAL A 148 25.16 37.33 -22.61
N GLN A 149 26.33 37.21 -22.01
CA GLN A 149 26.59 36.12 -21.10
C GLN A 149 26.66 36.53 -19.63
N VAL A 150 25.61 36.19 -18.85
CA VAL A 150 25.58 36.48 -17.42
C VAL A 150 26.26 35.28 -16.72
N PHE A 151 27.03 35.52 -15.68
CA PHE A 151 27.67 34.39 -15.07
C PHE A 151 28.19 34.78 -13.73
N GLU A 152 28.80 33.80 -13.07
CA GLU A 152 29.36 34.03 -11.77
C GLU A 152 30.36 32.97 -11.47
N ASN A 153 31.42 33.38 -10.75
CA ASN A 153 32.43 32.47 -10.31
C ASN A 153 32.46 32.61 -8.82
N LYS A 154 32.05 31.52 -8.15
CA LYS A 154 31.96 31.48 -6.71
C LYS A 154 33.00 30.59 -6.07
N GLY A 155 33.78 31.17 -5.17
CA GLY A 155 34.81 30.42 -4.50
C GLY A 155 36.19 30.36 -5.20
N ALA A 156 37.20 30.30 -4.38
CA ALA A 156 38.56 30.21 -4.82
C ALA A 156 38.83 29.02 -5.73
N ALA A 157 38.16 27.89 -5.50
CA ALA A 157 38.39 26.72 -6.34
C ALA A 157 37.85 26.92 -7.75
N MET A 158 37.03 27.98 -7.87
CA MET A 158 36.40 28.35 -9.13
C MET A 158 36.96 29.60 -9.81
N GLY A 159 38.23 29.90 -9.50
CA GLY A 159 38.96 30.99 -10.11
C GLY A 159 38.54 32.43 -9.83
N CYS A 160 37.73 32.66 -8.81
CA CYS A 160 37.40 34.04 -8.50
C CYS A 160 38.73 34.66 -8.05
N SER A 161 38.87 35.95 -8.36
CA SER A 161 40.06 36.73 -8.01
C SER A 161 39.76 37.80 -6.95
N ASN A 162 38.49 37.88 -6.59
CA ASN A 162 37.97 38.81 -5.61
C ASN A 162 36.95 38.09 -4.75
N PRO A 163 37.08 38.19 -3.44
CA PRO A 163 36.20 37.51 -2.49
C PRO A 163 34.80 38.11 -2.25
N HIS A 164 34.51 39.29 -2.78
CA HIS A 164 33.21 39.91 -2.58
C HIS A 164 32.14 39.18 -3.35
N PRO A 165 30.96 39.08 -2.77
CA PRO A 165 29.87 38.36 -3.43
C PRO A 165 29.40 38.98 -4.73
N GLY A 166 29.58 38.31 -5.86
CA GLY A 166 29.11 38.92 -7.09
C GLY A 166 29.35 38.12 -8.34
N GLY A 167 28.83 38.64 -9.46
CA GLY A 167 28.94 38.02 -10.75
C GLY A 167 29.48 38.92 -11.86
N GLN A 168 29.29 38.50 -13.11
CA GLN A 168 29.77 39.27 -14.21
C GLN A 168 28.89 39.12 -15.40
N ILE A 169 29.00 40.03 -16.32
CA ILE A 169 28.30 39.95 -17.57
C ILE A 169 29.32 40.29 -18.66
N TRP A 170 29.45 39.46 -19.67
CA TRP A 170 30.35 39.71 -20.79
C TRP A 170 29.49 39.65 -22.02
N ALA A 171 29.52 40.73 -22.83
CA ALA A 171 28.77 40.84 -24.07
C ALA A 171 29.72 40.53 -25.21
N ASN A 172 29.21 39.98 -26.30
CA ASN A 172 30.03 39.60 -27.40
C ASN A 172 29.35 39.99 -28.70
N SER A 173 30.16 40.39 -29.69
CA SER A 173 29.67 40.77 -31.00
C SER A 173 29.38 39.52 -31.85
N PHE A 174 29.88 38.37 -31.37
CA PHE A 174 29.70 37.11 -32.06
C PHE A 174 29.02 36.10 -31.15
N LEU A 175 28.80 34.90 -31.69
CA LEU A 175 28.20 33.82 -30.89
C LEU A 175 29.32 32.91 -30.50
N PRO A 176 29.64 32.89 -29.20
CA PRO A 176 30.70 32.05 -28.68
C PRO A 176 30.42 30.56 -28.92
N ASN A 177 31.46 29.76 -28.84
CA ASN A 177 31.38 28.33 -29.09
C ASN A 177 30.09 27.70 -28.59
N GLU A 178 29.95 27.72 -27.26
CA GLU A 178 28.78 27.14 -26.57
C GLU A 178 27.47 27.62 -27.18
N ALA A 179 27.31 28.94 -27.24
CA ALA A 179 26.11 29.56 -27.82
C ALA A 179 25.78 29.12 -29.25
N GLU A 180 26.79 29.03 -30.12
CA GLU A 180 26.51 28.62 -31.47
C GLU A 180 26.03 27.17 -31.51
N ARG A 181 26.67 26.35 -30.67
CA ARG A 181 26.40 24.92 -30.58
C ARG A 181 24.98 24.68 -30.06
N GLU A 182 24.70 25.27 -28.91
CA GLU A 182 23.39 25.16 -28.30
C GLU A 182 22.35 25.73 -29.23
N ASP A 183 22.69 26.84 -29.87
CA ASP A 183 21.75 27.43 -30.77
C ASP A 183 21.38 26.51 -31.92
N ARG A 184 22.40 25.94 -32.55
CA ARG A 184 22.20 25.05 -33.69
C ARG A 184 21.47 23.76 -33.33
N LEU A 185 21.87 23.15 -32.25
CA LEU A 185 21.26 21.89 -31.82
C LEU A 185 19.79 21.98 -31.45
N GLN A 186 19.43 23.12 -30.82
CA GLN A 186 18.06 23.39 -30.40
C GLN A 186 17.22 23.57 -31.62
N LYS A 187 17.76 24.38 -32.50
CA LYS A 187 17.13 24.67 -33.76
C LYS A 187 16.89 23.40 -34.53
N GLU A 188 17.86 22.50 -34.58
CA GLU A 188 17.62 21.26 -35.33
C GLU A 188 16.56 20.41 -34.67
N TYR A 189 16.65 20.33 -33.36
CA TYR A 189 15.66 19.53 -32.64
C TYR A 189 14.26 20.07 -32.91
N PHE A 190 14.16 21.36 -32.78
CA PHE A 190 12.93 22.03 -33.00
C PHE A 190 12.38 21.76 -34.38
N ALA A 191 13.21 21.91 -35.34
CA ALA A 191 12.76 21.69 -36.68
C ALA A 191 12.25 20.28 -36.83
N GLU A 192 12.87 19.34 -36.13
CA GLU A 192 12.46 17.95 -36.27
C GLU A 192 11.31 17.49 -35.36
N GLN A 193 11.45 17.76 -34.07
CA GLN A 193 10.49 17.41 -33.05
C GLN A 193 9.28 18.32 -32.90
N LYS A 194 9.30 19.48 -33.51
CA LYS A 194 8.23 20.44 -33.42
C LYS A 194 8.06 21.09 -32.05
N SER A 195 8.98 20.87 -31.17
CA SER A 195 8.83 21.49 -29.89
C SER A 195 10.22 21.80 -29.35
N PRO A 196 10.32 22.74 -28.43
CA PRO A 196 11.62 23.07 -27.86
C PRO A 196 12.21 21.93 -27.05
N MET A 197 13.42 21.55 -27.40
CA MET A 197 14.20 20.49 -26.77
C MET A 197 14.15 20.47 -25.23
N LEU A 198 14.40 21.62 -24.60
CA LEU A 198 14.43 21.63 -23.15
C LEU A 198 13.05 21.72 -22.55
N VAL A 199 12.09 22.12 -23.36
CA VAL A 199 10.76 22.22 -22.84
C VAL A 199 10.29 20.79 -22.68
N ASP A 200 10.56 19.99 -23.69
CA ASP A 200 10.23 18.59 -23.61
C ASP A 200 11.02 17.93 -22.48
N TYR A 201 12.28 18.28 -22.36
CA TYR A 201 13.10 17.70 -21.32
C TYR A 201 12.54 17.95 -19.93
N VAL A 202 12.11 19.18 -19.66
CA VAL A 202 11.53 19.52 -18.37
C VAL A 202 10.33 18.60 -18.13
N GLN A 203 9.51 18.38 -19.14
CA GLN A 203 8.38 17.49 -18.97
C GLN A 203 8.83 16.12 -18.52
N ARG A 204 9.76 15.52 -19.25
CA ARG A 204 10.20 14.21 -18.87
C ARG A 204 10.72 14.13 -17.45
N GLU A 205 11.43 15.14 -17.04
CA GLU A 205 12.01 15.15 -15.70
C GLU A 205 11.00 15.30 -14.59
N LEU A 206 9.98 16.13 -14.86
CA LEU A 206 8.89 16.35 -13.93
C LEU A 206 8.22 14.98 -13.67
N ALA A 207 7.99 14.21 -14.73
CA ALA A 207 7.38 12.86 -14.67
C ALA A 207 8.28 11.79 -14.04
N ASP A 208 9.58 11.99 -14.05
CA ASP A 208 10.50 11.02 -13.52
C ASP A 208 10.87 11.31 -12.10
N GLY A 209 11.64 12.38 -11.92
CA GLY A 209 12.04 12.81 -10.61
C GLY A 209 13.33 12.24 -10.06
N SER A 210 13.90 11.24 -10.72
CA SER A 210 15.16 10.68 -10.21
C SER A 210 16.30 11.71 -10.13
N ARG A 211 16.24 12.71 -11.04
CA ARG A 211 17.28 13.71 -11.11
C ARG A 211 16.90 15.09 -10.58
N THR A 212 15.69 15.20 -10.03
CA THR A 212 15.15 16.44 -9.50
C THR A 212 15.82 16.89 -8.22
N VAL A 213 16.10 18.19 -8.11
CA VAL A 213 16.76 18.66 -6.92
C VAL A 213 15.98 19.80 -6.29
N VAL A 214 15.38 20.58 -7.15
CA VAL A 214 14.54 21.72 -6.76
C VAL A 214 13.35 21.84 -7.70
N GLU A 215 12.19 22.08 -7.11
CA GLU A 215 10.96 22.26 -7.85
C GLU A 215 10.12 23.31 -7.17
N THR A 216 9.79 24.31 -7.92
CA THR A 216 8.99 25.35 -7.41
C THR A 216 7.90 25.51 -8.40
N GLU A 217 7.06 26.48 -8.14
CA GLU A 217 5.96 26.66 -9.03
C GLU A 217 6.34 26.78 -10.48
N HIS A 218 7.31 27.68 -10.72
CA HIS A 218 7.69 27.95 -12.07
C HIS A 218 9.03 27.46 -12.55
N TRP A 219 9.74 26.86 -11.62
CA TRP A 219 11.07 26.38 -11.91
C TRP A 219 11.38 24.96 -11.52
N LEU A 220 12.38 24.41 -12.22
CA LEU A 220 12.89 23.07 -12.02
C LEU A 220 14.43 23.01 -12.09
N ALA A 221 15.09 22.50 -11.05
CA ALA A 221 16.52 22.32 -11.07
C ALA A 221 16.77 20.80 -10.97
N VAL A 222 17.47 20.28 -11.92
CA VAL A 222 17.81 18.87 -11.89
C VAL A 222 19.31 18.70 -12.08
N VAL A 223 19.79 17.48 -11.84
CA VAL A 223 21.15 17.12 -12.15
C VAL A 223 20.84 16.53 -13.54
N PRO A 224 21.11 17.27 -14.62
CA PRO A 224 20.77 16.79 -15.97
C PRO A 224 21.32 15.41 -16.25
N TYR A 225 20.61 14.74 -17.12
CA TYR A 225 20.93 13.38 -17.43
C TYR A 225 22.34 13.25 -17.85
N TRP A 226 22.71 14.21 -18.67
CA TRP A 226 24.04 14.25 -19.23
C TRP A 226 25.03 15.09 -18.47
N ALA A 227 24.76 15.41 -17.21
CA ALA A 227 25.66 16.22 -16.39
C ALA A 227 27.11 15.76 -16.47
N ALA A 228 28.04 16.74 -16.42
CA ALA A 228 29.49 16.49 -16.47
C ALA A 228 30.16 16.58 -15.09
N TRP A 229 29.92 17.69 -14.39
CA TRP A 229 30.48 17.86 -13.06
C TRP A 229 29.67 17.07 -12.04
N PRO A 230 30.33 16.61 -10.97
CA PRO A 230 29.69 15.79 -9.95
C PRO A 230 28.26 16.16 -9.59
N PHE A 231 28.12 17.34 -8.99
CA PHE A 231 26.85 17.89 -8.56
C PHE A 231 26.34 18.99 -9.46
N GLU A 232 26.66 18.86 -10.75
CA GLU A 232 26.18 19.83 -11.70
C GLU A 232 24.65 19.90 -11.77
N THR A 233 24.08 21.10 -11.88
CA THR A 233 22.66 21.25 -12.03
C THR A 233 22.31 22.11 -13.24
N LEU A 234 21.07 21.92 -13.70
CA LEU A 234 20.47 22.62 -14.84
C LEU A 234 19.18 23.21 -14.32
N LEU A 235 19.06 24.55 -14.33
CA LEU A 235 17.90 25.30 -13.81
C LEU A 235 17.05 25.86 -14.91
N LEU A 236 15.79 25.38 -15.03
CA LEU A 236 14.91 25.81 -16.10
C LEU A 236 13.51 26.23 -15.67
N PRO A 237 12.93 27.15 -16.43
CA PRO A 237 11.58 27.55 -16.14
C PRO A 237 10.70 26.44 -16.71
N LYS A 238 9.53 26.26 -16.09
CA LYS A 238 8.63 25.22 -16.55
C LYS A 238 7.99 25.59 -17.89
N ALA A 239 7.58 26.86 -17.98
CA ALA A 239 6.98 27.38 -19.20
C ALA A 239 8.07 27.73 -20.20
N HIS A 240 7.73 27.79 -21.46
CA HIS A 240 8.69 28.12 -22.48
C HIS A 240 9.01 29.60 -22.39
N VAL A 241 10.30 29.95 -22.16
CA VAL A 241 10.83 31.32 -22.03
C VAL A 241 12.14 31.42 -22.87
N LEU A 242 12.20 32.40 -23.78
CA LEU A 242 13.34 32.65 -24.67
C LEU A 242 14.53 33.29 -23.96
N ARG A 243 14.27 34.33 -23.17
CA ARG A 243 15.37 34.96 -22.46
C ARG A 243 14.96 35.41 -21.09
N ILE A 244 15.93 35.78 -20.30
CA ILE A 244 15.70 36.22 -18.95
C ILE A 244 14.81 37.42 -18.86
N THR A 245 14.85 38.20 -19.91
CA THR A 245 14.08 39.41 -19.98
C THR A 245 12.59 39.14 -20.21
N ASP A 246 12.28 37.89 -20.57
CA ASP A 246 10.92 37.48 -20.85
C ASP A 246 10.18 36.96 -19.63
N LEU A 247 10.87 36.73 -18.54
CA LEU A 247 10.15 36.23 -17.39
C LEU A 247 9.13 37.18 -16.84
N THR A 248 8.02 36.64 -16.32
CA THR A 248 7.03 37.50 -15.71
C THR A 248 7.53 37.82 -14.31
N ASP A 249 6.90 38.82 -13.70
CA ASP A 249 7.33 39.18 -12.37
C ASP A 249 7.19 38.02 -11.43
N ALA A 250 6.17 37.20 -11.66
CA ALA A 250 5.94 36.00 -10.84
C ALA A 250 7.07 34.99 -11.05
N GLN A 251 7.32 34.67 -12.32
CA GLN A 251 8.43 33.74 -12.57
C GLN A 251 9.71 34.33 -12.03
N ARG A 252 9.73 35.65 -12.01
CA ARG A 252 10.88 36.33 -11.52
C ARG A 252 11.06 36.14 -10.04
N SER A 253 10.04 36.49 -9.23
CA SER A 253 10.23 36.30 -7.79
C SER A 253 10.42 34.82 -7.50
N ASP A 254 9.75 34.00 -8.30
CA ASP A 254 9.86 32.56 -8.18
C ASP A 254 11.32 32.13 -8.40
N LEU A 255 11.96 32.70 -9.44
CA LEU A 255 13.35 32.36 -9.69
C LEU A 255 14.20 32.63 -8.46
N ALA A 256 13.95 33.78 -7.86
CA ALA A 256 14.73 34.11 -6.67
C ALA A 256 14.66 32.98 -5.65
N LEU A 257 13.42 32.52 -5.44
CA LEU A 257 13.16 31.45 -4.49
C LEU A 257 13.89 30.18 -4.88
N ALA A 258 13.77 29.77 -6.14
CA ALA A 258 14.45 28.56 -6.56
C ALA A 258 15.96 28.66 -6.39
N LEU A 259 16.46 29.87 -6.58
CA LEU A 259 17.89 30.08 -6.45
C LEU A 259 18.33 29.86 -5.04
N LYS A 260 17.53 30.45 -4.14
CA LYS A 260 17.81 30.34 -2.73
C LYS A 260 17.82 28.88 -2.30
N LYS A 261 16.85 28.16 -2.80
CA LYS A 261 16.75 26.74 -2.48
C LYS A 261 17.94 25.94 -3.01
N LEU A 262 18.20 26.06 -4.33
CA LEU A 262 19.32 25.34 -4.97
C LEU A 262 20.69 25.61 -4.32
N THR A 263 20.98 26.90 -4.11
CA THR A 263 22.24 27.27 -3.50
C THR A 263 22.34 26.81 -2.06
N SER A 264 21.20 26.83 -1.35
CA SER A 264 21.18 26.36 0.04
C SER A 264 21.47 24.86 0.10
N ARG A 265 20.87 24.12 -0.82
CA ARG A 265 21.14 22.69 -0.84
C ARG A 265 22.62 22.50 -1.10
N TYR A 266 23.13 23.24 -2.10
CA TYR A 266 24.55 23.15 -2.43
C TYR A 266 25.44 23.30 -1.21
N ASP A 267 25.20 24.39 -0.43
CA ASP A 267 26.03 24.60 0.74
C ASP A 267 25.75 23.57 1.82
N ASN A 268 24.51 23.05 1.85
CA ASN A 268 24.18 22.08 2.88
C ASN A 268 24.83 20.75 2.64
N LEU A 269 25.11 20.48 1.37
CA LEU A 269 25.72 19.22 0.98
C LEU A 269 26.93 18.87 1.80
N PHE A 270 27.85 19.81 1.99
CA PHE A 270 29.05 19.53 2.76
C PHE A 270 29.13 20.46 3.98
N GLN A 271 28.05 21.23 4.19
CA GLN A 271 27.99 22.13 5.33
C GLN A 271 29.11 23.16 5.20
N CYS A 272 29.18 23.76 4.02
CA CYS A 272 30.23 24.75 3.72
C CYS A 272 29.90 25.57 2.51
N SER A 273 30.58 26.74 2.35
CA SER A 273 30.31 27.53 1.16
C SER A 273 30.64 26.61 -0.01
N PHE A 274 29.72 26.38 -0.94
CA PHE A 274 29.99 25.43 -2.02
C PHE A 274 30.30 26.17 -3.31
N PRO A 275 31.57 26.08 -3.78
CA PRO A 275 32.01 26.78 -4.99
C PRO A 275 31.44 26.29 -6.31
N TYR A 276 31.38 27.21 -7.25
CA TYR A 276 30.89 26.86 -8.58
C TYR A 276 31.02 28.03 -9.55
N SER A 277 30.76 27.71 -10.81
CA SER A 277 30.67 28.63 -11.91
C SER A 277 29.26 28.39 -12.43
N MET A 278 28.52 29.46 -12.60
CA MET A 278 27.17 29.31 -13.13
C MET A 278 26.89 30.41 -14.14
N GLY A 279 25.89 30.24 -14.97
CA GLY A 279 25.55 31.28 -15.92
C GLY A 279 24.31 30.95 -16.71
N TRP A 280 23.75 31.97 -17.33
CA TRP A 280 22.54 31.86 -18.14
C TRP A 280 22.71 31.81 -19.62
N HIS A 281 21.92 30.92 -20.22
CA HIS A 281 21.83 30.70 -21.65
C HIS A 281 20.40 30.96 -22.11
N GLY A 282 20.23 31.88 -23.03
CA GLY A 282 18.94 32.25 -23.56
C GLY A 282 19.11 32.60 -25.03
N ALA A 283 18.01 32.83 -25.72
CA ALA A 283 18.09 33.15 -27.13
C ALA A 283 18.99 34.35 -27.38
N PRO A 284 19.76 34.26 -28.45
CA PRO A 284 20.66 35.35 -28.88
C PRO A 284 19.89 36.55 -29.44
N PHE A 285 20.43 37.75 -29.28
CA PHE A 285 19.74 38.88 -29.85
C PHE A 285 20.21 39.07 -31.29
N ASN A 286 19.86 38.13 -32.13
CA ASN A 286 20.25 38.17 -33.51
C ASN A 286 19.08 38.42 -34.45
N GLY A 287 17.98 38.90 -33.89
CA GLY A 287 16.81 39.17 -34.68
C GLY A 287 16.27 37.95 -35.41
N GLU A 288 16.65 36.74 -35.03
CA GLU A 288 16.12 35.59 -35.77
C GLU A 288 14.92 34.92 -35.10
N GLU A 289 14.57 33.76 -35.64
CA GLU A 289 13.50 32.92 -35.15
C GLU A 289 14.10 32.12 -34.01
N ASN A 290 13.83 32.52 -32.74
CA ASN A 290 14.43 31.83 -31.59
C ASN A 290 13.51 30.91 -30.77
N GLN A 291 12.46 30.48 -31.44
CA GLN A 291 11.47 29.60 -30.84
C GLN A 291 12.05 28.32 -30.29
N HIS A 292 13.10 27.84 -30.94
CA HIS A 292 13.77 26.62 -30.55
C HIS A 292 14.50 26.83 -29.25
N TRP A 293 14.59 28.09 -28.80
CA TRP A 293 15.33 28.33 -27.57
C TRP A 293 14.58 28.16 -26.28
N GLN A 294 15.30 27.79 -25.23
CA GLN A 294 14.70 27.72 -23.93
C GLN A 294 15.71 28.20 -22.93
N LEU A 295 15.33 29.26 -22.20
CA LEU A 295 16.17 29.82 -21.19
C LEU A 295 16.58 28.81 -20.14
N HIS A 296 17.80 28.90 -19.66
CA HIS A 296 18.28 28.00 -18.65
C HIS A 296 19.61 28.46 -18.02
N ALA A 297 19.87 28.00 -16.82
CA ALA A 297 21.09 28.31 -16.12
C ALA A 297 21.84 27.03 -15.79
N HIS A 298 23.16 27.10 -15.93
CA HIS A 298 24.01 25.97 -15.62
C HIS A 298 24.84 26.26 -14.37
N PHE A 299 25.03 25.22 -13.55
CA PHE A 299 25.81 25.27 -12.34
C PHE A 299 26.86 24.19 -12.43
N TYR A 300 28.15 24.60 -12.49
CA TYR A 300 29.26 23.65 -12.60
C TYR A 300 30.17 23.70 -11.38
N PRO A 301 29.89 22.84 -10.40
CA PRO A 301 30.67 22.85 -9.19
C PRO A 301 31.70 21.75 -9.22
N PRO A 302 32.89 22.00 -8.62
CA PRO A 302 33.98 21.04 -8.62
C PRO A 302 34.04 20.06 -7.47
N LEU A 303 33.43 20.40 -6.32
CA LEU A 303 33.47 19.50 -5.16
C LEU A 303 32.92 18.13 -5.47
N LEU A 304 33.57 17.10 -4.94
CA LEU A 304 33.16 15.74 -5.24
C LEU A 304 32.96 14.81 -4.05
N ARG A 305 34.03 14.49 -3.37
CA ARG A 305 33.91 13.55 -2.27
C ARG A 305 33.63 14.24 -0.99
N SER A 306 33.99 15.51 -0.95
CA SER A 306 33.80 16.25 0.27
C SER A 306 34.15 17.70 0.06
N ALA A 307 34.32 18.41 1.19
CA ALA A 307 34.67 19.82 1.17
C ALA A 307 36.12 20.05 0.80
N THR A 308 36.91 19.00 0.89
CA THR A 308 38.31 19.18 0.57
C THR A 308 38.74 18.27 -0.55
N VAL A 309 37.77 17.62 -1.18
CA VAL A 309 38.11 16.75 -2.28
C VAL A 309 37.25 17.09 -3.47
N ARG A 310 37.87 17.65 -4.52
CA ARG A 310 37.12 18.02 -5.69
C ARG A 310 37.42 17.11 -6.84
N LYS A 311 36.67 17.33 -7.89
CA LYS A 311 36.92 16.59 -9.10
C LYS A 311 37.91 17.42 -9.94
N PHE A 312 38.80 16.73 -10.66
CA PHE A 312 39.74 17.38 -11.57
C PHE A 312 39.44 16.92 -12.99
N MET A 313 39.07 17.85 -13.87
CA MET A 313 38.79 17.45 -15.27
C MET A 313 40.05 17.56 -16.13
N VAL A 314 40.93 16.57 -15.99
CA VAL A 314 42.21 16.55 -16.67
C VAL A 314 42.50 15.21 -17.32
N GLY A 315 43.74 15.04 -17.78
CA GLY A 315 44.19 13.78 -18.37
C GLY A 315 43.25 13.27 -19.46
N TYR A 316 42.72 12.06 -19.27
CA TYR A 316 41.81 11.49 -20.26
C TYR A 316 40.66 12.42 -20.61
N GLU A 317 40.22 13.16 -19.62
CA GLU A 317 39.11 14.04 -19.88
C GLU A 317 39.44 15.18 -20.83
N MET A 318 40.73 15.53 -20.91
CA MET A 318 41.16 16.61 -21.78
C MET A 318 41.48 16.08 -23.17
N LEU A 319 42.08 14.89 -23.17
CA LEU A 319 42.45 14.28 -24.44
C LEU A 319 41.41 13.42 -25.07
N ALA A 320 40.31 13.17 -24.34
CA ALA A 320 39.32 12.28 -24.91
C ALA A 320 37.90 12.65 -24.60
N GLU A 321 37.48 12.41 -23.38
CA GLU A 321 36.09 12.71 -23.01
C GLU A 321 35.93 12.77 -21.50
N THR A 322 34.99 13.61 -21.08
CA THR A 322 34.67 13.78 -19.68
C THR A 322 34.27 12.43 -19.13
N GLN A 323 34.75 12.13 -17.94
CA GLN A 323 34.50 10.88 -17.27
C GLN A 323 34.05 11.12 -15.84
N ARG A 324 32.81 10.72 -15.51
CA ARG A 324 32.29 10.88 -14.16
C ARG A 324 32.41 9.62 -13.28
N ASP A 325 32.63 9.87 -11.99
CA ASP A 325 32.77 8.85 -10.96
C ASP A 325 31.46 8.43 -10.33
N LEU A 326 30.54 9.41 -10.25
CA LEU A 326 29.23 9.22 -9.67
C LEU A 326 28.14 9.44 -10.70
N THR A 327 26.99 8.78 -10.56
CA THR A 327 25.97 8.98 -11.58
C THR A 327 25.21 10.23 -11.31
N ALA A 328 24.45 10.68 -12.31
CA ALA A 328 23.63 11.86 -12.13
C ALA A 328 22.53 11.57 -11.09
N GLU A 329 22.06 10.31 -11.10
CA GLU A 329 21.03 9.87 -10.16
C GLU A 329 21.59 9.86 -8.73
N GLN A 330 22.81 9.35 -8.56
CA GLN A 330 23.37 9.38 -7.22
C GLN A 330 23.50 10.80 -6.69
N ALA A 331 23.97 11.69 -7.57
CA ALA A 331 24.18 13.07 -7.20
C ALA A 331 22.91 13.75 -6.74
N ALA A 332 21.87 13.64 -7.57
CA ALA A 332 20.57 14.23 -7.29
C ALA A 332 20.05 13.75 -5.94
N GLU A 333 20.19 12.45 -5.73
CA GLU A 333 19.74 11.84 -4.48
C GLU A 333 20.41 12.50 -3.29
N ARG A 334 21.76 12.61 -3.33
CA ARG A 334 22.44 13.25 -2.19
C ARG A 334 22.04 14.69 -2.01
N LEU A 335 21.68 15.31 -3.11
CA LEU A 335 21.27 16.69 -3.01
C LEU A 335 19.87 16.75 -2.45
N ARG A 336 19.03 15.78 -2.76
CA ARG A 336 17.69 15.88 -2.21
C ARG A 336 17.71 15.65 -0.70
N ALA A 337 18.69 14.89 -0.26
CA ALA A 337 18.88 14.51 1.15
C ALA A 337 19.06 15.65 2.16
N VAL A 338 19.53 16.80 1.71
CA VAL A 338 19.75 17.86 2.66
C VAL A 338 18.58 18.85 2.68
N SER A 339 18.64 19.72 3.67
CA SER A 339 17.62 20.72 3.77
C SER A 339 17.84 21.80 2.70
N ASP A 340 16.79 22.52 2.27
CA ASP A 340 16.88 23.58 1.28
C ASP A 340 16.88 24.97 1.94
N ILE A 341 17.29 24.98 3.22
CA ILE A 341 17.42 26.16 4.04
C ILE A 341 18.89 26.20 4.47
N HIS A 342 19.58 27.28 4.09
CA HIS A 342 20.98 27.45 4.40
C HIS A 342 21.27 27.21 5.89
N PHE A 343 22.24 26.32 6.18
CA PHE A 343 22.57 26.02 7.56
C PHE A 343 22.76 27.23 8.42
N ARG A 344 23.23 28.29 7.82
CA ARG A 344 23.47 29.51 8.54
C ARG A 344 22.17 30.17 8.97
N GLU A 345 21.17 30.04 8.11
CA GLU A 345 19.86 30.59 8.36
C GLU A 345 18.99 29.68 9.26
N SER A 346 19.14 28.37 9.12
CA SER A 346 18.37 27.43 9.89
C SER A 346 18.85 27.32 11.32
N GLY A 347 20.15 27.47 11.52
CA GLY A 347 20.63 27.36 12.87
C GLY A 347 20.78 25.89 13.30
N VAL A 348 20.50 24.95 12.41
CA VAL A 348 20.64 23.50 12.78
C VAL A 348 22.11 23.06 12.84
N THR B 2 41.72 52.30 -36.42
CA THR B 2 42.98 51.89 -35.79
C THR B 2 43.52 50.60 -36.36
N GLN B 3 44.81 50.38 -36.10
CA GLN B 3 45.54 49.23 -36.55
C GLN B 3 45.55 48.12 -35.51
N PHE B 4 45.07 46.94 -35.96
CA PHE B 4 44.97 45.73 -35.17
C PHE B 4 46.33 45.22 -34.71
N ASN B 5 46.41 44.91 -33.44
CA ASN B 5 47.62 44.40 -32.87
C ASN B 5 47.22 43.29 -31.93
N PRO B 6 47.48 42.07 -32.35
CA PRO B 6 47.15 40.89 -31.59
C PRO B 6 47.52 40.94 -30.14
N VAL B 7 48.59 41.67 -29.79
CA VAL B 7 49.06 41.80 -28.40
C VAL B 7 48.36 42.90 -27.61
N ASP B 8 47.56 43.66 -28.32
CA ASP B 8 46.81 44.74 -27.72
C ASP B 8 45.29 44.59 -27.89
N HIS B 9 44.88 43.87 -28.94
CA HIS B 9 43.48 43.75 -29.26
C HIS B 9 42.94 42.31 -29.24
N PRO B 10 41.84 42.16 -28.54
CA PRO B 10 41.19 40.88 -28.43
C PRO B 10 40.72 40.47 -29.79
N HIS B 11 40.76 39.17 -30.02
CA HIS B 11 40.33 38.62 -31.26
C HIS B 11 40.14 37.13 -31.00
N ARG B 12 39.60 36.40 -31.97
CA ARG B 12 39.43 34.96 -31.79
C ARG B 12 40.22 34.21 -32.83
N ARG B 13 40.82 33.10 -32.40
CA ARG B 13 41.59 32.21 -33.25
C ARG B 13 40.90 30.85 -33.38
N TYR B 14 40.96 30.23 -34.53
CA TYR B 14 40.31 28.96 -34.76
C TYR B 14 41.17 27.74 -34.54
N ASN B 15 40.57 26.72 -33.93
CA ASN B 15 41.26 25.47 -33.71
C ASN B 15 40.76 24.54 -34.80
N PRO B 16 41.56 24.27 -35.82
CA PRO B 16 41.03 23.45 -36.86
C PRO B 16 40.98 21.97 -36.50
N LEU B 17 41.63 21.58 -35.40
CA LEU B 17 41.63 20.19 -34.98
C LEU B 17 40.30 19.83 -34.32
N THR B 18 39.69 20.85 -33.72
CA THR B 18 38.44 20.70 -33.00
C THR B 18 37.25 21.53 -33.52
N GLY B 19 37.48 22.50 -34.40
CA GLY B 19 36.44 23.34 -34.96
C GLY B 19 35.94 24.35 -33.93
N GLN B 20 36.73 24.55 -32.89
CA GLN B 20 36.32 25.48 -31.86
C GLN B 20 37.11 26.79 -31.89
N TRP B 21 36.57 27.88 -31.36
CA TRP B 21 37.30 29.15 -31.35
C TRP B 21 37.85 29.42 -29.98
N ILE B 22 38.91 30.24 -29.95
CA ILE B 22 39.58 30.64 -28.72
C ILE B 22 39.57 32.15 -28.67
N LEU B 23 39.10 32.67 -27.53
CA LEU B 23 39.04 34.11 -27.34
C LEU B 23 40.37 34.56 -26.75
N VAL B 24 41.02 35.55 -27.42
CA VAL B 24 42.30 36.12 -27.00
C VAL B 24 42.09 37.56 -26.47
N SER B 25 42.50 37.76 -25.23
CA SER B 25 42.35 39.04 -24.56
C SER B 25 43.65 39.32 -23.84
N PRO B 26 44.62 39.81 -24.60
CA PRO B 26 46.00 40.05 -24.24
C PRO B 26 46.41 40.89 -23.05
N HIS B 27 45.53 41.68 -22.47
CA HIS B 27 45.88 42.46 -21.30
C HIS B 27 45.20 41.98 -20.01
N ARG B 28 44.38 40.92 -20.10
CA ARG B 28 43.63 40.36 -18.97
C ARG B 28 44.42 40.03 -17.70
N ALA B 29 45.66 39.51 -17.83
CA ALA B 29 46.49 39.17 -16.67
C ALA B 29 47.07 40.34 -15.88
N LYS B 30 46.73 41.56 -16.27
CA LYS B 30 47.23 42.73 -15.54
C LYS B 30 46.32 43.09 -14.39
N ARG B 31 45.11 42.49 -14.42
CA ARG B 31 44.13 42.73 -13.36
C ARG B 31 44.71 42.15 -12.09
N PRO B 32 44.32 42.74 -10.96
CA PRO B 32 44.84 42.26 -9.68
C PRO B 32 44.36 40.83 -9.43
N TRP B 33 45.16 39.98 -8.80
CA TRP B 33 44.75 38.61 -8.51
C TRP B 33 44.69 38.35 -7.02
N GLN B 34 43.48 38.22 -6.51
CA GLN B 34 43.32 37.96 -5.09
C GLN B 34 42.68 36.59 -4.85
N GLY B 35 42.84 35.70 -5.81
CA GLY B 35 42.26 34.38 -5.75
C GLY B 35 43.22 33.40 -5.13
N ALA B 36 43.05 32.15 -5.53
CA ALA B 36 43.85 31.05 -5.02
C ALA B 36 45.33 31.12 -5.33
N GLN B 37 46.12 30.53 -4.42
CA GLN B 37 47.56 30.44 -4.59
C GLN B 37 47.96 28.99 -4.61
N GLU B 38 48.67 28.56 -5.64
CA GLU B 38 49.10 27.17 -5.71
C GLU B 38 50.24 26.87 -4.75
N THR B 39 50.45 25.57 -4.58
CA THR B 39 51.50 25.05 -3.74
C THR B 39 52.42 24.22 -4.62
N PRO B 40 53.60 24.78 -4.90
CA PRO B 40 54.60 24.17 -5.76
C PRO B 40 55.25 22.92 -5.20
N ALA B 41 55.31 21.90 -6.06
CA ALA B 41 55.87 20.59 -5.73
C ALA B 41 57.16 20.63 -4.93
N LYS B 42 57.26 19.72 -3.96
CA LYS B 42 58.45 19.65 -3.14
C LYS B 42 59.65 19.33 -4.03
N GLN B 43 60.79 19.96 -3.72
CA GLN B 43 61.99 19.74 -4.49
C GLN B 43 62.70 18.47 -4.07
N VAL B 44 62.61 18.12 -2.78
CA VAL B 44 63.27 16.92 -2.28
C VAL B 44 62.35 15.74 -1.89
N LEU B 45 62.55 14.62 -2.60
CA LEU B 45 61.84 13.36 -2.46
C LEU B 45 62.84 12.22 -2.56
N PRO B 46 62.49 11.04 -2.04
CA PRO B 46 63.44 9.95 -2.12
C PRO B 46 63.30 9.22 -3.43
N ALA B 47 64.31 8.44 -3.75
CA ALA B 47 64.34 7.64 -4.96
C ALA B 47 63.40 6.45 -4.81
N HIS B 48 63.16 6.10 -3.56
CA HIS B 48 62.27 5.01 -3.18
C HIS B 48 61.51 5.40 -1.95
N ASP B 49 60.19 5.19 -2.03
CA ASP B 49 59.29 5.46 -0.94
C ASP B 49 58.67 4.13 -0.56
N PRO B 50 58.92 3.69 0.67
CA PRO B 50 58.41 2.42 1.15
C PRO B 50 56.90 2.40 1.38
N ASP B 51 56.22 3.54 1.19
CA ASP B 51 54.77 3.61 1.36
C ASP B 51 54.10 3.95 0.05
N CYS B 52 54.92 4.17 -0.96
CA CYS B 52 54.37 4.50 -2.26
C CYS B 52 53.87 3.26 -3.00
N PHE B 53 52.60 3.29 -3.44
CA PHE B 53 51.99 2.17 -4.18
C PHE B 53 52.70 1.87 -5.49
N LEU B 54 53.35 2.90 -6.06
CA LEU B 54 54.06 2.80 -7.33
C LEU B 54 55.51 2.39 -7.25
N CYS B 55 56.12 2.51 -6.07
CA CYS B 55 57.51 2.16 -5.91
C CYS B 55 57.78 0.68 -6.11
N ALA B 56 58.98 0.39 -6.61
CA ALA B 56 59.39 -0.97 -6.83
C ALA B 56 59.33 -1.76 -5.55
N GLY B 57 58.93 -3.01 -5.71
CA GLY B 57 58.79 -3.97 -4.64
C GLY B 57 57.72 -3.66 -3.61
N ASN B 58 56.89 -2.64 -3.83
CA ASN B 58 55.87 -2.29 -2.86
C ASN B 58 54.51 -2.99 -3.11
N VAL B 59 53.74 -3.08 -2.05
CA VAL B 59 52.43 -3.72 -2.11
C VAL B 59 51.37 -2.67 -2.41
N ARG B 60 50.62 -2.85 -3.48
CA ARG B 60 49.57 -1.90 -3.81
C ARG B 60 48.40 -1.94 -2.83
N VAL B 61 47.42 -1.09 -3.12
CA VAL B 61 46.21 -0.93 -2.33
C VAL B 61 45.42 -2.23 -2.24
N THR B 62 45.60 -3.04 -3.27
CA THR B 62 44.92 -4.30 -3.40
C THR B 62 45.77 -5.45 -2.88
N GLY B 63 46.82 -5.14 -2.16
CA GLY B 63 47.69 -6.17 -1.64
C GLY B 63 48.64 -6.75 -2.68
N ASP B 64 48.36 -6.51 -3.96
CA ASP B 64 49.25 -6.99 -5.03
C ASP B 64 50.62 -6.33 -4.84
N LYS B 65 51.69 -7.09 -5.06
CA LYS B 65 53.03 -6.56 -4.87
C LYS B 65 53.76 -6.28 -6.17
N ASN B 66 54.32 -5.08 -6.21
CA ASN B 66 55.08 -4.66 -7.37
C ASN B 66 56.40 -5.40 -7.32
N PRO B 67 56.91 -5.77 -8.50
CA PRO B 67 58.21 -6.44 -8.58
C PRO B 67 59.32 -5.38 -8.40
N ASP B 68 60.58 -5.82 -8.39
CA ASP B 68 61.76 -4.97 -8.26
C ASP B 68 62.15 -4.58 -9.68
N TYR B 69 61.22 -3.87 -10.33
CA TYR B 69 61.38 -3.50 -11.71
C TYR B 69 62.48 -2.51 -11.97
N THR B 70 62.84 -2.51 -13.23
CA THR B 70 63.84 -1.62 -13.78
C THR B 70 63.18 -0.88 -14.93
N GLY B 71 63.56 0.37 -15.14
CA GLY B 71 62.93 1.03 -16.25
C GLY B 71 61.45 1.18 -15.94
N THR B 72 60.63 1.13 -16.98
CA THR B 72 59.22 1.31 -16.77
C THR B 72 58.54 0.07 -16.20
N TYR B 73 57.38 0.31 -15.64
CA TYR B 73 56.55 -0.75 -15.08
C TYR B 73 55.11 -0.43 -15.39
N VAL B 74 54.44 -1.37 -16.08
CA VAL B 74 53.05 -1.16 -16.43
C VAL B 74 52.19 -2.22 -15.77
N PHE B 75 51.06 -1.80 -15.28
CA PHE B 75 50.10 -2.73 -14.67
C PHE B 75 48.67 -2.27 -14.89
N THR B 76 47.74 -3.21 -14.85
CA THR B 76 46.35 -2.85 -14.98
C THR B 76 45.92 -2.03 -13.76
N ASN B 77 45.26 -0.91 -14.02
CA ASN B 77 44.81 -0.04 -12.94
C ASN B 77 43.97 -0.82 -11.97
N ASP B 78 44.24 -0.66 -10.68
CA ASP B 78 43.48 -1.38 -9.66
C ASP B 78 42.03 -0.93 -9.56
N PHE B 79 41.74 0.24 -10.12
CA PHE B 79 40.39 0.77 -10.12
C PHE B 79 40.14 1.23 -11.53
N ALA B 80 40.23 0.30 -12.47
CA ALA B 80 40.05 0.66 -13.88
C ALA B 80 38.73 1.37 -14.19
N ALA B 81 38.75 2.39 -15.05
CA ALA B 81 37.54 3.11 -15.38
C ALA B 81 36.69 2.37 -16.40
N LEU B 82 37.31 1.41 -17.10
CA LEU B 82 36.60 0.67 -18.12
C LEU B 82 37.05 -0.77 -18.00
N MET B 83 36.17 -1.71 -18.39
CA MET B 83 36.43 -3.17 -18.35
C MET B 83 36.19 -3.80 -19.70
N SER B 84 36.90 -4.93 -19.99
CA SER B 84 36.78 -5.57 -21.29
C SER B 84 35.47 -6.18 -21.64
N ASP B 85 34.79 -6.69 -20.61
CA ASP B 85 33.53 -7.40 -20.74
C ASP B 85 32.28 -6.67 -20.28
N THR B 86 32.34 -5.36 -20.10
CA THR B 86 31.14 -4.65 -19.67
C THR B 86 29.92 -4.96 -20.54
N PRO B 87 28.75 -5.25 -19.94
CA PRO B 87 27.56 -5.55 -20.74
C PRO B 87 27.15 -4.37 -21.59
N ASP B 88 26.71 -4.68 -22.81
CA ASP B 88 26.28 -3.64 -23.71
C ASP B 88 25.18 -2.78 -23.10
N ALA B 89 25.09 -1.54 -23.53
CA ALA B 89 24.03 -0.73 -23.01
C ALA B 89 22.86 -0.84 -23.95
N PRO B 90 21.74 -0.29 -23.50
CA PRO B 90 20.53 -0.31 -24.29
C PRO B 90 20.62 0.81 -25.32
N GLU B 91 20.66 0.40 -26.60
CA GLU B 91 20.79 1.34 -27.69
C GLU B 91 19.48 1.90 -28.20
N SER B 92 19.33 3.21 -28.10
CA SER B 92 18.13 3.88 -28.54
C SER B 92 18.47 5.10 -29.39
N HIS B 93 17.46 5.69 -29.99
CA HIS B 93 17.75 6.85 -30.77
C HIS B 93 17.00 8.00 -30.16
N ASP B 94 16.82 7.92 -28.87
CA ASP B 94 16.09 8.98 -28.26
C ASP B 94 16.87 10.29 -28.38
N PRO B 95 16.14 11.35 -28.75
CA PRO B 95 16.71 12.67 -28.93
C PRO B 95 16.99 13.42 -27.65
N LEU B 96 16.55 12.89 -26.51
CA LEU B 96 16.81 13.57 -25.24
C LEU B 96 17.68 12.82 -24.27
N MET B 97 17.36 11.55 -24.08
CA MET B 97 18.09 10.78 -23.10
C MET B 97 18.46 9.44 -23.65
N ARG B 98 19.73 9.27 -23.94
CA ARG B 98 20.15 7.98 -24.45
C ARG B 98 21.56 7.66 -24.05
N CYS B 99 21.87 6.38 -24.08
CA CYS B 99 23.20 5.99 -23.70
C CYS B 99 23.76 5.02 -24.71
N GLN B 100 25.08 4.70 -24.57
CA GLN B 100 25.83 3.76 -25.42
C GLN B 100 26.79 2.92 -24.57
N SER B 101 27.16 1.76 -25.09
CA SER B 101 28.07 0.85 -24.41
C SER B 101 29.47 1.45 -24.25
N ALA B 102 30.20 0.97 -23.27
CA ALA B 102 31.53 1.46 -23.03
C ALA B 102 32.46 0.40 -22.48
N ARG B 103 33.30 -0.16 -23.35
CA ARG B 103 34.30 -1.15 -22.96
C ARG B 103 35.74 -0.67 -23.19
N GLY B 104 36.68 -1.33 -22.53
CA GLY B 104 38.07 -1.01 -22.64
C GLY B 104 38.81 -1.42 -21.38
N THR B 105 39.93 -0.74 -21.16
CA THR B 105 40.77 -0.98 -19.99
C THR B 105 41.57 0.25 -19.63
N SER B 106 42.27 0.16 -18.52
CA SER B 106 43.07 1.24 -18.04
C SER B 106 44.36 0.73 -17.45
N ARG B 107 45.49 1.26 -17.91
CA ARG B 107 46.75 0.79 -17.31
C ARG B 107 47.58 1.90 -16.73
N VAL B 108 48.37 1.54 -15.73
CA VAL B 108 49.24 2.47 -15.08
C VAL B 108 50.67 2.25 -15.54
N ILE B 109 51.36 3.36 -15.90
CA ILE B 109 52.75 3.30 -16.33
C ILE B 109 53.66 4.09 -15.40
N CYS B 110 54.56 3.34 -14.79
CA CYS B 110 55.52 3.95 -13.91
C CYS B 110 56.70 4.22 -14.81
N PHE B 111 57.10 5.48 -14.88
CA PHE B 111 58.20 5.90 -15.74
C PHE B 111 59.49 5.21 -15.39
N SER B 112 59.73 5.12 -14.10
CA SER B 112 60.91 4.44 -13.67
C SER B 112 60.86 4.24 -12.19
N PRO B 113 61.80 3.41 -11.72
CA PRO B 113 61.92 3.09 -10.32
C PRO B 113 62.20 4.30 -9.43
N ASP B 114 62.70 5.37 -10.03
CA ASP B 114 63.02 6.58 -9.30
C ASP B 114 61.81 7.46 -8.95
N HIS B 115 61.36 7.32 -7.72
CA HIS B 115 60.20 8.02 -7.20
C HIS B 115 60.36 9.53 -7.27
N SER B 116 61.61 9.95 -7.46
CA SER B 116 61.91 11.37 -7.49
C SER B 116 62.17 12.00 -8.84
N LYS B 117 62.54 11.20 -9.80
CA LYS B 117 62.83 11.76 -11.08
C LYS B 117 61.70 11.95 -12.06
N THR B 118 61.27 13.21 -12.24
CA THR B 118 60.23 13.54 -13.22
C THR B 118 60.81 13.37 -14.63
N LEU B 119 60.01 13.59 -15.68
CA LEU B 119 60.44 13.45 -17.06
C LEU B 119 61.72 14.22 -17.43
N PRO B 120 61.74 15.54 -17.32
CA PRO B 120 62.90 16.32 -17.69
C PRO B 120 64.19 15.93 -16.97
N GLU B 121 64.04 15.26 -15.83
CA GLU B 121 65.17 14.81 -15.02
C GLU B 121 65.73 13.45 -15.39
N LEU B 122 65.05 12.77 -16.30
CA LEU B 122 65.47 11.44 -16.77
C LEU B 122 66.38 11.56 -17.97
N SER B 123 67.28 10.59 -18.11
CA SER B 123 68.20 10.53 -19.21
C SER B 123 67.43 10.26 -20.48
N VAL B 124 68.02 10.64 -21.60
CA VAL B 124 67.43 10.41 -22.90
C VAL B 124 67.20 8.93 -23.13
N ALA B 125 68.13 8.18 -22.55
CA ALA B 125 68.08 6.74 -22.63
C ALA B 125 66.83 6.21 -21.97
N ALA B 126 66.61 6.71 -20.75
CA ALA B 126 65.47 6.35 -19.96
C ALA B 126 64.19 6.78 -20.64
N LEU B 127 64.24 8.01 -21.12
CA LEU B 127 63.09 8.56 -21.81
C LEU B 127 62.73 7.70 -23.01
N THR B 128 63.76 7.06 -23.63
CA THR B 128 63.56 6.23 -24.81
C THR B 128 62.80 4.93 -24.48
N GLU B 129 63.13 4.38 -23.30
CA GLU B 129 62.51 3.17 -22.76
C GLU B 129 61.02 3.47 -22.60
N ILE B 130 60.75 4.67 -22.11
CA ILE B 130 59.40 5.15 -21.90
C ILE B 130 58.65 5.17 -23.21
N VAL B 131 59.30 5.69 -24.25
CA VAL B 131 58.70 5.73 -25.56
C VAL B 131 58.49 4.31 -26.08
N LYS B 132 59.46 3.43 -25.85
CA LYS B 132 59.28 2.07 -26.32
C LYS B 132 58.00 1.47 -25.68
N THR B 133 57.82 1.70 -24.39
CA THR B 133 56.66 1.18 -23.66
C THR B 133 55.34 1.75 -24.18
N TRP B 134 55.32 3.05 -24.48
CA TRP B 134 54.12 3.68 -25.02
C TRP B 134 53.79 3.01 -26.34
N GLN B 135 54.84 2.59 -27.02
CA GLN B 135 54.64 1.97 -28.29
C GLN B 135 54.06 0.59 -28.11
N GLU B 136 54.72 -0.18 -27.27
CA GLU B 136 54.33 -1.54 -26.96
C GLU B 136 52.87 -1.56 -26.53
N GLN B 137 52.55 -0.69 -25.60
CA GLN B 137 51.19 -0.62 -25.11
C GLN B 137 50.23 -0.31 -26.20
N THR B 138 50.59 0.67 -27.05
CA THR B 138 49.76 1.10 -28.14
C THR B 138 49.48 0.00 -29.17
N ALA B 139 50.53 -0.71 -29.53
CA ALA B 139 50.32 -1.75 -30.51
C ALA B 139 49.45 -2.85 -29.92
N GLU B 140 49.76 -3.24 -28.67
CA GLU B 140 49.08 -4.29 -27.91
C GLU B 140 47.57 -4.07 -27.84
N LEU B 141 47.23 -2.97 -27.19
CA LEU B 141 45.86 -2.54 -27.02
C LEU B 141 45.13 -2.25 -28.31
N GLY B 142 45.87 -1.82 -29.35
CA GLY B 142 45.29 -1.46 -30.64
C GLY B 142 44.76 -2.67 -31.34
N LYS B 143 45.22 -3.83 -30.89
CA LYS B 143 44.75 -5.06 -31.49
C LYS B 143 43.24 -5.26 -31.25
N THR B 144 42.77 -4.80 -30.08
CA THR B 144 41.41 -4.95 -29.61
C THR B 144 40.55 -3.70 -29.58
N TYR B 145 41.15 -2.55 -29.30
CA TYR B 145 40.40 -1.32 -29.20
C TYR B 145 40.88 -0.32 -30.26
N PRO B 146 39.91 0.31 -30.88
CA PRO B 146 40.16 1.30 -31.91
C PRO B 146 40.77 2.57 -31.36
N TRP B 147 40.57 2.79 -30.06
CA TRP B 147 41.08 4.00 -29.44
C TRP B 147 41.97 3.75 -28.24
N VAL B 148 43.27 4.06 -28.44
CA VAL B 148 44.26 3.91 -27.39
C VAL B 148 44.70 5.29 -26.92
N GLN B 149 44.55 5.60 -25.60
CA GLN B 149 44.89 6.90 -25.04
C GLN B 149 46.05 6.93 -24.07
N VAL B 150 47.23 7.30 -24.58
CA VAL B 150 48.38 7.43 -23.69
C VAL B 150 48.30 8.82 -23.05
N PHE B 151 48.53 8.96 -21.74
CA PHE B 151 48.46 10.29 -21.11
C PHE B 151 49.26 10.35 -19.80
N GLU B 152 49.29 11.54 -19.22
CA GLU B 152 49.98 11.75 -17.97
C GLU B 152 49.37 12.93 -17.24
N ASN B 153 49.21 12.78 -15.91
CA ASN B 153 48.68 13.82 -15.02
C ASN B 153 49.82 14.01 -14.08
N LYS B 154 50.37 15.23 -14.13
CA LYS B 154 51.56 15.56 -13.34
C LYS B 154 51.32 16.72 -12.41
N GLY B 155 51.58 16.49 -11.13
CA GLY B 155 51.38 17.54 -10.15
C GLY B 155 49.97 17.57 -9.51
N ALA B 156 49.94 17.98 -8.26
CA ALA B 156 48.69 18.07 -7.53
C ALA B 156 47.68 18.98 -8.21
N ALA B 157 48.18 20.02 -8.85
CA ALA B 157 47.30 20.95 -9.50
C ALA B 157 46.65 20.27 -10.67
N MET B 158 47.23 19.14 -11.09
CA MET B 158 46.67 18.44 -12.23
C MET B 158 45.89 17.21 -11.85
N GLY B 159 45.42 17.24 -10.61
CA GLY B 159 44.64 16.16 -10.08
C GLY B 159 45.30 14.80 -10.18
N CYS B 160 46.62 14.76 -10.00
CA CYS B 160 47.29 13.48 -10.01
C CYS B 160 46.89 12.95 -8.62
N SER B 161 46.85 11.62 -8.43
CA SER B 161 46.45 11.02 -7.16
C SER B 161 47.54 10.25 -6.44
N ASN B 162 48.75 10.32 -7.01
CA ASN B 162 49.97 9.67 -6.51
C ASN B 162 51.19 10.47 -6.98
N PRO B 163 52.23 10.51 -6.16
CA PRO B 163 53.45 11.26 -6.45
C PRO B 163 54.48 10.58 -7.35
N HIS B 164 54.53 9.26 -7.38
CA HIS B 164 55.52 8.62 -8.22
C HIS B 164 55.37 9.06 -9.67
N PRO B 165 56.49 9.26 -10.31
CA PRO B 165 56.47 9.71 -11.70
C PRO B 165 55.91 8.65 -12.67
N GLY B 166 54.86 9.02 -13.40
CA GLY B 166 54.26 8.09 -14.32
C GLY B 166 53.00 8.62 -14.99
N GLY B 167 52.44 7.78 -15.85
CA GLY B 167 51.25 8.13 -16.62
C GLY B 167 50.18 7.01 -16.63
N GLN B 168 49.34 7.05 -17.63
CA GLN B 168 48.29 6.07 -17.74
C GLN B 168 47.95 5.79 -19.19
N ILE B 169 47.35 4.68 -19.46
CA ILE B 169 46.96 4.37 -20.82
C ILE B 169 45.55 3.80 -20.72
N TRP B 170 44.55 4.46 -21.28
CA TRP B 170 43.23 3.90 -21.20
C TRP B 170 42.85 3.56 -22.60
N ALA B 171 42.31 2.35 -22.82
CA ALA B 171 41.84 1.92 -24.14
C ALA B 171 40.32 1.95 -24.19
N ASN B 172 39.73 2.20 -25.36
CA ASN B 172 38.28 2.31 -25.52
C ASN B 172 37.72 1.58 -26.73
N SER B 173 36.52 1.03 -26.56
CA SER B 173 35.82 0.31 -27.59
C SER B 173 35.15 1.25 -28.58
N PHE B 174 35.27 2.56 -28.28
CA PHE B 174 34.70 3.63 -29.10
C PHE B 174 35.76 4.73 -29.29
N LEU B 175 35.38 5.72 -30.07
CA LEU B 175 36.20 6.89 -30.30
C LEU B 175 35.71 8.02 -29.40
N PRO B 176 36.45 8.36 -28.32
CA PRO B 176 36.05 9.44 -27.42
C PRO B 176 35.76 10.74 -28.17
N ASN B 177 35.14 11.71 -27.49
CA ASN B 177 34.81 12.95 -28.15
C ASN B 177 35.96 13.56 -28.97
N GLU B 178 37.08 13.81 -28.30
CA GLU B 178 38.26 14.42 -28.95
C GLU B 178 38.71 13.66 -30.18
N ALA B 179 38.77 12.33 -30.04
CA ALA B 179 39.17 11.44 -31.11
C ALA B 179 38.26 11.49 -32.32
N GLU B 180 36.94 11.52 -32.08
CA GLU B 180 36.01 11.55 -33.19
C GLU B 180 36.08 12.84 -34.01
N ARG B 181 36.19 13.95 -33.31
CA ARG B 181 36.25 15.24 -33.98
C ARG B 181 37.59 15.47 -34.68
N GLU B 182 38.67 15.12 -33.99
CA GLU B 182 39.97 15.27 -34.63
C GLU B 182 39.99 14.37 -35.88
N ASP B 183 39.45 13.16 -35.78
CA ASP B 183 39.44 12.29 -36.94
C ASP B 183 38.66 12.87 -38.10
N ARG B 184 37.48 13.40 -37.78
CA ARG B 184 36.64 13.95 -38.78
C ARG B 184 37.19 15.21 -39.48
N LEU B 185 37.67 16.15 -38.67
CA LEU B 185 38.18 17.38 -39.21
C LEU B 185 39.45 17.15 -40.02
N GLN B 186 40.29 16.28 -39.54
CA GLN B 186 41.50 15.95 -40.27
C GLN B 186 41.13 15.26 -41.58
N LYS B 187 40.14 14.36 -41.51
CA LYS B 187 39.73 13.67 -42.71
C LYS B 187 39.18 14.62 -43.76
N GLU B 188 38.43 15.61 -43.29
CA GLU B 188 37.81 16.56 -44.17
C GLU B 188 38.86 17.44 -44.83
N TYR B 189 39.82 17.87 -44.03
CA TYR B 189 40.91 18.68 -44.55
C TYR B 189 41.63 17.93 -45.67
N PHE B 190 42.00 16.70 -45.38
CA PHE B 190 42.73 15.88 -46.34
C PHE B 190 41.98 15.67 -47.62
N ALA B 191 40.68 15.49 -47.49
CA ALA B 191 39.92 15.27 -48.69
C ALA B 191 39.99 16.49 -49.55
N GLU B 192 40.19 17.63 -48.91
CA GLU B 192 40.21 18.89 -49.62
C GLU B 192 41.58 19.36 -50.08
N GLN B 193 42.55 19.22 -49.21
CA GLN B 193 43.89 19.67 -49.54
C GLN B 193 44.78 18.60 -50.13
N LYS B 194 44.40 17.36 -49.91
CA LYS B 194 45.14 16.21 -50.39
C LYS B 194 46.45 16.03 -49.65
N SER B 195 46.51 16.65 -48.48
CA SER B 195 47.67 16.63 -47.60
C SER B 195 47.26 16.65 -46.12
N PRO B 196 48.00 15.98 -45.23
CA PRO B 196 47.64 15.94 -43.84
C PRO B 196 47.76 17.27 -43.15
N MET B 197 46.64 17.68 -42.56
CA MET B 197 46.50 18.94 -41.84
C MET B 197 47.65 19.33 -40.93
N LEU B 198 48.11 18.42 -40.08
CA LEU B 198 49.17 18.74 -39.16
C LEU B 198 50.55 18.68 -39.78
N VAL B 199 50.59 18.01 -40.94
CA VAL B 199 51.82 17.89 -41.68
C VAL B 199 52.02 19.25 -42.34
N ASP B 200 50.97 19.72 -42.98
CA ASP B 200 51.07 21.05 -43.55
C ASP B 200 51.33 22.05 -42.42
N TYR B 201 50.60 21.92 -41.34
CA TYR B 201 50.78 22.80 -40.21
C TYR B 201 52.23 22.90 -39.84
N VAL B 202 52.84 21.74 -39.67
CA VAL B 202 54.24 21.63 -39.31
C VAL B 202 55.12 22.49 -40.21
N GLN B 203 54.89 22.41 -41.50
CA GLN B 203 55.65 23.19 -42.45
C GLN B 203 55.47 24.66 -42.21
N ARG B 204 54.22 25.10 -42.17
CA ARG B 204 53.91 26.48 -41.94
C ARG B 204 54.62 27.06 -40.73
N GLU B 205 54.71 26.27 -39.67
CA GLU B 205 55.37 26.72 -38.45
C GLU B 205 56.86 26.79 -38.69
N LEU B 206 57.34 25.87 -39.50
CA LEU B 206 58.74 25.81 -39.83
C LEU B 206 59.18 27.10 -40.55
N ALA B 207 58.29 27.61 -41.39
CA ALA B 207 58.51 28.80 -42.16
C ALA B 207 58.08 30.06 -41.42
N ASP B 208 58.05 29.97 -40.10
CA ASP B 208 57.63 31.12 -39.29
C ASP B 208 58.54 31.29 -38.10
N GLY B 209 58.48 30.30 -37.21
CA GLY B 209 59.28 30.21 -36.00
C GLY B 209 58.80 31.01 -34.83
N SER B 210 57.82 31.86 -35.08
CA SER B 210 57.38 32.68 -33.96
C SER B 210 56.72 31.88 -32.84
N ARG B 211 56.24 30.70 -33.13
CA ARG B 211 55.58 29.96 -32.06
C ARG B 211 56.39 28.76 -31.68
N THR B 212 57.56 28.66 -32.31
CA THR B 212 58.42 27.53 -32.06
C THR B 212 59.00 27.54 -30.69
N VAL B 213 59.11 26.35 -30.09
CA VAL B 213 59.66 26.26 -28.73
C VAL B 213 60.79 25.24 -28.57
N VAL B 214 60.67 24.17 -29.35
CA VAL B 214 61.62 23.08 -29.38
C VAL B 214 61.63 22.53 -30.79
N GLU B 215 62.84 22.26 -31.33
CA GLU B 215 62.98 21.73 -32.67
C GLU B 215 64.21 20.89 -32.74
N THR B 216 63.99 19.67 -33.13
CA THR B 216 65.10 18.78 -33.23
C THR B 216 65.09 18.33 -34.64
N GLU B 217 65.93 17.36 -34.92
CA GLU B 217 65.94 16.88 -36.28
C GLU B 217 64.61 16.30 -36.75
N HIS B 218 63.93 15.54 -35.88
CA HIS B 218 62.69 14.92 -36.29
C HIS B 218 61.39 15.47 -35.73
N TRP B 219 61.51 16.31 -34.70
CA TRP B 219 60.38 16.86 -34.02
C TRP B 219 60.34 18.36 -33.98
N LEU B 220 59.15 18.82 -33.70
CA LEU B 220 58.88 20.22 -33.56
C LEU B 220 57.84 20.37 -32.46
N ALA B 221 58.06 21.30 -31.55
CA ALA B 221 57.14 21.64 -30.47
C ALA B 221 56.87 23.13 -30.50
N VAL B 222 55.62 23.49 -30.67
CA VAL B 222 55.24 24.87 -30.70
C VAL B 222 54.08 25.16 -29.76
N VAL B 223 53.86 26.45 -29.51
CA VAL B 223 52.68 26.90 -28.78
C VAL B 223 51.75 27.07 -29.97
N PRO B 224 50.82 26.12 -30.21
CA PRO B 224 49.94 26.19 -31.37
C PRO B 224 49.22 27.52 -31.53
N TYR B 225 48.99 27.87 -32.77
CA TYR B 225 48.35 29.12 -33.07
C TYR B 225 47.11 29.35 -32.24
N TRP B 226 46.31 28.29 -32.12
CA TRP B 226 45.05 28.26 -31.39
C TRP B 226 45.13 27.65 -30.01
N ALA B 227 46.29 27.71 -29.39
CA ALA B 227 46.52 27.21 -28.08
C ALA B 227 45.46 27.76 -27.13
N ALA B 228 45.07 26.92 -26.15
CA ALA B 228 44.09 27.29 -25.13
C ALA B 228 44.76 27.63 -23.80
N TRP B 229 45.51 26.65 -23.28
CA TRP B 229 46.23 26.81 -22.00
C TRP B 229 47.36 27.83 -22.16
N PRO B 230 47.68 28.59 -21.11
CA PRO B 230 48.69 29.62 -21.21
C PRO B 230 49.96 29.21 -21.96
N PHE B 231 50.60 28.18 -21.47
CA PHE B 231 51.84 27.68 -22.08
C PHE B 231 51.65 26.32 -22.70
N GLU B 232 50.51 26.17 -23.33
CA GLU B 232 50.23 24.94 -23.97
C GLU B 232 51.12 24.70 -25.21
N THR B 233 51.58 23.46 -25.38
CA THR B 233 52.36 23.08 -26.53
C THR B 233 51.74 21.90 -27.25
N LEU B 234 52.13 21.80 -28.49
CA LEU B 234 51.79 20.78 -29.48
C LEU B 234 53.13 20.26 -29.97
N LEU B 235 53.33 18.98 -29.75
CA LEU B 235 54.58 18.29 -30.09
C LEU B 235 54.38 17.27 -31.18
N LEU B 236 54.96 17.49 -32.36
CA LEU B 236 54.77 16.55 -33.44
C LEU B 236 55.97 16.33 -34.33
N PRO B 237 55.98 15.20 -35.01
CA PRO B 237 57.07 14.83 -35.91
C PRO B 237 56.99 15.72 -37.13
N LYS B 238 58.13 15.99 -37.74
CA LYS B 238 58.15 16.82 -38.92
C LYS B 238 57.64 16.02 -40.11
N ALA B 239 57.96 14.72 -40.07
CA ALA B 239 57.54 13.77 -41.10
C ALA B 239 56.15 13.17 -40.77
N HIS B 240 55.41 12.72 -41.81
CA HIS B 240 54.09 12.13 -41.67
C HIS B 240 54.22 10.81 -40.95
N VAL B 241 53.56 10.71 -39.81
CA VAL B 241 53.58 9.51 -39.02
C VAL B 241 52.17 9.30 -38.52
N LEU B 242 51.58 8.15 -38.80
CA LEU B 242 50.22 7.89 -38.36
C LEU B 242 50.06 7.65 -36.87
N ARG B 243 50.93 6.81 -36.32
CA ARG B 243 50.88 6.47 -34.91
C ARG B 243 52.28 6.35 -34.39
N ILE B 244 52.31 6.36 -33.06
CA ILE B 244 53.53 6.29 -32.31
C ILE B 244 54.30 5.03 -32.56
N THR B 245 53.60 4.02 -33.04
CA THR B 245 54.26 2.75 -33.30
C THR B 245 54.91 2.77 -34.67
N ASP B 246 54.59 3.82 -35.41
CA ASP B 246 55.14 3.98 -36.74
C ASP B 246 56.50 4.67 -36.76
N LEU B 247 56.85 5.33 -35.67
CA LEU B 247 58.12 6.03 -35.59
C LEU B 247 59.30 5.13 -35.89
N THR B 248 60.36 5.68 -36.53
CA THR B 248 61.56 4.91 -36.79
C THR B 248 62.37 5.01 -35.52
N ASP B 249 63.34 4.10 -35.37
CA ASP B 249 64.18 4.11 -34.17
C ASP B 249 64.82 5.46 -33.88
N ALA B 250 65.23 6.12 -34.96
CA ALA B 250 65.88 7.44 -34.88
C ALA B 250 64.85 8.45 -34.42
N GLN B 251 63.70 8.41 -35.11
CA GLN B 251 62.60 9.29 -34.75
C GLN B 251 62.25 9.09 -33.28
N ARG B 252 62.40 7.87 -32.80
CA ARG B 252 62.06 7.59 -31.42
C ARG B 252 63.07 8.12 -30.43
N SER B 253 64.37 7.90 -30.70
CA SER B 253 65.41 8.38 -29.81
C SER B 253 65.35 9.90 -29.80
N ASP B 254 64.94 10.41 -30.96
CA ASP B 254 64.81 11.85 -31.19
C ASP B 254 63.66 12.44 -30.40
N LEU B 255 62.62 11.62 -30.23
CA LEU B 255 61.46 12.06 -29.44
C LEU B 255 61.85 12.19 -27.98
N ALA B 256 62.66 11.26 -27.53
CA ALA B 256 63.11 11.33 -26.14
C ALA B 256 63.86 12.65 -25.89
N LEU B 257 64.68 12.98 -26.85
CA LEU B 257 65.44 14.21 -26.70
C LEU B 257 64.49 15.42 -26.62
N ALA B 258 63.59 15.47 -27.61
CA ALA B 258 62.62 16.55 -27.73
C ALA B 258 61.87 16.72 -26.45
N LEU B 259 61.50 15.58 -25.88
CA LEU B 259 60.77 15.60 -24.66
C LEU B 259 61.60 16.15 -23.54
N LYS B 260 62.81 15.69 -23.47
CA LYS B 260 63.61 16.19 -22.40
C LYS B 260 63.73 17.69 -22.51
N LYS B 261 63.98 18.13 -23.73
CA LYS B 261 64.14 19.56 -23.98
C LYS B 261 62.90 20.35 -23.61
N LEU B 262 61.78 19.88 -24.14
CA LEU B 262 60.56 20.58 -23.88
C LEU B 262 60.25 20.66 -22.40
N THR B 263 60.34 19.54 -21.70
CA THR B 263 60.03 19.54 -20.28
C THR B 263 61.01 20.30 -19.42
N SER B 264 62.26 20.36 -19.85
CA SER B 264 63.24 21.10 -19.07
C SER B 264 62.91 22.57 -19.14
N ARG B 265 62.51 22.99 -20.35
CA ARG B 265 62.08 24.36 -20.58
C ARG B 265 60.88 24.69 -19.72
N TYR B 266 59.91 23.77 -19.67
CA TYR B 266 58.71 24.03 -18.84
C TYR B 266 59.09 24.21 -17.34
N ASP B 267 59.95 23.33 -16.81
CA ASP B 267 60.34 23.46 -15.43
C ASP B 267 61.17 24.71 -15.19
N ASN B 268 61.94 25.11 -16.21
CA ASN B 268 62.77 26.29 -16.07
C ASN B 268 61.94 27.56 -16.10
N LEU B 269 60.77 27.50 -16.74
CA LEU B 269 59.93 28.69 -16.82
C LEU B 269 59.73 29.40 -15.51
N PHE B 270 59.42 28.64 -14.48
CA PHE B 270 59.22 29.22 -13.17
C PHE B 270 60.15 28.60 -12.18
N GLN B 271 61.09 27.79 -12.68
CA GLN B 271 62.06 27.14 -11.82
C GLN B 271 61.37 26.31 -10.75
N CYS B 272 60.55 25.37 -11.19
CA CYS B 272 59.81 24.50 -10.30
C CYS B 272 59.31 23.33 -11.13
N SER B 273 58.79 22.27 -10.48
CA SER B 273 58.25 21.16 -11.27
C SER B 273 57.00 21.70 -11.89
N PHE B 274 56.95 21.77 -13.20
CA PHE B 274 55.81 22.34 -13.86
C PHE B 274 54.71 21.29 -14.08
N PRO B 275 53.51 21.57 -13.58
CA PRO B 275 52.41 20.63 -13.74
C PRO B 275 51.72 20.70 -15.09
N TYR B 276 51.09 19.58 -15.48
CA TYR B 276 50.34 19.54 -16.71
C TYR B 276 49.68 18.20 -16.88
N SER B 277 48.88 18.14 -17.90
CA SER B 277 48.27 16.95 -18.40
C SER B 277 48.75 16.91 -19.85
N MET B 278 49.21 15.74 -20.31
CA MET B 278 49.66 15.62 -21.67
C MET B 278 49.17 14.32 -22.23
N GLY B 279 49.13 14.19 -23.54
CA GLY B 279 48.72 12.90 -24.07
C GLY B 279 48.92 12.78 -25.55
N TRP B 280 48.95 11.57 -26.05
CA TRP B 280 49.15 11.38 -27.47
C TRP B 280 47.89 11.07 -28.26
N HIS B 281 47.80 11.71 -29.45
CA HIS B 281 46.74 11.58 -30.46
C HIS B 281 47.32 11.00 -31.72
N GLY B 282 46.81 9.85 -32.14
CA GLY B 282 47.27 9.21 -33.35
C GLY B 282 46.11 8.53 -34.05
N ALA B 283 46.41 7.90 -35.18
CA ALA B 283 45.33 7.23 -35.91
C ALA B 283 44.64 6.15 -35.06
N PRO B 284 43.34 6.01 -35.23
CA PRO B 284 42.61 4.98 -34.51
C PRO B 284 42.87 3.63 -35.18
N PHE B 285 42.65 2.52 -34.46
CA PHE B 285 42.81 1.22 -35.05
C PHE B 285 41.43 0.75 -35.49
N ASN B 286 40.93 1.38 -36.55
CA ASN B 286 39.62 1.09 -37.06
C ASN B 286 39.54 0.46 -38.41
N GLY B 287 40.67 -0.04 -38.87
CA GLY B 287 40.72 -0.71 -40.16
C GLY B 287 40.48 0.19 -41.36
N GLU B 288 40.19 1.47 -41.09
CA GLU B 288 39.88 2.49 -42.10
C GLU B 288 41.10 3.13 -42.78
N GLU B 289 40.83 3.96 -43.82
CA GLU B 289 41.84 4.75 -44.56
C GLU B 289 42.22 5.95 -43.68
N ASN B 290 43.39 5.93 -43.03
CA ASN B 290 43.76 7.00 -42.12
C ASN B 290 44.91 7.89 -42.50
N GLN B 291 45.15 8.02 -43.79
CA GLN B 291 46.25 8.86 -44.26
C GLN B 291 46.10 10.30 -43.77
N HIS B 292 44.89 10.76 -43.46
CA HIS B 292 44.69 12.12 -42.99
C HIS B 292 45.21 12.40 -41.58
N TRP B 293 45.61 11.34 -40.89
CA TRP B 293 46.09 11.47 -39.53
C TRP B 293 47.55 11.82 -39.45
N GLN B 294 47.88 12.41 -38.31
CA GLN B 294 49.22 12.82 -37.95
C GLN B 294 49.40 12.76 -36.42
N LEU B 295 50.32 11.89 -36.02
CA LEU B 295 50.66 11.71 -34.63
C LEU B 295 51.05 13.02 -34.02
N HIS B 296 50.67 13.24 -32.79
CA HIS B 296 51.00 14.48 -32.12
C HIS B 296 50.67 14.37 -30.65
N ALA B 297 51.41 15.12 -29.85
CA ALA B 297 51.22 15.18 -28.40
C ALA B 297 50.75 16.56 -27.96
N HIS B 298 49.81 16.62 -27.01
CA HIS B 298 49.35 17.86 -26.45
C HIS B 298 49.82 17.98 -25.00
N PHE B 299 50.22 19.21 -24.62
CA PHE B 299 50.61 19.52 -23.28
C PHE B 299 49.73 20.68 -22.87
N TYR B 300 48.97 20.43 -21.80
CA TYR B 300 48.03 21.39 -21.20
C TYR B 300 48.41 21.73 -19.78
N PRO B 301 49.27 22.75 -19.62
CA PRO B 301 49.74 23.16 -18.29
C PRO B 301 48.86 24.29 -17.76
N PRO B 302 48.54 24.23 -16.44
CA PRO B 302 47.66 25.23 -15.81
C PRO B 302 48.27 26.58 -15.37
N LEU B 303 49.58 26.52 -15.02
CA LEU B 303 50.37 27.67 -14.54
C LEU B 303 50.35 28.85 -15.50
N LEU B 304 50.22 30.04 -14.90
CA LEU B 304 50.14 31.20 -15.73
C LEU B 304 51.08 32.33 -15.32
N ARG B 305 50.88 32.82 -14.11
CA ARG B 305 51.66 33.94 -13.66
C ARG B 305 52.94 33.57 -12.96
N SER B 306 52.95 32.46 -12.26
CA SER B 306 54.11 32.11 -11.52
C SER B 306 53.93 30.72 -11.05
N ALA B 307 54.80 30.27 -10.14
CA ALA B 307 54.72 28.93 -9.61
C ALA B 307 53.53 28.77 -8.65
N THR B 308 52.93 29.88 -8.26
CA THR B 308 51.82 29.89 -7.33
C THR B 308 50.51 30.47 -7.85
N VAL B 309 50.47 30.87 -9.13
CA VAL B 309 49.27 31.44 -9.70
C VAL B 309 48.92 30.76 -11.02
N ARG B 310 47.79 30.03 -11.05
CA ARG B 310 47.39 29.31 -12.26
C ARG B 310 46.24 29.95 -13.01
N LYS B 311 45.97 29.38 -14.18
CA LYS B 311 44.86 29.81 -14.99
C LYS B 311 43.65 28.92 -14.65
N PHE B 312 42.52 29.54 -14.47
CA PHE B 312 41.27 28.85 -14.16
C PHE B 312 40.31 28.95 -15.35
N MET B 313 40.03 27.78 -15.96
CA MET B 313 39.10 27.77 -17.09
C MET B 313 37.72 27.56 -16.49
N VAL B 314 37.09 28.67 -16.12
CA VAL B 314 35.82 28.71 -15.46
C VAL B 314 35.02 29.84 -16.02
N GLY B 315 33.86 30.10 -15.42
CA GLY B 315 32.98 31.19 -15.80
C GLY B 315 32.65 31.23 -17.27
N TYR B 316 32.91 32.40 -17.86
CA TYR B 316 32.66 32.66 -19.27
C TYR B 316 33.23 31.54 -20.10
N GLU B 317 34.37 31.06 -19.64
CA GLU B 317 35.04 30.02 -20.37
C GLU B 317 34.26 28.72 -20.43
N MET B 318 33.52 28.43 -19.37
CA MET B 318 32.68 27.22 -19.37
C MET B 318 31.37 27.42 -20.13
N LEU B 319 30.79 28.59 -19.96
CA LEU B 319 29.53 28.94 -20.54
C LEU B 319 29.57 29.42 -21.96
N ALA B 320 30.76 29.75 -22.49
CA ALA B 320 30.79 30.29 -23.85
C ALA B 320 31.97 29.81 -24.66
N GLU B 321 33.16 30.30 -24.27
CA GLU B 321 34.38 29.91 -24.92
C GLU B 321 35.60 30.21 -24.11
N THR B 322 36.66 29.46 -24.41
CA THR B 322 37.94 29.62 -23.74
C THR B 322 38.47 31.04 -23.99
N GLN B 323 39.02 31.62 -22.94
CA GLN B 323 39.59 32.97 -23.03
C GLN B 323 41.02 33.03 -22.48
N ARG B 324 41.99 33.29 -23.40
CA ARG B 324 43.43 33.40 -23.05
C ARG B 324 43.87 34.80 -22.70
N ASP B 325 44.77 34.88 -21.72
CA ASP B 325 45.24 36.18 -21.23
C ASP B 325 46.50 36.74 -21.91
N LEU B 326 47.18 35.90 -22.68
CA LEU B 326 48.40 36.22 -23.41
C LEU B 326 48.35 35.47 -24.69
N THR B 327 48.95 36.02 -25.73
CA THR B 327 48.95 35.37 -27.02
C THR B 327 49.93 34.18 -27.07
N ALA B 328 49.71 33.33 -28.07
CA ALA B 328 50.49 32.13 -28.30
C ALA B 328 51.91 32.53 -28.52
N GLU B 329 52.08 33.63 -29.27
CA GLU B 329 53.40 34.19 -29.57
C GLU B 329 54.12 34.64 -28.29
N GLN B 330 53.43 35.42 -27.44
CA GLN B 330 54.06 35.83 -26.20
C GLN B 330 54.42 34.62 -25.34
N ALA B 331 53.59 33.60 -25.41
CA ALA B 331 53.90 32.44 -24.60
C ALA B 331 55.16 31.75 -25.09
N ALA B 332 55.16 31.48 -26.39
CA ALA B 332 56.27 30.80 -27.03
C ALA B 332 57.56 31.55 -26.70
N GLU B 333 57.51 32.88 -26.83
CA GLU B 333 58.65 33.71 -26.51
C GLU B 333 59.15 33.47 -25.11
N ARG B 334 58.22 33.35 -24.16
CA ARG B 334 58.64 33.11 -22.77
C ARG B 334 59.34 31.77 -22.59
N LEU B 335 58.84 30.78 -23.30
CA LEU B 335 59.41 29.43 -23.25
C LEU B 335 60.84 29.33 -23.80
N ARG B 336 61.05 30.04 -24.92
CA ARG B 336 62.33 30.10 -25.65
C ARG B 336 63.43 30.79 -24.86
N ALA B 337 63.01 31.69 -24.01
CA ALA B 337 63.91 32.49 -23.22
C ALA B 337 64.63 31.76 -22.14
N VAL B 338 64.21 30.55 -21.83
CA VAL B 338 64.88 29.82 -20.77
C VAL B 338 65.76 28.78 -21.41
N SER B 339 66.65 28.25 -20.61
CA SER B 339 67.53 27.20 -21.06
C SER B 339 66.73 25.91 -21.22
N ASP B 340 67.18 24.99 -22.06
CA ASP B 340 66.50 23.73 -22.24
C ASP B 340 67.23 22.65 -21.44
N ILE B 341 68.05 23.15 -20.55
CA ILE B 341 68.81 22.30 -19.67
C ILE B 341 68.15 22.41 -18.33
N HIS B 342 67.73 21.29 -17.79
CA HIS B 342 67.05 21.30 -16.53
C HIS B 342 67.80 22.03 -15.45
N PHE B 343 67.16 23.08 -14.92
CA PHE B 343 67.79 23.86 -13.86
C PHE B 343 68.43 23.02 -12.76
N ARG B 344 68.14 21.75 -12.67
CA ARG B 344 68.76 21.00 -11.61
C ARG B 344 69.19 19.64 -12.08
N GLU B 345 69.68 19.61 -13.32
CA GLU B 345 70.14 18.38 -13.93
C GLU B 345 71.64 18.20 -13.67
N THR C 2 -34.36 -52.64 35.77
CA THR C 2 -33.87 -51.45 36.43
C THR C 2 -34.98 -50.65 37.04
N GLN C 3 -34.66 -50.02 38.17
CA GLN C 3 -35.63 -49.18 38.86
C GLN C 3 -35.62 -47.76 38.30
N PHE C 4 -36.61 -47.46 37.44
CA PHE C 4 -36.78 -46.15 36.78
C PHE C 4 -36.62 -44.94 37.70
N ASN C 5 -35.67 -44.07 37.34
CA ASN C 5 -35.41 -42.88 38.15
C ASN C 5 -35.27 -41.61 37.32
N PRO C 6 -36.35 -40.88 37.22
CA PRO C 6 -36.37 -39.64 36.45
C PRO C 6 -35.11 -38.77 36.48
N VAL C 7 -34.45 -38.64 37.63
CA VAL C 7 -33.25 -37.78 37.70
C VAL C 7 -32.10 -38.32 36.92
N ASP C 8 -32.08 -39.65 36.82
CA ASP C 8 -31.06 -40.39 36.11
C ASP C 8 -31.55 -40.84 34.74
N HIS C 9 -32.78 -41.33 34.71
CA HIS C 9 -33.43 -41.88 33.53
C HIS C 9 -34.11 -40.91 32.59
N PRO C 10 -33.85 -41.12 31.30
CA PRO C 10 -34.44 -40.33 30.25
C PRO C 10 -35.85 -40.80 29.94
N HIS C 11 -36.72 -39.84 29.70
CA HIS C 11 -38.11 -40.13 29.41
C HIS C 11 -38.76 -38.95 28.75
N ARG C 12 -40.03 -39.10 28.39
CA ARG C 12 -40.76 -38.02 27.76
C ARG C 12 -41.94 -37.61 28.58
N ARG C 13 -42.18 -36.29 28.62
CA ARG C 13 -43.30 -35.67 29.31
C ARG C 13 -44.22 -35.03 28.29
N TYR C 14 -45.51 -35.18 28.51
CA TYR C 14 -46.49 -34.62 27.60
C TYR C 14 -47.05 -33.28 28.05
N ASN C 15 -47.27 -32.46 27.00
CA ASN C 15 -47.81 -31.11 27.11
C ASN C 15 -49.26 -31.12 26.67
N PRO C 16 -50.09 -31.06 27.68
CA PRO C 16 -51.52 -31.08 27.55
C PRO C 16 -52.05 -29.87 26.80
N LEU C 17 -51.38 -28.72 26.96
CA LEU C 17 -51.75 -27.47 26.29
C LEU C 17 -51.47 -27.43 24.78
N THR C 18 -50.49 -28.21 24.32
CA THR C 18 -50.11 -28.21 22.93
C THR C 18 -50.11 -29.60 22.35
N GLY C 19 -50.25 -30.60 23.20
CA GLY C 19 -50.29 -31.97 22.71
C GLY C 19 -48.97 -32.48 22.20
N GLN C 20 -47.89 -31.93 22.75
CA GLN C 20 -46.57 -32.37 22.32
C GLN C 20 -45.81 -32.96 23.45
N TRP C 21 -44.85 -33.80 23.06
CA TRP C 21 -43.97 -34.41 24.03
C TRP C 21 -42.70 -33.59 24.15
N ILE C 22 -42.00 -33.82 25.25
CA ILE C 22 -40.76 -33.19 25.58
C ILE C 22 -39.82 -34.28 26.07
N LEU C 23 -38.62 -34.40 25.48
CA LEU C 23 -37.66 -35.40 25.91
C LEU C 23 -36.83 -34.90 27.09
N VAL C 24 -36.72 -35.75 28.11
CA VAL C 24 -35.98 -35.41 29.29
C VAL C 24 -34.76 -36.30 29.39
N SER C 25 -33.59 -35.66 29.55
CA SER C 25 -32.29 -36.32 29.64
C SER C 25 -31.41 -35.60 30.68
N PRO C 26 -31.73 -35.87 31.94
CA PRO C 26 -31.10 -35.21 33.09
C PRO C 26 -29.59 -35.16 33.18
N HIS C 27 -28.89 -36.00 32.47
CA HIS C 27 -27.46 -35.99 32.59
C HIS C 27 -26.72 -35.24 31.52
N ARG C 28 -27.44 -34.86 30.47
CA ARG C 28 -26.82 -34.12 29.39
C ARG C 28 -26.03 -32.90 29.88
N ALA C 29 -26.35 -32.51 31.10
CA ALA C 29 -25.73 -31.38 31.76
C ALA C 29 -24.22 -31.50 31.84
N LYS C 30 -23.75 -32.73 32.04
CA LYS C 30 -22.34 -33.07 32.19
C LYS C 30 -21.46 -32.88 30.95
N ARG C 31 -22.05 -32.97 29.75
CA ARG C 31 -21.23 -32.81 28.56
C ARG C 31 -20.41 -31.56 28.68
N PRO C 32 -19.26 -31.56 28.01
CA PRO C 32 -18.39 -30.40 28.02
C PRO C 32 -18.94 -29.32 27.09
N TRP C 33 -18.90 -28.07 27.54
CA TRP C 33 -19.42 -26.95 26.77
C TRP C 33 -18.33 -26.03 26.23
N GLN C 34 -18.07 -26.16 24.95
CA GLN C 34 -17.08 -25.32 24.29
C GLN C 34 -17.77 -24.47 23.22
N GLY C 35 -19.06 -24.19 23.52
CA GLY C 35 -19.95 -23.41 22.68
C GLY C 35 -20.08 -21.93 23.07
N ALA C 36 -21.23 -21.35 22.72
CA ALA C 36 -21.50 -19.95 23.00
C ALA C 36 -21.44 -19.49 24.46
N GLN C 37 -20.67 -18.41 24.68
CA GLN C 37 -20.56 -17.80 26.01
C GLN C 37 -21.47 -16.61 26.10
N GLU C 38 -22.47 -16.74 26.96
CA GLU C 38 -23.41 -15.69 27.12
C GLU C 38 -22.77 -14.38 27.49
N THR C 39 -23.51 -13.33 27.18
CA THR C 39 -23.08 -12.00 27.46
C THR C 39 -24.07 -11.32 28.39
N PRO C 40 -23.72 -11.43 29.68
CA PRO C 40 -24.50 -10.90 30.79
C PRO C 40 -24.79 -9.40 30.75
N ALA C 41 -26.08 -9.07 30.99
CA ALA C 41 -26.60 -7.70 31.02
C ALA C 41 -25.94 -6.90 32.13
N LYS C 42 -25.42 -5.72 31.73
CA LYS C 42 -24.70 -4.77 32.59
C LYS C 42 -25.43 -4.08 33.76
N GLN C 43 -24.64 -3.88 34.81
CA GLN C 43 -25.14 -3.22 36.00
C GLN C 43 -25.47 -1.80 35.64
N VAL C 44 -24.72 -0.87 36.23
CA VAL C 44 -24.88 0.58 36.03
C VAL C 44 -25.75 1.06 34.87
N LEU C 45 -26.87 1.70 35.22
CA LEU C 45 -27.82 2.25 34.28
C LEU C 45 -28.47 3.49 34.84
N PRO C 46 -28.84 4.42 33.94
CA PRO C 46 -29.47 5.68 34.34
C PRO C 46 -31.01 5.66 34.26
N ALA C 47 -31.65 6.52 35.05
CA ALA C 47 -33.10 6.56 35.00
C ALA C 47 -33.59 7.03 33.64
N HIS C 48 -32.82 7.96 33.08
CA HIS C 48 -33.16 8.52 31.79
C HIS C 48 -32.03 8.45 30.77
N ASP C 49 -32.37 7.98 29.58
CA ASP C 49 -31.45 7.87 28.47
C ASP C 49 -31.88 8.81 27.34
N PRO C 50 -31.05 9.83 27.16
CA PRO C 50 -31.25 10.88 26.17
C PRO C 50 -31.49 10.44 24.74
N ASP C 51 -30.93 9.29 24.41
CA ASP C 51 -31.06 8.77 23.08
C ASP C 51 -32.13 7.70 22.99
N CYS C 52 -32.52 7.13 24.14
CA CYS C 52 -33.53 6.08 24.17
C CYS C 52 -34.81 6.48 23.46
N PHE C 53 -35.12 5.75 22.39
CA PHE C 53 -36.30 6.02 21.60
C PHE C 53 -37.57 5.83 22.40
N LEU C 54 -37.44 5.10 23.51
CA LEU C 54 -38.56 4.80 24.40
C LEU C 54 -38.60 5.62 25.68
N CYS C 55 -37.62 6.50 25.89
CA CYS C 55 -37.60 7.32 27.10
C CYS C 55 -38.59 8.47 27.07
N ALA C 56 -38.93 8.96 28.26
CA ALA C 56 -39.88 10.07 28.34
C ALA C 56 -39.37 11.36 27.67
N GLY C 57 -40.24 11.99 26.90
CA GLY C 57 -39.90 13.24 26.26
C GLY C 57 -38.86 13.16 25.16
N ASN C 58 -38.44 11.95 24.77
CA ASN C 58 -37.46 11.82 23.70
C ASN C 58 -38.18 11.60 22.41
N VAL C 59 -37.50 11.73 21.29
CA VAL C 59 -38.16 11.51 20.01
C VAL C 59 -37.78 10.13 19.54
N ARG C 60 -38.71 9.53 18.83
CA ARG C 60 -38.58 8.19 18.28
C ARG C 60 -37.92 8.19 16.90
N VAL C 61 -37.47 7.01 16.49
CA VAL C 61 -36.84 6.81 15.20
C VAL C 61 -37.57 7.53 14.07
N THR C 62 -38.85 7.79 14.25
CA THR C 62 -39.58 8.44 13.17
C THR C 62 -39.79 9.92 13.42
N GLY C 63 -39.16 10.47 14.43
CA GLY C 63 -39.46 11.87 14.64
C GLY C 63 -40.50 12.12 15.73
N ASP C 64 -41.39 11.15 15.98
CA ASP C 64 -42.43 11.31 17.00
C ASP C 64 -41.90 11.44 18.40
N LYS C 65 -42.49 12.38 19.16
CA LYS C 65 -42.09 12.68 20.53
C LYS C 65 -42.97 12.04 21.59
N ASN C 66 -42.32 11.36 22.52
CA ASN C 66 -42.98 10.67 23.61
C ASN C 66 -43.35 11.65 24.70
N PRO C 67 -44.50 11.44 25.31
CA PRO C 67 -44.94 12.31 26.37
C PRO C 67 -44.02 12.28 27.53
N ASP C 68 -44.25 13.22 28.44
CA ASP C 68 -43.48 13.32 29.67
C ASP C 68 -44.11 12.37 30.65
N TYR C 69 -44.17 11.10 30.24
CA TYR C 69 -44.79 10.04 31.01
C TYR C 69 -44.11 9.72 32.32
N THR C 70 -44.95 9.45 33.32
CA THR C 70 -44.47 9.13 34.65
C THR C 70 -44.86 7.76 35.15
N GLY C 71 -45.85 7.18 34.48
CA GLY C 71 -46.31 5.85 34.82
C GLY C 71 -45.93 4.96 33.66
N THR C 72 -46.94 4.32 33.09
CA THR C 72 -46.71 3.49 31.93
C THR C 72 -47.09 4.33 30.71
N TYR C 73 -46.74 3.81 29.55
CA TYR C 73 -47.01 4.49 28.32
C TYR C 73 -47.12 3.47 27.20
N VAL C 74 -48.12 3.74 26.37
CA VAL C 74 -48.46 2.91 25.25
C VAL C 74 -48.63 3.77 24.01
N PHE C 75 -48.12 3.23 22.89
CA PHE C 75 -48.24 3.87 21.61
C PHE C 75 -48.19 2.80 20.57
N THR C 76 -48.67 3.12 19.38
CA THR C 76 -48.59 2.14 18.33
C THR C 76 -47.15 2.03 17.82
N ASN C 77 -46.68 0.80 17.71
CA ASN C 77 -45.34 0.51 17.27
C ASN C 77 -45.08 1.21 15.95
N ASP C 78 -43.93 1.83 15.83
CA ASP C 78 -43.64 2.54 14.58
C ASP C 78 -43.54 1.59 13.40
N PHE C 79 -43.29 0.31 13.70
CA PHE C 79 -43.13 -0.74 12.70
C PHE C 79 -44.01 -1.93 13.08
N ALA C 80 -45.29 -1.67 13.11
CA ALA C 80 -46.32 -2.62 13.49
C ALA C 80 -46.26 -3.87 12.65
N ALA C 81 -46.43 -5.05 13.26
CA ALA C 81 -46.39 -6.26 12.41
C ALA C 81 -47.69 -6.46 11.67
N LEU C 82 -48.77 -5.83 12.17
CA LEU C 82 -50.05 -5.99 11.55
C LEU C 82 -50.76 -4.69 11.44
N MET C 83 -51.64 -4.61 10.44
CA MET C 83 -52.42 -3.42 10.22
C MET C 83 -53.91 -3.72 10.21
N SER C 84 -54.68 -2.77 10.68
CA SER C 84 -56.10 -2.93 10.73
C SER C 84 -56.76 -3.01 9.38
N ASP C 85 -56.10 -2.56 8.33
CA ASP C 85 -56.77 -2.57 7.04
C ASP C 85 -56.11 -3.27 5.89
N THR C 86 -55.22 -4.20 6.17
CA THR C 86 -54.59 -4.90 5.05
C THR C 86 -55.61 -5.58 4.13
N PRO C 87 -55.29 -5.60 2.84
CA PRO C 87 -56.16 -6.23 1.86
C PRO C 87 -56.21 -7.72 2.09
N ASP C 88 -57.28 -8.34 1.64
CA ASP C 88 -57.39 -9.78 1.81
C ASP C 88 -56.39 -10.54 0.97
N ALA C 89 -55.87 -11.62 1.54
CA ALA C 89 -55.01 -12.50 0.82
C ALA C 89 -55.94 -13.41 0.01
N PRO C 90 -55.50 -13.87 -1.16
CA PRO C 90 -56.35 -14.77 -1.96
C PRO C 90 -56.46 -16.19 -1.39
N GLU C 91 -57.66 -16.53 -0.92
CA GLU C 91 -57.93 -17.83 -0.39
C GLU C 91 -57.97 -18.87 -1.52
N SER C 92 -57.64 -20.10 -1.14
CA SER C 92 -57.64 -21.22 -2.07
C SER C 92 -57.66 -22.53 -1.30
N HIS C 93 -57.86 -23.65 -2.02
CA HIS C 93 -57.90 -24.98 -1.43
C HIS C 93 -56.60 -25.75 -1.65
N ASP C 94 -55.67 -25.10 -2.35
CA ASP C 94 -54.35 -25.65 -2.62
C ASP C 94 -53.75 -26.30 -1.39
N PRO C 95 -53.54 -27.59 -1.55
CA PRO C 95 -53.01 -28.40 -0.48
C PRO C 95 -51.52 -28.22 -0.26
N LEU C 96 -50.84 -27.55 -1.20
CA LEU C 96 -49.40 -27.40 -1.03
C LEU C 96 -49.02 -25.99 -0.64
N MET C 97 -49.58 -25.05 -1.40
CA MET C 97 -49.31 -23.66 -1.17
C MET C 97 -50.53 -22.78 -1.06
N ARG C 98 -50.82 -22.42 0.17
CA ARG C 98 -51.93 -21.54 0.35
C ARG C 98 -51.68 -20.58 1.50
N CYS C 99 -52.46 -19.50 1.46
CA CYS C 99 -52.35 -18.45 2.46
C CYS C 99 -53.69 -17.91 2.87
N GLN C 100 -53.62 -17.13 3.95
CA GLN C 100 -54.78 -16.48 4.50
C GLN C 100 -54.45 -15.06 4.91
N SER C 101 -55.50 -14.23 4.99
CA SER C 101 -55.34 -12.85 5.39
C SER C 101 -54.89 -12.71 6.83
N ALA C 102 -54.30 -11.54 7.10
CA ALA C 102 -53.81 -11.22 8.44
C ALA C 102 -53.96 -9.74 8.77
N ARG C 103 -54.79 -9.43 9.76
CA ARG C 103 -55.01 -8.06 10.23
C ARG C 103 -54.70 -7.96 11.71
N GLY C 104 -54.63 -6.72 12.17
CA GLY C 104 -54.33 -6.44 13.54
C GLY C 104 -53.61 -5.14 13.73
N THR C 105 -52.85 -5.09 14.80
CA THR C 105 -52.06 -3.94 15.10
C THR C 105 -51.00 -4.36 16.10
N SER C 106 -50.10 -3.46 16.42
CA SER C 106 -49.07 -3.79 17.39
C SER C 106 -48.81 -2.57 18.22
N ARG C 107 -48.75 -2.75 19.53
CA ARG C 107 -48.50 -1.61 20.37
C ARG C 107 -47.36 -1.92 21.30
N VAL C 108 -46.70 -0.85 21.77
CA VAL C 108 -45.55 -0.97 22.65
C VAL C 108 -45.85 -0.38 24.00
N ILE C 109 -45.37 -1.01 25.06
CA ILE C 109 -45.66 -0.44 26.34
C ILE C 109 -44.42 -0.30 27.16
N CYS C 110 -44.24 0.91 27.64
CA CYS C 110 -43.14 1.23 28.49
C CYS C 110 -43.60 1.02 29.91
N PHE C 111 -42.92 0.10 30.58
CA PHE C 111 -43.27 -0.24 31.94
C PHE C 111 -43.28 0.97 32.85
N SER C 112 -42.27 1.82 32.71
CA SER C 112 -42.10 3.06 33.48
C SER C 112 -41.10 3.95 32.75
N PRO C 113 -40.98 5.20 33.19
CA PRO C 113 -40.05 6.13 32.56
C PRO C 113 -38.61 5.78 32.87
N ASP C 114 -38.44 5.14 34.02
CA ASP C 114 -37.13 4.72 34.45
C ASP C 114 -36.53 3.65 33.55
N HIS C 115 -35.61 4.15 32.75
CA HIS C 115 -34.88 3.40 31.79
C HIS C 115 -34.16 2.18 32.39
N SER C 116 -33.80 2.25 33.66
CA SER C 116 -33.05 1.16 34.27
C SER C 116 -33.79 0.09 35.07
N LYS C 117 -34.96 0.45 35.64
CA LYS C 117 -35.77 -0.45 36.46
C LYS C 117 -36.54 -1.52 35.71
N THR C 118 -36.18 -2.79 35.93
CA THR C 118 -36.88 -3.90 35.30
C THR C 118 -38.04 -4.32 36.19
N LEU C 119 -38.88 -5.21 35.70
CA LEU C 119 -40.02 -5.65 36.48
C LEU C 119 -39.75 -5.85 37.97
N PRO C 120 -38.93 -6.84 38.30
CA PRO C 120 -38.64 -7.18 39.69
C PRO C 120 -38.19 -6.03 40.53
N GLU C 121 -37.75 -4.97 39.91
CA GLU C 121 -37.30 -3.87 40.72
C GLU C 121 -38.34 -2.79 40.84
N LEU C 122 -39.47 -2.99 40.16
CA LEU C 122 -40.51 -1.99 40.28
C LEU C 122 -41.34 -2.26 41.54
N SER C 123 -42.01 -1.23 42.05
CA SER C 123 -42.83 -1.37 43.24
C SER C 123 -44.14 -2.06 42.91
N VAL C 124 -44.73 -2.68 43.93
CA VAL C 124 -46.00 -3.33 43.76
C VAL C 124 -47.01 -2.41 43.15
N ALA C 125 -47.04 -1.15 43.62
CA ALA C 125 -47.97 -0.19 43.03
C ALA C 125 -47.71 0.09 41.55
N ALA C 126 -46.44 0.21 41.16
CA ALA C 126 -46.13 0.46 39.77
C ALA C 126 -46.47 -0.74 38.93
N LEU C 127 -46.23 -1.94 39.47
CA LEU C 127 -46.54 -3.19 38.76
C LEU C 127 -48.04 -3.31 38.58
N THR C 128 -48.73 -2.85 39.59
CA THR C 128 -50.18 -2.88 39.58
C THR C 128 -50.69 -2.02 38.44
N GLU C 129 -50.00 -0.91 38.17
CA GLU C 129 -50.41 -0.04 37.08
C GLU C 129 -50.21 -0.73 35.75
N ILE C 130 -49.19 -1.57 35.73
CA ILE C 130 -48.87 -2.30 34.52
C ILE C 130 -49.96 -3.30 34.19
N VAL C 131 -50.42 -3.98 35.28
CA VAL C 131 -51.48 -4.98 35.12
C VAL C 131 -52.66 -4.26 34.57
N LYS C 132 -52.93 -3.11 35.21
CA LYS C 132 -54.02 -2.23 34.79
C LYS C 132 -53.92 -1.83 33.30
N THR C 133 -52.69 -1.52 32.82
CA THR C 133 -52.55 -1.17 31.42
C THR C 133 -52.77 -2.37 30.49
N TRP C 134 -52.20 -3.53 30.91
CA TRP C 134 -52.42 -4.76 30.15
C TRP C 134 -53.94 -4.96 29.98
N GLN C 135 -54.71 -4.78 31.07
CA GLN C 135 -56.16 -4.94 31.05
C GLN C 135 -56.83 -4.02 30.05
N GLU C 136 -56.44 -2.74 30.14
CA GLU C 136 -56.98 -1.70 29.25
C GLU C 136 -56.75 -2.00 27.77
N GLN C 137 -55.54 -2.42 27.46
CA GLN C 137 -55.25 -2.71 26.08
C GLN C 137 -56.01 -3.93 25.63
N THR C 138 -56.05 -4.91 26.52
CA THR C 138 -56.75 -6.14 26.18
C THR C 138 -58.22 -5.91 25.91
N ALA C 139 -58.85 -5.17 26.82
CA ALA C 139 -60.26 -4.87 26.65
C ALA C 139 -60.51 -4.06 25.38
N GLU C 140 -59.69 -3.04 25.21
CA GLU C 140 -59.90 -2.24 24.05
C GLU C 140 -59.72 -2.99 22.74
N LEU C 141 -58.62 -3.67 22.62
CA LEU C 141 -58.37 -4.38 21.37
C LEU C 141 -59.33 -5.53 21.14
N GLY C 142 -59.75 -6.14 22.26
CA GLY C 142 -60.66 -7.26 22.22
C GLY C 142 -61.92 -6.91 21.45
N LYS C 143 -62.30 -5.65 21.57
CA LYS C 143 -63.51 -5.24 20.86
C LYS C 143 -63.43 -5.58 19.40
N THR C 144 -62.22 -5.49 18.86
CA THR C 144 -62.03 -5.72 17.44
C THR C 144 -61.39 -7.01 17.00
N TYR C 145 -60.45 -7.52 17.80
CA TYR C 145 -59.74 -8.73 17.45
C TYR C 145 -59.95 -9.90 18.38
N PRO C 146 -60.09 -11.09 17.79
CA PRO C 146 -60.26 -12.33 18.53
C PRO C 146 -59.09 -12.65 19.42
N TRP C 147 -57.85 -12.46 18.92
CA TRP C 147 -56.63 -12.73 19.69
C TRP C 147 -55.80 -11.50 20.00
N VAL C 148 -55.58 -11.29 21.29
CA VAL C 148 -54.81 -10.20 21.83
C VAL C 148 -53.66 -10.80 22.62
N GLN C 149 -52.47 -10.63 22.09
CA GLN C 149 -51.31 -11.18 22.71
C GLN C 149 -50.43 -10.21 23.44
N VAL C 150 -50.47 -10.22 24.75
CA VAL C 150 -49.61 -9.35 25.55
C VAL C 150 -48.32 -10.12 25.75
N PHE C 151 -47.18 -9.43 25.58
CA PHE C 151 -45.87 -10.05 25.75
C PHE C 151 -44.74 -9.12 26.19
N GLU C 152 -43.56 -9.72 26.28
CA GLU C 152 -42.36 -9.03 26.71
C GLU C 152 -41.14 -9.84 26.34
N ASN C 153 -40.21 -9.12 25.74
CA ASN C 153 -38.92 -9.67 25.37
C ASN C 153 -37.97 -8.96 26.30
N LYS C 154 -37.35 -9.73 27.17
CA LYS C 154 -36.44 -9.17 28.16
C LYS C 154 -34.97 -9.62 28.00
N GLY C 155 -34.09 -8.66 27.70
CA GLY C 155 -32.71 -9.05 27.55
C GLY C 155 -32.35 -9.31 26.10
N ALA C 156 -31.05 -9.09 25.92
CA ALA C 156 -30.36 -9.26 24.66
C ALA C 156 -30.57 -10.65 24.11
N ALA C 157 -30.27 -11.64 24.97
CA ALA C 157 -30.45 -13.03 24.59
C ALA C 157 -31.87 -13.32 24.08
N MET C 158 -32.83 -12.49 24.50
CA MET C 158 -34.22 -12.64 24.12
C MET C 158 -34.68 -11.89 22.91
N GLY C 159 -33.75 -11.41 22.11
CA GLY C 159 -34.18 -10.75 20.89
C GLY C 159 -34.80 -9.36 21.03
N CYS C 160 -34.58 -8.70 22.20
CA CYS C 160 -35.12 -7.35 22.30
C CYS C 160 -34.28 -6.47 21.40
N SER C 161 -34.95 -5.49 20.81
CA SER C 161 -34.34 -4.56 19.89
C SER C 161 -34.10 -3.21 20.55
N ASN C 162 -34.59 -3.10 21.79
CA ASN C 162 -34.53 -1.92 22.64
C ASN C 162 -34.38 -2.32 24.11
N PRO C 163 -33.54 -1.58 24.83
CA PRO C 163 -33.23 -1.88 26.22
C PRO C 163 -34.14 -1.22 27.25
N HIS C 164 -35.06 -0.33 26.82
CA HIS C 164 -35.97 0.29 27.81
C HIS C 164 -36.92 -0.81 28.30
N PRO C 165 -37.32 -0.77 29.56
CA PRO C 165 -38.21 -1.78 30.13
C PRO C 165 -39.64 -1.59 29.65
N GLY C 166 -40.14 -2.59 28.96
CA GLY C 166 -41.48 -2.53 28.44
C GLY C 166 -41.76 -3.80 27.71
N GLY C 167 -42.93 -3.84 27.14
CA GLY C 167 -43.32 -5.02 26.42
C GLY C 167 -44.13 -4.60 25.25
N GLN C 168 -44.87 -5.56 24.73
CA GLN C 168 -45.67 -5.28 23.54
C GLN C 168 -47.03 -5.96 23.54
N ILE C 169 -47.88 -5.48 22.62
CA ILE C 169 -49.22 -6.01 22.38
C ILE C 169 -49.54 -6.03 20.90
N TRP C 170 -49.73 -7.23 20.38
CA TRP C 170 -50.11 -7.45 19.00
C TRP C 170 -51.45 -8.15 18.98
N ALA C 171 -52.39 -7.53 18.32
CA ALA C 171 -53.72 -8.03 18.13
C ALA C 171 -53.83 -8.77 16.81
N ASN C 172 -54.57 -9.85 16.79
CA ASN C 172 -54.75 -10.59 15.58
C ASN C 172 -56.19 -10.69 15.26
N SER C 173 -56.43 -10.86 13.98
CA SER C 173 -57.78 -11.00 13.51
C SER C 173 -58.11 -12.48 13.26
N PHE C 174 -57.22 -13.32 13.71
CA PHE C 174 -57.32 -14.76 13.58
C PHE C 174 -56.71 -15.29 14.85
N LEU C 175 -56.73 -16.61 14.96
CA LEU C 175 -56.18 -17.28 16.11
C LEU C 175 -54.87 -17.87 15.67
N PRO C 176 -53.77 -17.36 16.25
CA PRO C 176 -52.45 -17.88 15.94
C PRO C 176 -52.31 -19.33 16.39
N ASN C 177 -51.34 -20.04 15.85
CA ASN C 177 -51.08 -21.44 16.16
C ASN C 177 -51.29 -21.86 17.63
N GLU C 178 -50.60 -21.19 18.55
CA GLU C 178 -50.66 -21.50 19.98
C GLU C 178 -52.01 -21.23 20.58
N ALA C 179 -52.72 -20.25 20.01
CA ALA C 179 -54.04 -19.87 20.48
C ALA C 179 -55.07 -20.89 20.04
N GLU C 180 -55.01 -21.28 18.77
CA GLU C 180 -55.95 -22.25 18.26
C GLU C 180 -55.76 -23.59 18.99
N ARG C 181 -54.51 -24.03 19.09
CA ARG C 181 -54.20 -25.28 19.74
C ARG C 181 -54.65 -25.29 21.20
N GLU C 182 -54.22 -24.30 21.94
CA GLU C 182 -54.55 -24.16 23.34
C GLU C 182 -56.06 -24.07 23.55
N ASP C 183 -56.75 -23.30 22.72
CA ASP C 183 -58.19 -23.21 22.87
C ASP C 183 -58.85 -24.56 22.61
N ARG C 184 -58.49 -25.19 21.51
CA ARG C 184 -59.05 -26.47 21.17
C ARG C 184 -58.77 -27.55 22.22
N LEU C 185 -57.52 -27.70 22.65
CA LEU C 185 -57.17 -28.72 23.65
C LEU C 185 -57.88 -28.53 25.00
N GLN C 186 -58.03 -27.27 25.40
CA GLN C 186 -58.66 -26.91 26.65
C GLN C 186 -60.14 -27.22 26.58
N LYS C 187 -60.72 -26.93 25.43
CA LYS C 187 -62.12 -27.19 25.14
C LYS C 187 -62.41 -28.69 25.25
N GLU C 188 -61.62 -29.57 24.57
CA GLU C 188 -61.77 -31.02 24.60
C GLU C 188 -61.65 -31.57 26.01
N TYR C 189 -60.67 -31.09 26.77
CA TYR C 189 -60.50 -31.51 28.14
C TYR C 189 -61.73 -31.16 28.98
N PHE C 190 -62.17 -29.94 28.88
CA PHE C 190 -63.32 -29.53 29.65
C PHE C 190 -64.55 -30.37 29.38
N ALA C 191 -64.80 -30.65 28.11
CA ALA C 191 -65.94 -31.44 27.68
C ALA C 191 -65.90 -32.89 28.22
N GLU C 192 -64.72 -33.37 28.57
CA GLU C 192 -64.60 -34.72 29.08
C GLU C 192 -64.63 -34.65 30.58
N GLN C 193 -63.83 -33.73 31.10
CA GLN C 193 -63.71 -33.57 32.52
C GLN C 193 -64.70 -32.63 33.13
N LYS C 194 -65.43 -31.92 32.30
CA LYS C 194 -66.40 -30.97 32.84
C LYS C 194 -65.76 -30.01 33.82
N SER C 195 -64.47 -29.78 33.60
CA SER C 195 -63.68 -28.89 34.42
C SER C 195 -62.52 -28.35 33.58
N PRO C 196 -62.07 -27.10 33.90
CA PRO C 196 -60.97 -26.46 33.17
C PRO C 196 -59.65 -27.13 33.50
N MET C 197 -59.00 -27.54 32.43
CA MET C 197 -57.71 -28.21 32.52
C MET C 197 -56.76 -27.54 33.50
N LEU C 198 -56.64 -26.21 33.41
CA LEU C 198 -55.69 -25.52 34.25
C LEU C 198 -56.11 -25.29 35.69
N VAL C 199 -57.42 -25.30 35.87
CA VAL C 199 -57.95 -25.16 37.21
C VAL C 199 -57.55 -26.45 37.93
N ASP C 200 -57.80 -27.56 37.20
CA ASP C 200 -57.42 -28.86 37.72
C ASP C 200 -55.93 -28.90 37.99
N TYR C 201 -55.18 -28.52 36.96
CA TYR C 201 -53.74 -28.47 37.04
C TYR C 201 -53.28 -27.69 38.26
N VAL C 202 -53.89 -26.54 38.52
CA VAL C 202 -53.49 -25.81 39.68
C VAL C 202 -53.75 -26.62 40.93
N GLN C 203 -54.93 -27.23 41.01
CA GLN C 203 -55.26 -28.03 42.16
C GLN C 203 -54.23 -29.13 42.38
N ARG C 204 -53.96 -29.90 41.32
CA ARG C 204 -52.96 -30.94 41.41
C ARG C 204 -51.63 -30.46 41.96
N GLU C 205 -51.20 -29.27 41.51
CA GLU C 205 -49.92 -28.70 41.92
C GLU C 205 -49.90 -28.23 43.37
N LEU C 206 -50.99 -27.54 43.77
CA LEU C 206 -51.08 -27.08 45.13
C LEU C 206 -50.95 -28.28 46.02
N ALA C 207 -51.46 -29.39 45.51
CA ALA C 207 -51.44 -30.67 46.18
C ALA C 207 -50.03 -31.24 46.26
N ASP C 208 -49.35 -31.18 45.12
CA ASP C 208 -47.99 -31.68 44.97
C ASP C 208 -46.94 -30.82 45.64
N GLY C 209 -46.74 -29.59 45.15
CA GLY C 209 -45.75 -28.68 45.74
C GLY C 209 -44.32 -28.88 45.23
N SER C 210 -44.03 -29.96 44.55
CA SER C 210 -42.67 -30.15 44.11
C SER C 210 -42.15 -29.25 42.98
N ARG C 211 -43.04 -28.77 42.10
CA ARG C 211 -42.69 -27.86 41.02
C ARG C 211 -43.11 -26.41 41.35
N THR C 212 -43.54 -26.22 42.60
CA THR C 212 -43.99 -24.90 43.06
C THR C 212 -42.86 -23.91 43.24
N VAL C 213 -43.04 -22.74 42.64
CA VAL C 213 -42.01 -21.71 42.71
C VAL C 213 -42.44 -20.48 43.52
N VAL C 214 -43.68 -20.02 43.30
CA VAL C 214 -44.22 -18.87 44.03
C VAL C 214 -45.68 -19.09 44.36
N GLU C 215 -46.06 -18.67 45.55
CA GLU C 215 -47.44 -18.82 45.97
C GLU C 215 -47.97 -17.66 46.76
N THR C 216 -49.05 -17.09 46.23
CA THR C 216 -49.68 -15.98 46.91
C THR C 216 -51.13 -16.37 47.19
N GLU C 217 -51.94 -15.47 47.72
CA GLU C 217 -53.32 -15.84 47.97
C GLU C 217 -54.07 -16.24 46.69
N HIS C 218 -53.93 -15.41 45.66
CA HIS C 218 -54.61 -15.61 44.41
C HIS C 218 -53.81 -16.21 43.25
N TRP C 219 -52.51 -16.41 43.43
CA TRP C 219 -51.72 -16.93 42.34
C TRP C 219 -50.77 -18.04 42.68
N LEU C 220 -50.45 -18.78 41.64
CA LEU C 220 -49.51 -19.88 41.70
C LEU C 220 -48.55 -19.89 40.49
N ALA C 221 -47.26 -20.09 40.79
CA ALA C 221 -46.24 -20.17 39.79
C ALA C 221 -45.43 -21.42 40.03
N VAL C 222 -45.29 -22.18 39.00
CA VAL C 222 -44.52 -23.38 39.11
C VAL C 222 -43.72 -23.59 37.84
N VAL C 223 -42.89 -24.60 37.84
CA VAL C 223 -42.18 -24.92 36.64
C VAL C 223 -43.08 -26.03 36.10
N PRO C 224 -43.97 -25.76 35.15
CA PRO C 224 -44.85 -26.81 34.70
C PRO C 224 -44.16 -28.12 34.52
N TYR C 225 -44.96 -29.13 34.70
CA TYR C 225 -44.47 -30.47 34.58
C TYR C 225 -43.80 -30.65 33.24
N TRP C 226 -44.45 -30.13 32.19
CA TRP C 226 -43.95 -30.30 30.85
C TRP C 226 -43.14 -29.11 30.36
N ALA C 227 -42.51 -28.42 31.27
CA ALA C 227 -41.73 -27.26 30.87
C ALA C 227 -40.74 -27.62 29.80
N ALA C 228 -40.46 -26.68 28.88
CA ALA C 228 -39.48 -26.88 27.81
C ALA C 228 -38.18 -26.16 28.14
N TRP C 229 -38.28 -24.89 28.51
CA TRP C 229 -37.11 -24.08 28.86
C TRP C 229 -36.65 -24.44 30.25
N PRO C 230 -35.34 -24.45 30.45
CA PRO C 230 -34.76 -24.81 31.72
C PRO C 230 -35.48 -24.28 32.94
N PHE C 231 -35.59 -22.97 33.05
CA PHE C 231 -36.25 -22.44 34.23
C PHE C 231 -37.60 -21.83 33.95
N GLU C 232 -38.28 -22.49 32.99
CA GLU C 232 -39.62 -22.16 32.54
C GLU C 232 -40.62 -22.19 33.70
N THR C 233 -41.53 -21.24 33.67
CA THR C 233 -42.58 -21.11 34.65
C THR C 233 -43.91 -20.83 33.99
N LEU C 234 -44.96 -21.21 34.73
CA LEU C 234 -46.34 -21.01 34.34
C LEU C 234 -46.94 -20.29 35.52
N LEU C 235 -47.52 -19.16 35.26
CA LEU C 235 -48.08 -18.39 36.35
C LEU C 235 -49.57 -18.34 36.18
N LEU C 236 -50.28 -18.81 37.20
CA LEU C 236 -51.72 -18.82 37.11
C LEU C 236 -52.47 -18.49 38.38
N PRO C 237 -53.69 -17.96 38.16
CA PRO C 237 -54.55 -17.58 39.25
C PRO C 237 -55.10 -18.88 39.84
N LYS C 238 -55.33 -18.86 41.12
CA LYS C 238 -55.84 -20.03 41.80
C LYS C 238 -57.30 -20.33 41.45
N ALA C 239 -58.04 -19.25 41.16
CA ALA C 239 -59.44 -19.29 40.80
C ALA C 239 -59.66 -19.24 39.29
N HIS C 240 -60.81 -19.70 38.88
CA HIS C 240 -61.16 -19.73 37.49
C HIS C 240 -61.33 -18.30 36.99
N VAL C 241 -60.39 -17.91 36.13
CA VAL C 241 -60.39 -16.60 35.51
C VAL C 241 -60.22 -16.80 34.04
N LEU C 242 -61.13 -16.21 33.31
CA LEU C 242 -61.17 -16.31 31.87
C LEU C 242 -60.16 -15.39 31.15
N ARG C 243 -60.12 -14.12 31.51
CA ARG C 243 -59.21 -13.16 30.90
C ARG C 243 -58.63 -12.23 31.94
N ILE C 244 -57.54 -11.53 31.57
CA ILE C 244 -56.88 -10.64 32.51
C ILE C 244 -57.81 -9.51 32.88
N THR C 245 -58.72 -9.25 31.95
CA THR C 245 -59.67 -8.19 32.18
C THR C 245 -60.66 -8.64 33.25
N ASP C 246 -60.72 -9.94 33.54
CA ASP C 246 -61.65 -10.49 34.54
C ASP C 246 -61.13 -10.51 35.95
N LEU C 247 -59.88 -10.13 36.15
CA LEU C 247 -59.35 -10.14 37.49
C LEU C 247 -59.98 -9.11 38.36
N THR C 248 -60.17 -9.50 39.61
CA THR C 248 -60.72 -8.56 40.54
C THR C 248 -59.59 -7.64 40.93
N ASP C 249 -59.92 -6.45 41.42
CA ASP C 249 -58.88 -5.54 41.83
C ASP C 249 -57.97 -6.15 42.87
N ALA C 250 -58.47 -7.03 43.75
CA ALA C 250 -57.54 -7.61 44.71
C ALA C 250 -56.65 -8.64 44.05
N GLN C 251 -57.20 -9.31 43.02
CA GLN C 251 -56.50 -10.32 42.24
C GLN C 251 -55.38 -9.65 41.43
N ARG C 252 -55.66 -8.42 41.03
CA ARG C 252 -54.72 -7.62 40.27
C ARG C 252 -53.55 -7.28 41.16
N SER C 253 -53.85 -6.57 42.25
CA SER C 253 -52.81 -6.21 43.21
C SER C 253 -51.96 -7.39 43.65
N ASP C 254 -52.56 -8.59 43.74
CA ASP C 254 -51.83 -9.77 44.15
C ASP C 254 -50.95 -10.31 43.03
N LEU C 255 -51.43 -10.15 41.79
CA LEU C 255 -50.70 -10.58 40.61
C LEU C 255 -49.39 -9.76 40.54
N ALA C 256 -49.50 -8.46 40.86
CA ALA C 256 -48.37 -7.57 40.89
C ALA C 256 -47.32 -8.11 41.86
N LEU C 257 -47.75 -8.47 43.08
CA LEU C 257 -46.87 -9.00 44.11
C LEU C 257 -46.20 -10.31 43.68
N ALA C 258 -47.00 -11.12 43.02
CA ALA C 258 -46.58 -12.41 42.54
C ALA C 258 -45.53 -12.30 41.45
N LEU C 259 -45.78 -11.41 40.49
CA LEU C 259 -44.85 -11.12 39.39
C LEU C 259 -43.52 -10.65 39.99
N LYS C 260 -43.62 -9.78 40.99
CA LYS C 260 -42.47 -9.28 41.65
C LYS C 260 -41.65 -10.39 42.32
N LYS C 261 -42.31 -11.33 42.96
CA LYS C 261 -41.53 -12.37 43.61
C LYS C 261 -40.94 -13.36 42.62
N LEU C 262 -41.74 -13.66 41.60
CA LEU C 262 -41.36 -14.61 40.58
C LEU C 262 -40.12 -14.08 39.87
N THR C 263 -40.23 -12.86 39.34
CA THR C 263 -39.12 -12.24 38.63
C THR C 263 -37.91 -12.00 39.53
N SER C 264 -38.15 -11.80 40.83
CA SER C 264 -37.07 -11.61 41.78
C SER C 264 -36.32 -12.91 42.00
N ARG C 265 -37.03 -14.02 42.03
CA ARG C 265 -36.32 -15.27 42.22
C ARG C 265 -35.44 -15.51 41.02
N TYR C 266 -35.99 -15.19 39.85
CA TYR C 266 -35.33 -15.34 38.57
C TYR C 266 -33.97 -14.61 38.60
N ASP C 267 -34.00 -13.32 38.92
CA ASP C 267 -32.78 -12.50 38.98
C ASP C 267 -31.82 -13.01 40.02
N ASN C 268 -32.34 -13.44 41.15
CA ASN C 268 -31.52 -13.94 42.23
C ASN C 268 -30.79 -15.23 41.91
N LEU C 269 -31.33 -16.02 40.97
CA LEU C 269 -30.77 -17.32 40.56
C LEU C 269 -29.29 -17.24 40.22
N PHE C 270 -28.94 -16.33 39.30
CA PHE C 270 -27.56 -16.16 38.91
C PHE C 270 -27.05 -14.79 39.32
N GLN C 271 -27.88 -14.10 40.08
CA GLN C 271 -27.55 -12.77 40.57
C GLN C 271 -27.31 -11.81 39.45
N CYS C 272 -28.23 -11.84 38.50
CA CYS C 272 -28.18 -10.98 37.36
C CYS C 272 -29.55 -10.78 36.72
N SER C 273 -29.64 -9.78 35.85
CA SER C 273 -30.88 -9.57 35.18
C SER C 273 -31.16 -10.80 34.32
N PHE C 274 -32.21 -11.53 34.63
CA PHE C 274 -32.56 -12.74 33.90
C PHE C 274 -33.42 -12.44 32.69
N PRO C 275 -32.92 -12.78 31.54
CA PRO C 275 -33.69 -12.52 30.37
C PRO C 275 -34.73 -13.61 30.13
N TYR C 276 -35.76 -13.23 29.38
CA TYR C 276 -36.82 -14.15 29.00
C TYR C 276 -37.81 -13.51 28.08
N SER C 277 -38.68 -14.35 27.56
CA SER C 277 -39.83 -13.91 26.77
C SER C 277 -40.99 -14.37 27.68
N MET C 278 -41.99 -13.52 27.86
CA MET C 278 -43.16 -13.79 28.68
C MET C 278 -44.44 -13.30 27.99
N GLY C 279 -45.58 -13.95 28.26
CA GLY C 279 -46.84 -13.58 27.66
C GLY C 279 -48.06 -14.16 28.39
N TRP C 280 -49.18 -13.57 28.10
CA TRP C 280 -50.41 -13.99 28.71
C TRP C 280 -51.30 -14.71 27.73
N HIS C 281 -51.83 -15.83 28.22
CA HIS C 281 -52.79 -16.65 27.48
C HIS C 281 -54.11 -16.55 28.23
N GLY C 282 -55.20 -16.16 27.52
CA GLY C 282 -56.56 -16.01 28.04
C GLY C 282 -57.56 -16.27 26.91
N ALA C 283 -58.85 -16.33 27.22
CA ALA C 283 -59.85 -16.61 26.20
C ALA C 283 -59.91 -15.60 25.08
N PRO C 284 -60.14 -16.10 23.87
CA PRO C 284 -60.26 -15.24 22.72
C PRO C 284 -61.56 -14.47 22.78
N PHE C 285 -61.60 -13.44 21.98
CA PHE C 285 -62.78 -12.64 21.86
C PHE C 285 -63.51 -13.03 20.58
N ASN C 286 -63.84 -14.31 20.50
CA ASN C 286 -64.55 -14.88 19.38
C ASN C 286 -66.05 -14.91 19.66
N GLY C 287 -66.45 -14.52 20.87
CA GLY C 287 -67.87 -14.54 21.24
C GLY C 287 -68.43 -15.93 21.59
N GLU C 288 -67.58 -16.96 21.61
CA GLU C 288 -68.04 -18.33 21.92
C GLU C 288 -68.00 -18.62 23.40
N GLU C 289 -68.42 -19.83 23.81
CA GLU C 289 -68.35 -20.11 25.24
C GLU C 289 -66.90 -20.49 25.47
N ASN C 290 -66.31 -19.93 26.50
CA ASN C 290 -64.93 -20.22 26.76
C ASN C 290 -64.68 -20.62 28.18
N GLN C 291 -65.67 -21.26 28.79
CA GLN C 291 -65.51 -21.71 30.15
C GLN C 291 -64.33 -22.67 30.29
N HIS C 292 -63.91 -23.23 29.16
CA HIS C 292 -62.79 -24.15 29.17
C HIS C 292 -61.45 -23.45 29.37
N TRP C 293 -61.46 -22.12 29.22
CA TRP C 293 -60.27 -21.29 29.38
C TRP C 293 -59.89 -21.01 30.82
N GLN C 294 -58.59 -20.87 30.98
CA GLN C 294 -57.95 -20.56 32.23
C GLN C 294 -56.76 -19.62 31.94
N LEU C 295 -56.92 -18.38 32.36
CA LEU C 295 -55.93 -17.33 32.16
C LEU C 295 -54.56 -17.76 32.69
N HIS C 296 -53.49 -17.55 31.94
CA HIS C 296 -52.19 -17.94 32.43
C HIS C 296 -51.10 -17.18 31.68
N ALA C 297 -49.94 -17.13 32.31
CA ALA C 297 -48.76 -16.48 31.72
C ALA C 297 -47.63 -17.46 31.72
N HIS C 298 -46.91 -17.51 30.60
CA HIS C 298 -45.74 -18.38 30.48
C HIS C 298 -44.47 -17.54 30.49
N PHE C 299 -43.41 -18.07 31.09
CA PHE C 299 -42.14 -17.37 31.10
C PHE C 299 -41.16 -18.31 30.46
N TYR C 300 -40.53 -17.86 29.35
CA TYR C 300 -39.57 -18.70 28.64
C TYR C 300 -38.16 -18.13 28.62
N PRO C 301 -37.37 -18.50 29.65
CA PRO C 301 -36.01 -18.08 29.86
C PRO C 301 -35.00 -19.06 29.25
N PRO C 302 -33.93 -18.46 28.69
CA PRO C 302 -32.84 -19.19 28.04
C PRO C 302 -31.69 -19.67 28.94
N LEU C 303 -31.44 -18.98 30.07
CA LEU C 303 -30.33 -19.34 30.94
C LEU C 303 -30.38 -20.74 31.46
N LEU C 304 -29.22 -21.38 31.46
CA LEU C 304 -29.12 -22.76 31.87
C LEU C 304 -28.12 -23.09 32.96
N ARG C 305 -26.80 -23.00 32.66
CA ARG C 305 -25.73 -23.31 33.62
C ARG C 305 -25.32 -22.17 34.52
N SER C 306 -25.50 -20.96 34.02
CA SER C 306 -25.12 -19.78 34.78
C SER C 306 -25.55 -18.56 34.01
N ALA C 307 -25.03 -17.41 34.40
CA ALA C 307 -25.38 -16.18 33.71
C ALA C 307 -24.77 -16.12 32.32
N THR C 308 -23.80 -16.97 32.04
CA THR C 308 -23.22 -16.91 30.72
C THR C 308 -23.49 -18.10 29.89
N VAL C 309 -24.18 -19.10 30.47
CA VAL C 309 -24.48 -20.31 29.72
C VAL C 309 -25.96 -20.53 29.56
N ARG C 310 -26.42 -20.41 28.31
CA ARG C 310 -27.79 -20.55 27.97
C ARG C 310 -28.04 -21.87 27.26
N LYS C 311 -29.31 -22.24 27.18
CA LYS C 311 -29.66 -23.45 26.47
C LYS C 311 -29.97 -23.06 25.03
N PHE C 312 -29.62 -23.91 24.08
CA PHE C 312 -29.93 -23.62 22.69
C PHE C 312 -30.89 -24.68 22.17
N MET C 313 -32.04 -24.24 21.71
CA MET C 313 -33.05 -25.10 21.17
C MET C 313 -32.81 -25.24 19.68
N VAL C 314 -31.92 -26.16 19.33
CA VAL C 314 -31.58 -26.36 17.94
C VAL C 314 -31.32 -27.82 17.65
N GLY C 315 -30.94 -28.07 16.41
CA GLY C 315 -30.61 -29.39 15.93
C GLY C 315 -31.78 -30.37 16.11
N TYR C 316 -31.57 -31.38 16.99
CA TYR C 316 -32.56 -32.40 17.32
C TYR C 316 -33.85 -31.72 17.77
N GLU C 317 -33.70 -30.70 18.62
CA GLU C 317 -34.86 -30.00 19.09
C GLU C 317 -35.74 -29.43 17.99
N MET C 318 -35.12 -28.94 16.92
CA MET C 318 -35.88 -28.37 15.82
C MET C 318 -36.30 -29.40 14.80
N LEU C 319 -35.59 -30.52 14.76
CA LEU C 319 -35.96 -31.48 13.74
C LEU C 319 -36.79 -32.64 14.27
N ALA C 320 -36.90 -32.78 15.60
CA ALA C 320 -37.64 -33.88 16.24
C ALA C 320 -38.51 -33.41 17.40
N GLU C 321 -37.88 -33.11 18.53
CA GLU C 321 -38.65 -32.62 19.65
C GLU C 321 -37.73 -32.04 20.72
N THR C 322 -38.28 -31.10 21.50
CA THR C 322 -37.55 -30.45 22.58
C THR C 322 -36.89 -31.45 23.53
N GLN C 323 -35.67 -31.13 23.96
CA GLN C 323 -34.86 -31.97 24.84
C GLN C 323 -34.28 -31.17 25.99
N ARG C 324 -34.65 -31.54 27.21
CA ARG C 324 -34.16 -30.84 28.37
C ARG C 324 -33.09 -31.62 29.07
N ASP C 325 -32.18 -30.84 29.68
CA ASP C 325 -31.04 -31.40 30.39
C ASP C 325 -31.26 -31.59 31.88
N LEU C 326 -32.21 -30.85 32.43
CA LEU C 326 -32.53 -30.93 33.85
C LEU C 326 -34.03 -31.06 34.05
N THR C 327 -34.45 -31.72 35.13
CA THR C 327 -35.87 -31.90 35.38
C THR C 327 -36.56 -30.64 35.87
N ALA C 328 -37.86 -30.62 35.61
CA ALA C 328 -38.70 -29.52 36.02
C ALA C 328 -38.61 -29.35 37.50
N GLU C 329 -38.44 -30.49 38.16
CA GLU C 329 -38.35 -30.57 39.60
C GLU C 329 -37.04 -30.05 40.16
N GLN C 330 -35.95 -30.34 39.44
CA GLN C 330 -34.63 -29.87 39.79
C GLN C 330 -34.64 -28.35 39.67
N ALA C 331 -35.24 -27.89 38.58
CA ALA C 331 -35.38 -26.49 38.31
C ALA C 331 -36.16 -25.74 39.39
N ALA C 332 -37.35 -26.25 39.72
CA ALA C 332 -38.13 -25.58 40.73
C ALA C 332 -37.42 -25.52 42.07
N GLU C 333 -36.77 -26.63 42.43
CA GLU C 333 -36.05 -26.65 43.69
C GLU C 333 -35.01 -25.53 43.74
N ARG C 334 -34.26 -25.39 42.64
CA ARG C 334 -33.25 -24.36 42.54
C ARG C 334 -33.91 -22.98 42.72
N LEU C 335 -35.04 -22.76 42.06
CA LEU C 335 -35.76 -21.49 42.19
C LEU C 335 -36.25 -21.22 43.60
N ARG C 336 -36.64 -22.28 44.32
CA ARG C 336 -37.14 -22.09 45.67
C ARG C 336 -35.99 -21.77 46.62
N ALA C 337 -34.80 -22.27 46.28
CA ALA C 337 -33.60 -22.07 47.12
C ALA C 337 -33.18 -20.63 47.37
N VAL C 338 -33.49 -19.74 46.44
CA VAL C 338 -33.11 -18.35 46.58
C VAL C 338 -34.17 -17.47 47.25
N SER C 339 -33.81 -16.20 47.39
CA SER C 339 -34.71 -15.24 47.95
C SER C 339 -35.67 -14.72 46.88
N ASP C 340 -36.78 -14.16 47.36
CA ASP C 340 -37.79 -13.60 46.51
C ASP C 340 -37.78 -12.08 46.58
N ILE C 341 -36.71 -11.60 47.24
CA ILE C 341 -36.45 -10.17 47.34
C ILE C 341 -35.32 -9.90 46.34
N HIS C 342 -35.60 -9.07 45.32
CA HIS C 342 -34.61 -8.74 44.32
C HIS C 342 -33.28 -8.38 44.99
N PHE C 343 -32.19 -9.06 44.61
CA PHE C 343 -30.83 -8.86 45.13
C PHE C 343 -30.38 -7.42 45.37
N ARG C 344 -30.93 -6.51 44.60
CA ARG C 344 -30.57 -5.12 44.77
C ARG C 344 -31.43 -4.43 45.83
N GLU C 345 -32.55 -5.08 46.20
CA GLU C 345 -33.53 -4.56 47.20
C GLU C 345 -33.20 -4.95 48.63
N THR D 2 -57.44 -1.86 -2.19
CA THR D 2 -56.10 -2.13 -2.69
C THR D 2 -55.84 -3.60 -2.93
N GLN D 3 -55.01 -3.85 -3.94
CA GLN D 3 -54.66 -5.18 -4.31
C GLN D 3 -53.56 -5.70 -3.41
N PHE D 4 -53.74 -6.95 -2.97
CA PHE D 4 -52.82 -7.61 -2.11
C PHE D 4 -51.47 -7.81 -2.78
N ASN D 5 -50.44 -7.55 -2.01
CA ASN D 5 -49.10 -7.75 -2.51
C ASN D 5 -48.30 -8.43 -1.43
N PRO D 6 -47.90 -9.66 -1.68
CA PRO D 6 -47.16 -10.40 -0.70
C PRO D 6 -45.97 -9.66 -0.14
N VAL D 7 -45.32 -8.83 -0.94
CA VAL D 7 -44.15 -8.13 -0.39
C VAL D 7 -44.53 -6.87 0.33
N ASP D 8 -45.78 -6.54 0.20
CA ASP D 8 -46.23 -5.34 0.84
C ASP D 8 -47.24 -5.57 1.97
N HIS D 9 -48.00 -6.66 1.90
CA HIS D 9 -49.04 -6.97 2.88
C HIS D 9 -48.81 -8.21 3.71
N PRO D 10 -49.01 -8.06 5.00
CA PRO D 10 -48.85 -9.19 5.88
C PRO D 10 -49.93 -10.25 5.57
N HIS D 11 -49.58 -11.49 5.83
CA HIS D 11 -50.44 -12.61 5.53
C HIS D 11 -49.88 -13.85 6.22
N ARG D 12 -50.63 -14.95 6.18
CA ARG D 12 -50.15 -16.19 6.77
C ARG D 12 -50.00 -17.28 5.71
N ARG D 13 -49.05 -18.17 5.95
CA ARG D 13 -48.82 -19.25 5.01
C ARG D 13 -48.86 -20.56 5.73
N TYR D 14 -49.47 -21.53 5.08
CA TYR D 14 -49.60 -22.85 5.67
C TYR D 14 -48.46 -23.82 5.37
N ASN D 15 -47.94 -24.46 6.43
CA ASN D 15 -46.92 -25.48 6.26
C ASN D 15 -47.69 -26.84 6.28
N PRO D 16 -47.85 -27.51 5.15
CA PRO D 16 -48.58 -28.74 5.12
C PRO D 16 -47.88 -29.92 5.77
N LEU D 17 -46.61 -29.77 6.06
CA LEU D 17 -45.86 -30.86 6.67
C LEU D 17 -46.07 -30.93 8.17
N THR D 18 -46.56 -29.84 8.74
CA THR D 18 -46.75 -29.76 10.16
C THR D 18 -48.14 -29.19 10.51
N GLY D 19 -48.86 -28.75 9.49
CA GLY D 19 -50.17 -28.22 9.75
C GLY D 19 -50.17 -26.98 10.61
N GLN D 20 -49.12 -26.16 10.46
CA GLN D 20 -48.98 -24.91 11.20
C GLN D 20 -48.89 -23.72 10.26
N TRP D 21 -49.23 -22.54 10.76
CA TRP D 21 -49.15 -21.33 9.96
C TRP D 21 -47.89 -20.50 10.28
N ILE D 22 -47.54 -19.64 9.32
CA ILE D 22 -46.39 -18.75 9.43
C ILE D 22 -46.89 -17.38 9.07
N LEU D 23 -46.67 -16.45 10.00
CA LEU D 23 -47.14 -15.11 9.77
C LEU D 23 -45.99 -14.39 9.07
N VAL D 24 -46.33 -13.75 7.98
CA VAL D 24 -45.41 -13.01 7.14
C VAL D 24 -45.72 -11.52 7.27
N SER D 25 -44.71 -10.73 7.65
CA SER D 25 -44.83 -9.28 7.80
C SER D 25 -43.58 -8.66 7.16
N PRO D 26 -43.70 -8.58 5.83
CA PRO D 26 -42.69 -8.20 4.87
C PRO D 26 -41.93 -6.90 5.05
N HIS D 27 -42.34 -6.02 5.95
CA HIS D 27 -41.66 -4.76 6.19
C HIS D 27 -41.02 -4.68 7.55
N ARG D 28 -41.15 -5.75 8.34
CA ARG D 28 -40.63 -5.74 9.68
C ARG D 28 -39.15 -5.43 9.87
N ALA D 29 -38.33 -5.87 8.91
CA ALA D 29 -36.87 -5.66 8.96
C ALA D 29 -36.39 -4.21 8.80
N LYS D 30 -37.29 -3.33 8.34
CA LYS D 30 -37.04 -1.91 8.17
C LYS D 30 -36.87 -1.22 9.51
N ARG D 31 -37.28 -1.92 10.56
CA ARG D 31 -37.18 -1.36 11.90
C ARG D 31 -35.74 -1.27 12.39
N PRO D 32 -35.53 -0.32 13.27
CA PRO D 32 -34.24 -0.13 13.88
C PRO D 32 -33.87 -1.33 14.75
N TRP D 33 -32.61 -1.75 14.71
CA TRP D 33 -32.13 -2.85 15.50
C TRP D 33 -31.03 -2.45 16.49
N GLN D 34 -31.37 -2.34 17.77
CA GLN D 34 -30.44 -2.01 18.81
C GLN D 34 -30.24 -3.18 19.76
N GLY D 35 -30.33 -4.37 19.20
CA GLY D 35 -30.16 -5.55 20.04
C GLY D 35 -28.81 -6.21 19.87
N ALA D 36 -28.76 -7.49 20.19
CA ALA D 36 -27.54 -8.28 20.11
C ALA D 36 -26.89 -8.19 18.75
N GLN D 37 -25.56 -8.39 18.78
CA GLN D 37 -24.69 -8.41 17.61
C GLN D 37 -23.99 -9.74 17.69
N GLU D 38 -24.12 -10.50 16.60
CA GLU D 38 -23.53 -11.84 16.49
C GLU D 38 -22.09 -11.73 16.13
N THR D 39 -21.29 -12.62 16.72
CA THR D 39 -19.86 -12.64 16.47
C THR D 39 -19.51 -13.68 15.41
N PRO D 40 -19.16 -13.20 14.20
CA PRO D 40 -18.83 -14.09 13.09
C PRO D 40 -17.66 -15.01 13.39
N ALA D 41 -17.65 -16.13 12.65
CA ALA D 41 -16.64 -17.16 12.76
C ALA D 41 -15.24 -16.76 12.29
N LYS D 42 -14.23 -17.28 13.01
CA LYS D 42 -12.82 -17.06 12.73
C LYS D 42 -12.43 -17.90 11.52
N GLN D 43 -12.32 -17.23 10.36
CA GLN D 43 -11.98 -17.83 9.09
C GLN D 43 -10.66 -18.59 9.12
N VAL D 44 -9.82 -18.17 10.07
CA VAL D 44 -8.48 -18.69 10.29
C VAL D 44 -8.35 -19.79 11.33
N LEU D 45 -8.27 -21.06 10.86
CA LEU D 45 -8.11 -22.19 11.75
C LEU D 45 -7.11 -23.20 11.19
N PRO D 46 -6.56 -24.01 12.08
CA PRO D 46 -5.61 -25.06 11.72
C PRO D 46 -6.33 -26.37 11.47
N ALA D 47 -5.84 -27.13 10.48
CA ALA D 47 -6.38 -28.42 10.11
C ALA D 47 -6.41 -29.36 11.30
N HIS D 48 -5.51 -29.08 12.24
CA HIS D 48 -5.36 -29.86 13.45
C HIS D 48 -5.28 -29.01 14.70
N ASP D 49 -5.91 -29.52 15.75
CA ASP D 49 -5.96 -28.85 17.02
C ASP D 49 -5.70 -29.82 18.17
N PRO D 50 -4.42 -29.92 18.52
CA PRO D 50 -3.90 -30.78 19.57
C PRO D 50 -4.81 -30.85 20.77
N ASP D 51 -5.73 -29.88 20.85
CA ASP D 51 -6.64 -29.83 21.96
C ASP D 51 -8.09 -30.14 21.61
N CYS D 52 -8.33 -30.50 20.35
CA CYS D 52 -9.67 -30.80 19.90
C CYS D 52 -10.06 -32.25 20.17
N PHE D 53 -11.17 -32.43 20.88
CA PHE D 53 -11.69 -33.77 21.22
C PHE D 53 -12.14 -34.58 20.01
N LEU D 54 -12.36 -33.87 18.90
CA LEU D 54 -12.80 -34.39 17.60
C LEU D 54 -11.66 -34.53 16.58
N CYS D 55 -10.53 -34.05 17.00
CA CYS D 55 -9.42 -34.15 16.12
C CYS D 55 -8.86 -35.55 16.15
N ALA D 56 -8.46 -36.00 14.97
CA ALA D 56 -7.88 -37.30 14.80
C ALA D 56 -6.74 -37.48 15.77
N GLY D 57 -6.62 -38.66 16.37
CA GLY D 57 -5.56 -38.92 17.32
C GLY D 57 -5.66 -38.26 18.70
N ASN D 58 -6.57 -37.30 18.91
CA ASN D 58 -6.63 -36.68 20.24
C ASN D 58 -7.43 -37.48 21.23
N VAL D 59 -7.20 -37.19 22.49
CA VAL D 59 -7.92 -37.86 23.53
C VAL D 59 -9.23 -37.15 23.83
N ARG D 60 -10.25 -37.94 24.14
CA ARG D 60 -11.53 -37.38 24.48
C ARG D 60 -11.61 -37.15 25.96
N VAL D 61 -12.68 -36.46 26.37
CA VAL D 61 -12.91 -36.12 27.76
C VAL D 61 -13.01 -37.38 28.61
N THR D 62 -13.20 -38.51 27.95
CA THR D 62 -13.30 -39.76 28.65
C THR D 62 -11.94 -40.40 28.72
N GLY D 63 -11.01 -39.80 27.99
CA GLY D 63 -9.67 -40.32 27.89
C GLY D 63 -9.61 -41.16 26.63
N ASP D 64 -10.77 -41.42 26.06
CA ASP D 64 -10.91 -42.18 24.85
C ASP D 64 -10.11 -41.52 23.72
N LYS D 65 -9.25 -42.30 23.12
CA LYS D 65 -8.42 -41.83 22.05
C LYS D 65 -9.00 -42.11 20.70
N ASN D 66 -9.04 -41.04 19.91
CA ASN D 66 -9.52 -41.04 18.53
C ASN D 66 -8.42 -41.61 17.65
N PRO D 67 -8.78 -42.38 16.65
CA PRO D 67 -7.73 -42.89 15.81
C PRO D 67 -7.32 -41.80 14.87
N ASP D 68 -6.27 -42.12 14.11
CA ASP D 68 -5.79 -41.20 13.11
C ASP D 68 -6.73 -41.40 11.95
N TYR D 69 -7.91 -40.85 12.08
CA TYR D 69 -8.91 -41.04 11.06
C TYR D 69 -8.76 -40.30 9.75
N THR D 70 -9.39 -40.93 8.78
CA THR D 70 -9.46 -40.46 7.41
C THR D 70 -10.93 -40.42 7.06
N GLY D 71 -11.35 -39.36 6.40
CA GLY D 71 -12.73 -39.22 6.04
C GLY D 71 -13.53 -38.95 7.32
N THR D 72 -14.71 -39.50 7.38
CA THR D 72 -15.52 -39.31 8.55
C THR D 72 -15.06 -40.21 9.68
N TYR D 73 -15.46 -39.83 10.87
CA TYR D 73 -15.19 -40.59 12.07
C TYR D 73 -16.42 -40.51 12.88
N VAL D 74 -16.96 -41.69 13.17
CA VAL D 74 -18.17 -41.86 13.96
C VAL D 74 -17.87 -42.59 15.24
N PHE D 75 -18.43 -42.05 16.32
CA PHE D 75 -18.31 -42.62 17.67
C PHE D 75 -19.53 -42.29 18.53
N THR D 76 -19.71 -43.08 19.57
CA THR D 76 -20.84 -42.89 20.47
C THR D 76 -20.67 -41.66 21.35
N ASN D 77 -21.67 -40.80 21.33
CA ASN D 77 -21.56 -39.62 22.16
C ASN D 77 -21.10 -40.00 23.54
N ASP D 78 -20.16 -39.24 24.07
CA ASP D 78 -19.64 -39.52 25.42
C ASP D 78 -20.63 -39.10 26.53
N PHE D 79 -21.71 -38.43 26.10
CA PHE D 79 -22.81 -37.93 26.93
C PHE D 79 -24.11 -38.11 26.13
N ALA D 80 -24.39 -39.36 25.83
CA ALA D 80 -25.54 -39.70 25.06
C ALA D 80 -26.82 -39.18 25.70
N ALA D 81 -27.74 -38.71 24.88
CA ALA D 81 -28.99 -38.19 25.37
C ALA D 81 -29.99 -39.34 25.58
N LEU D 82 -29.69 -40.50 24.96
CA LEU D 82 -30.58 -41.65 25.08
C LEU D 82 -29.79 -42.95 25.18
N MET D 83 -30.32 -43.94 25.90
CA MET D 83 -29.63 -45.22 26.03
C MET D 83 -30.44 -46.36 25.49
N SER D 84 -29.74 -47.40 25.05
CA SER D 84 -30.41 -48.55 24.49
C SER D 84 -31.20 -49.32 25.54
N ASP D 85 -30.81 -49.17 26.81
CA ASP D 85 -31.46 -49.92 27.87
C ASP D 85 -32.10 -49.11 28.99
N THR D 86 -32.69 -47.99 28.66
CA THR D 86 -33.32 -47.20 29.70
C THR D 86 -34.56 -47.96 30.13
N PRO D 87 -34.73 -48.13 31.46
CA PRO D 87 -35.88 -48.84 31.96
C PRO D 87 -37.11 -48.05 31.62
N ASP D 88 -38.24 -48.74 31.58
CA ASP D 88 -39.46 -48.02 31.27
C ASP D 88 -39.74 -46.95 32.29
N ALA D 89 -40.47 -45.97 31.80
CA ALA D 89 -40.94 -44.88 32.60
C ALA D 89 -42.34 -45.35 32.90
N PRO D 90 -42.84 -44.95 34.06
CA PRO D 90 -44.16 -45.32 34.51
C PRO D 90 -45.29 -44.72 33.67
N GLU D 91 -46.29 -45.56 33.33
CA GLU D 91 -47.44 -45.14 32.55
C GLU D 91 -48.70 -44.92 33.41
N SER D 92 -49.29 -43.73 33.32
CA SER D 92 -50.47 -43.44 34.13
C SER D 92 -51.74 -43.15 33.34
N HIS D 93 -51.59 -42.78 32.09
CA HIS D 93 -52.73 -42.45 31.24
C HIS D 93 -53.45 -41.19 31.75
N ASP D 94 -52.75 -40.48 32.64
CA ASP D 94 -53.24 -39.26 33.25
C ASP D 94 -53.23 -38.05 32.33
N PRO D 95 -54.36 -37.39 32.30
CA PRO D 95 -54.55 -36.23 31.47
C PRO D 95 -53.70 -35.00 31.81
N LEU D 96 -53.18 -34.90 33.03
CA LEU D 96 -52.38 -33.73 33.38
C LEU D 96 -50.87 -33.93 33.42
N MET D 97 -50.44 -35.05 33.98
CA MET D 97 -49.02 -35.34 34.08
C MET D 97 -48.70 -36.77 33.73
N ARG D 98 -48.41 -37.02 32.44
CA ARG D 98 -48.05 -38.34 31.93
C ARG D 98 -46.63 -38.40 31.39
N CYS D 99 -46.05 -39.60 31.45
CA CYS D 99 -44.71 -39.89 31.01
C CYS D 99 -44.81 -40.99 29.97
N GLN D 100 -43.68 -41.22 29.30
CA GLN D 100 -43.51 -42.25 28.31
C GLN D 100 -42.06 -42.67 28.37
N SER D 101 -41.78 -43.88 27.88
CA SER D 101 -40.43 -44.41 27.87
C SER D 101 -39.59 -43.71 26.80
N ALA D 102 -38.26 -43.72 26.98
CA ALA D 102 -37.35 -43.08 26.03
C ALA D 102 -36.03 -43.80 25.91
N ARG D 103 -35.87 -44.49 24.79
CA ARG D 103 -34.65 -45.22 24.50
C ARG D 103 -34.11 -44.84 23.13
N GLY D 104 -32.84 -45.17 22.94
CA GLY D 104 -32.13 -44.90 21.70
C GLY D 104 -30.67 -44.68 22.01
N THR D 105 -30.01 -43.97 21.09
CA THR D 105 -28.60 -43.64 21.23
C THR D 105 -28.24 -42.35 20.51
N SER D 106 -27.03 -41.93 20.78
CA SER D 106 -26.44 -40.73 20.22
C SER D 106 -25.00 -40.96 19.78
N ARG D 107 -24.76 -40.63 18.52
CA ARG D 107 -23.44 -40.76 17.95
C ARG D 107 -23.01 -39.41 17.41
N VAL D 108 -21.69 -39.25 17.38
CA VAL D 108 -21.08 -38.05 16.86
C VAL D 108 -20.35 -38.39 15.58
N ILE D 109 -20.56 -37.57 14.57
CA ILE D 109 -19.88 -37.79 13.30
C ILE D 109 -18.93 -36.65 12.94
N CYS D 110 -17.66 -36.95 12.78
CA CYS D 110 -16.71 -35.93 12.36
C CYS D 110 -16.71 -35.96 10.84
N PHE D 111 -16.94 -34.81 10.21
CA PHE D 111 -16.99 -34.77 8.76
C PHE D 111 -15.68 -35.20 8.13
N SER D 112 -14.59 -34.81 8.77
CA SER D 112 -13.24 -35.10 8.32
C SER D 112 -12.21 -34.68 9.35
N PRO D 113 -11.00 -35.20 9.21
CA PRO D 113 -9.92 -34.92 10.15
C PRO D 113 -9.46 -33.46 10.22
N ASP D 114 -9.65 -32.73 9.10
CA ASP D 114 -9.33 -31.31 8.92
C ASP D 114 -10.22 -30.38 9.75
N HIS D 115 -9.75 -30.04 10.93
CA HIS D 115 -10.49 -29.20 11.83
C HIS D 115 -10.99 -27.89 11.31
N SER D 116 -10.42 -27.43 10.18
CA SER D 116 -10.76 -26.14 9.57
C SER D 116 -11.70 -26.15 8.37
N LYS D 117 -11.97 -27.31 7.77
CA LYS D 117 -12.84 -27.31 6.61
C LYS D 117 -14.32 -27.60 6.84
N THR D 118 -15.16 -26.62 6.45
CA THR D 118 -16.61 -26.72 6.54
C THR D 118 -17.21 -27.42 5.32
N LEU D 119 -18.51 -27.73 5.35
CA LEU D 119 -19.16 -28.42 4.25
C LEU D 119 -18.89 -27.88 2.85
N PRO D 120 -19.13 -26.60 2.67
CA PRO D 120 -18.95 -25.97 1.37
C PRO D 120 -17.48 -26.00 0.95
N GLU D 121 -16.59 -25.91 1.95
CA GLU D 121 -15.13 -25.94 1.87
C GLU D 121 -14.53 -27.35 1.74
N LEU D 122 -15.37 -28.40 1.49
CA LEU D 122 -14.91 -29.79 1.31
C LEU D 122 -15.17 -30.20 -0.14
N SER D 123 -14.41 -31.16 -0.67
CA SER D 123 -14.65 -31.59 -2.05
C SER D 123 -15.95 -32.38 -2.20
N VAL D 124 -16.42 -32.42 -3.42
CA VAL D 124 -17.62 -33.18 -3.70
C VAL D 124 -17.38 -34.62 -3.24
N ALA D 125 -16.18 -35.11 -3.53
CA ALA D 125 -15.83 -36.46 -3.14
C ALA D 125 -15.87 -36.61 -1.63
N ALA D 126 -15.31 -35.62 -0.94
CA ALA D 126 -15.31 -35.68 0.50
C ALA D 126 -16.74 -35.61 1.03
N LEU D 127 -17.60 -34.94 0.27
CA LEU D 127 -19.00 -34.78 0.62
C LEU D 127 -19.72 -36.11 0.43
N THR D 128 -19.31 -36.83 -0.59
CA THR D 128 -19.88 -38.13 -0.89
C THR D 128 -19.56 -39.12 0.21
N GLU D 129 -18.38 -38.96 0.79
CA GLU D 129 -18.00 -39.82 1.87
C GLU D 129 -18.97 -39.61 3.04
N ILE D 130 -19.29 -38.35 3.28
CA ILE D 130 -20.22 -38.03 4.35
C ILE D 130 -21.58 -38.64 4.04
N VAL D 131 -22.04 -38.49 2.80
CA VAL D 131 -23.30 -39.07 2.45
C VAL D 131 -23.30 -40.54 2.80
N LYS D 132 -22.29 -41.23 2.28
CA LYS D 132 -22.18 -42.65 2.56
C LYS D 132 -22.32 -42.93 4.04
N THR D 133 -21.63 -42.15 4.85
CA THR D 133 -21.70 -42.36 6.28
C THR D 133 -23.13 -42.18 6.80
N TRP D 134 -23.75 -41.14 6.27
CA TRP D 134 -25.11 -40.85 6.63
C TRP D 134 -25.96 -42.08 6.38
N GLN D 135 -25.78 -42.68 5.22
CA GLN D 135 -26.52 -43.89 4.90
C GLN D 135 -26.15 -45.06 5.81
N GLU D 136 -24.87 -45.36 5.93
CA GLU D 136 -24.44 -46.44 6.79
C GLU D 136 -25.03 -46.33 8.19
N GLN D 137 -24.97 -45.15 8.78
CA GLN D 137 -25.51 -44.95 10.11
C GLN D 137 -27.03 -45.10 10.19
N THR D 138 -27.70 -44.59 9.18
CA THR D 138 -29.13 -44.65 9.12
C THR D 138 -29.54 -46.09 8.99
N ALA D 139 -28.92 -46.78 8.04
CA ALA D 139 -29.27 -48.16 7.87
C ALA D 139 -29.06 -49.01 9.12
N GLU D 140 -27.95 -48.80 9.80
CA GLU D 140 -27.66 -49.61 10.97
C GLU D 140 -28.59 -49.33 12.12
N LEU D 141 -28.69 -48.06 12.46
CA LEU D 141 -29.55 -47.65 13.55
C LEU D 141 -30.98 -48.06 13.28
N GLY D 142 -31.36 -48.00 12.00
CA GLY D 142 -32.69 -48.35 11.54
C GLY D 142 -33.07 -49.79 11.88
N LYS D 143 -32.09 -50.67 11.90
CA LYS D 143 -32.39 -52.05 12.23
C LYS D 143 -33.07 -52.15 13.58
N THR D 144 -32.68 -51.23 14.47
CA THR D 144 -33.15 -51.15 15.85
C THR D 144 -34.11 -50.02 16.21
N TYR D 145 -34.00 -48.87 15.58
CA TYR D 145 -34.87 -47.76 15.92
C TYR D 145 -35.70 -47.29 14.77
N PRO D 146 -36.97 -47.03 15.08
CA PRO D 146 -37.94 -46.60 14.10
C PRO D 146 -37.61 -45.22 13.56
N TRP D 147 -37.01 -44.41 14.43
CA TRP D 147 -36.65 -43.06 14.06
C TRP D 147 -35.18 -42.77 14.23
N VAL D 148 -34.52 -42.48 13.07
CA VAL D 148 -33.11 -42.11 12.95
C VAL D 148 -32.99 -40.65 12.53
N GLN D 149 -32.45 -39.82 13.42
CA GLN D 149 -32.31 -38.37 13.20
C GLN D 149 -30.89 -37.90 12.95
N VAL D 150 -30.57 -37.68 11.68
CA VAL D 150 -29.26 -37.19 11.32
C VAL D 150 -29.39 -35.68 11.34
N PHE D 151 -28.43 -35.03 11.99
CA PHE D 151 -28.47 -33.59 12.06
C PHE D 151 -27.08 -32.96 12.22
N GLU D 152 -27.06 -31.64 12.14
CA GLU D 152 -25.80 -30.91 12.28
C GLU D 152 -26.05 -29.55 12.94
N ASN D 153 -25.24 -29.23 13.96
CA ASN D 153 -25.33 -27.94 14.62
C ASN D 153 -24.12 -27.14 14.15
N LYS D 154 -24.36 -26.12 13.37
CA LYS D 154 -23.24 -25.37 12.86
C LYS D 154 -23.22 -23.94 13.29
N GLY D 155 -22.18 -23.63 14.07
CA GLY D 155 -21.97 -22.27 14.51
C GLY D 155 -22.32 -22.00 15.93
N ALA D 156 -21.55 -21.04 16.48
CA ALA D 156 -21.72 -20.60 17.85
C ALA D 156 -23.15 -20.15 18.07
N ALA D 157 -23.73 -19.59 17.00
CA ALA D 157 -25.08 -19.13 17.07
C ALA D 157 -26.02 -20.31 17.19
N MET D 158 -25.58 -21.45 16.69
CA MET D 158 -26.39 -22.64 16.73
C MET D 158 -25.97 -23.64 17.78
N GLY D 159 -25.48 -23.08 18.90
CA GLY D 159 -25.05 -23.83 20.07
C GLY D 159 -24.24 -25.08 19.80
N CYS D 160 -23.22 -24.93 18.98
CA CYS D 160 -22.36 -26.06 18.74
C CYS D 160 -21.46 -25.98 19.96
N SER D 161 -21.30 -27.11 20.66
CA SER D 161 -20.50 -27.19 21.87
C SER D 161 -19.05 -27.50 21.54
N ASN D 162 -18.79 -27.70 20.22
CA ASN D 162 -17.47 -28.00 19.66
C ASN D 162 -17.28 -27.43 18.24
N PRO D 163 -16.10 -26.82 17.97
CA PRO D 163 -15.73 -26.18 16.68
C PRO D 163 -15.31 -27.08 15.53
N HIS D 164 -14.93 -28.33 15.75
CA HIS D 164 -14.58 -29.17 14.60
C HIS D 164 -15.85 -29.40 13.77
N PRO D 165 -15.69 -29.45 12.46
CA PRO D 165 -16.82 -29.66 11.58
C PRO D 165 -17.39 -31.07 11.68
N GLY D 166 -18.68 -31.18 11.98
CA GLY D 166 -19.30 -32.46 12.09
C GLY D 166 -20.74 -32.38 12.57
N GLY D 167 -21.38 -33.54 12.67
CA GLY D 167 -22.76 -33.57 13.10
C GLY D 167 -23.09 -34.64 14.15
N GLN D 168 -24.37 -34.99 14.18
CA GLN D 168 -24.76 -35.98 15.14
C GLN D 168 -25.83 -36.86 14.60
N ILE D 169 -26.06 -37.91 15.34
CA ILE D 169 -27.08 -38.84 14.99
C ILE D 169 -27.67 -39.28 16.29
N TRP D 170 -29.00 -39.12 16.40
CA TRP D 170 -29.77 -39.54 17.57
C TRP D 170 -30.88 -40.49 17.14
N ALA D 171 -30.80 -41.74 17.59
CA ALA D 171 -31.82 -42.74 17.29
C ALA D 171 -32.83 -42.74 18.44
N ASN D 172 -34.08 -42.95 18.05
CA ASN D 172 -35.17 -42.95 18.99
C ASN D 172 -36.02 -44.19 18.89
N SER D 173 -36.41 -44.67 20.06
CA SER D 173 -37.25 -45.84 20.13
C SER D 173 -38.66 -45.44 19.74
N PHE D 174 -38.83 -44.15 19.63
CA PHE D 174 -40.12 -43.59 19.26
C PHE D 174 -40.03 -42.56 18.15
N LEU D 175 -41.21 -42.11 17.72
CA LEU D 175 -41.35 -41.10 16.70
C LEU D 175 -41.52 -39.75 17.37
N PRO D 176 -40.47 -38.93 17.34
CA PRO D 176 -40.55 -37.61 17.98
C PRO D 176 -41.64 -36.72 17.39
N ASN D 177 -41.97 -35.63 18.13
CA ASN D 177 -42.97 -34.71 17.65
C ASN D 177 -42.95 -34.45 16.17
N GLU D 178 -41.83 -33.95 15.67
CA GLU D 178 -41.82 -33.65 14.24
C GLU D 178 -42.08 -34.83 13.34
N ALA D 179 -41.46 -35.98 13.67
CA ALA D 179 -41.61 -37.22 12.89
C ALA D 179 -43.06 -37.67 12.84
N GLU D 180 -43.67 -37.65 14.02
CA GLU D 180 -45.05 -38.03 14.13
C GLU D 180 -45.94 -37.25 13.16
N ARG D 181 -45.96 -35.94 13.32
CA ARG D 181 -46.81 -35.11 12.47
C ARG D 181 -46.50 -35.16 11.00
N GLU D 182 -45.22 -35.12 10.64
CA GLU D 182 -44.88 -35.19 9.23
C GLU D 182 -45.36 -36.52 8.63
N ASP D 183 -45.21 -37.60 9.40
CA ASP D 183 -45.63 -38.90 8.95
C ASP D 183 -47.11 -38.88 8.69
N ARG D 184 -47.77 -38.40 9.71
CA ARG D 184 -49.20 -38.28 9.64
C ARG D 184 -49.72 -37.41 8.52
N LEU D 185 -49.33 -36.13 8.46
CA LEU D 185 -49.83 -35.26 7.38
C LEU D 185 -49.43 -35.78 6.01
N GLN D 186 -48.27 -36.44 5.92
CA GLN D 186 -47.87 -36.97 4.62
C GLN D 186 -48.72 -38.19 4.22
N LYS D 187 -49.07 -39.00 5.23
CA LYS D 187 -49.90 -40.18 5.03
C LYS D 187 -51.27 -39.75 4.53
N GLU D 188 -51.90 -38.86 5.29
CA GLU D 188 -53.21 -38.32 4.93
C GLU D 188 -53.20 -37.64 3.57
N TYR D 189 -52.07 -37.10 3.14
CA TYR D 189 -52.05 -36.43 1.86
C TYR D 189 -52.07 -37.39 0.69
N PHE D 190 -51.27 -38.44 0.85
CA PHE D 190 -51.17 -39.47 -0.15
C PHE D 190 -52.55 -40.11 -0.41
N ALA D 191 -53.20 -40.50 0.70
CA ALA D 191 -54.52 -41.12 0.70
C ALA D 191 -55.54 -40.38 -0.15
N GLU D 192 -55.37 -39.06 -0.23
CA GLU D 192 -56.28 -38.22 -0.97
C GLU D 192 -55.82 -37.90 -2.37
N GLN D 193 -54.52 -37.73 -2.52
CA GLN D 193 -53.98 -37.38 -3.82
C GLN D 193 -53.43 -38.57 -4.54
N LYS D 194 -53.05 -39.60 -3.77
CA LYS D 194 -52.50 -40.79 -4.38
C LYS D 194 -51.13 -40.52 -4.95
N SER D 195 -50.55 -39.45 -4.43
CA SER D 195 -49.23 -38.97 -4.82
C SER D 195 -48.57 -38.37 -3.59
N PRO D 196 -47.24 -38.59 -3.42
CA PRO D 196 -46.54 -38.07 -2.26
C PRO D 196 -46.47 -36.57 -2.29
N MET D 197 -46.84 -36.00 -1.16
CA MET D 197 -46.89 -34.57 -0.94
C MET D 197 -45.66 -33.82 -1.45
N LEU D 198 -44.48 -34.21 -0.98
CA LEU D 198 -43.22 -33.57 -1.36
C LEU D 198 -42.86 -33.80 -2.83
N VAL D 199 -43.23 -34.96 -3.35
CA VAL D 199 -42.93 -35.27 -4.73
C VAL D 199 -43.71 -34.32 -5.65
N ASP D 200 -44.95 -34.05 -5.29
CA ASP D 200 -45.72 -33.14 -6.14
C ASP D 200 -45.24 -31.72 -5.95
N TYR D 201 -44.81 -31.43 -4.72
CA TYR D 201 -44.32 -30.11 -4.38
C TYR D 201 -43.11 -29.77 -5.23
N VAL D 202 -42.23 -30.76 -5.39
CA VAL D 202 -41.06 -30.56 -6.22
C VAL D 202 -41.56 -30.17 -7.59
N GLN D 203 -42.54 -30.93 -8.07
CA GLN D 203 -43.13 -30.72 -9.39
C GLN D 203 -43.57 -29.29 -9.52
N ARG D 204 -44.37 -28.91 -8.54
CA ARG D 204 -44.92 -27.58 -8.40
C ARG D 204 -43.86 -26.51 -8.44
N GLU D 205 -42.80 -26.67 -7.65
CA GLU D 205 -41.77 -25.64 -7.64
C GLU D 205 -41.02 -25.53 -8.95
N LEU D 206 -40.70 -26.68 -9.52
CA LEU D 206 -39.99 -26.73 -10.77
C LEU D 206 -40.62 -25.84 -11.82
N ALA D 207 -41.92 -25.96 -11.96
CA ALA D 207 -42.61 -25.16 -12.92
C ALA D 207 -42.74 -23.70 -12.50
N ASP D 208 -42.42 -23.44 -11.23
CA ASP D 208 -42.50 -22.08 -10.70
C ASP D 208 -41.15 -21.45 -10.77
N GLY D 209 -40.29 -21.86 -9.84
CA GLY D 209 -38.92 -21.37 -9.79
C GLY D 209 -38.68 -20.15 -8.92
N SER D 210 -39.75 -19.48 -8.54
CA SER D 210 -39.61 -18.30 -7.72
C SER D 210 -38.91 -18.54 -6.41
N ARG D 211 -39.05 -19.76 -5.91
CA ARG D 211 -38.42 -20.09 -4.63
C ARG D 211 -37.20 -20.99 -4.81
N THR D 212 -36.81 -21.27 -6.06
CA THR D 212 -35.64 -22.10 -6.27
C THR D 212 -34.31 -21.43 -5.95
N VAL D 213 -33.42 -22.20 -5.32
CA VAL D 213 -32.10 -21.73 -4.94
C VAL D 213 -30.95 -22.51 -5.56
N VAL D 214 -31.12 -23.85 -5.64
CA VAL D 214 -30.16 -24.78 -6.25
C VAL D 214 -30.96 -25.83 -7.01
N GLU D 215 -30.55 -26.16 -8.25
CA GLU D 215 -31.20 -27.22 -9.00
C GLU D 215 -30.21 -28.13 -9.75
N THR D 216 -30.04 -29.37 -9.30
CA THR D 216 -29.14 -30.30 -9.96
C THR D 216 -29.94 -31.27 -10.78
N GLU D 217 -29.26 -32.29 -11.29
CA GLU D 217 -29.95 -33.26 -12.10
C GLU D 217 -31.00 -34.00 -11.29
N HIS D 218 -30.64 -34.34 -10.06
CA HIS D 218 -31.50 -35.09 -9.19
C HIS D 218 -32.03 -34.35 -7.99
N TRP D 219 -31.52 -33.16 -7.77
CA TRP D 219 -31.98 -32.46 -6.61
C TRP D 219 -32.53 -31.09 -6.87
N LEU D 220 -33.20 -30.61 -5.83
CA LEU D 220 -33.83 -29.34 -5.78
C LEU D 220 -33.77 -28.77 -4.39
N ALA D 221 -33.31 -27.53 -4.30
CA ALA D 221 -33.24 -26.86 -3.02
C ALA D 221 -34.05 -25.59 -3.15
N VAL D 222 -34.96 -25.40 -2.23
CA VAL D 222 -35.77 -24.22 -2.26
C VAL D 222 -35.92 -23.65 -0.89
N VAL D 223 -36.47 -22.43 -0.91
CA VAL D 223 -36.83 -21.72 0.30
C VAL D 223 -38.28 -22.10 0.27
N PRO D 224 -38.65 -23.11 1.07
CA PRO D 224 -40.01 -23.60 1.06
C PRO D 224 -41.03 -22.47 1.12
N TYR D 225 -42.13 -22.62 0.43
CA TYR D 225 -43.18 -21.64 0.42
C TYR D 225 -43.58 -21.17 1.82
N TRP D 226 -43.60 -22.13 2.77
CA TRP D 226 -43.96 -21.94 4.19
C TRP D 226 -42.73 -21.85 5.09
N ALA D 227 -41.59 -21.46 4.51
CA ALA D 227 -40.34 -21.32 5.25
C ALA D 227 -40.52 -20.54 6.54
N ALA D 228 -39.80 -20.92 7.62
CA ALA D 228 -39.96 -20.15 8.84
C ALA D 228 -38.74 -19.21 9.05
N TRP D 229 -37.55 -19.79 9.03
CA TRP D 229 -36.29 -19.08 9.20
C TRP D 229 -36.08 -18.22 7.96
N PRO D 230 -35.46 -17.06 8.14
CA PRO D 230 -35.27 -16.15 7.03
C PRO D 230 -34.86 -16.79 5.73
N PHE D 231 -33.71 -17.46 5.79
CA PHE D 231 -33.07 -18.10 4.65
C PHE D 231 -33.14 -19.59 4.72
N GLU D 232 -34.23 -20.09 5.29
CA GLU D 232 -34.37 -21.51 5.41
C GLU D 232 -34.56 -22.14 4.04
N THR D 233 -33.99 -23.33 3.90
CA THR D 233 -34.14 -24.05 2.66
C THR D 233 -34.61 -25.45 2.93
N LEU D 234 -35.12 -25.99 1.83
CA LEU D 234 -35.64 -27.34 1.80
C LEU D 234 -35.03 -28.03 0.62
N LEU D 235 -34.17 -29.00 0.90
CA LEU D 235 -33.48 -29.73 -0.12
C LEU D 235 -34.04 -31.12 -0.36
N LEU D 236 -34.55 -31.43 -1.56
CA LEU D 236 -35.08 -32.78 -1.76
C LEU D 236 -34.78 -33.37 -3.12
N PRO D 237 -34.99 -34.67 -3.22
CA PRO D 237 -34.76 -35.37 -4.46
C PRO D 237 -35.96 -35.17 -5.37
N LYS D 238 -35.67 -34.93 -6.65
CA LYS D 238 -36.67 -34.74 -7.69
C LYS D 238 -37.54 -36.00 -7.83
N ALA D 239 -36.90 -37.17 -7.75
CA ALA D 239 -37.58 -38.45 -7.81
C ALA D 239 -38.02 -38.89 -6.41
N HIS D 240 -38.95 -39.84 -6.37
CA HIS D 240 -39.49 -40.39 -5.13
C HIS D 240 -38.50 -41.27 -4.37
N VAL D 241 -38.05 -40.78 -3.23
CA VAL D 241 -37.12 -41.50 -2.39
C VAL D 241 -37.68 -41.54 -0.99
N LEU D 242 -37.66 -42.73 -0.40
CA LEU D 242 -38.18 -42.89 0.95
C LEU D 242 -37.14 -42.59 2.03
N ARG D 243 -35.97 -43.21 1.95
CA ARG D 243 -34.90 -43.02 2.91
C ARG D 243 -33.59 -42.62 2.21
N ILE D 244 -32.65 -42.11 2.98
CA ILE D 244 -31.41 -41.71 2.36
C ILE D 244 -30.68 -42.91 1.86
N THR D 245 -30.99 -44.00 2.53
CA THR D 245 -30.40 -45.29 2.24
C THR D 245 -30.82 -45.79 0.87
N ASP D 246 -31.84 -45.18 0.28
CA ASP D 246 -32.31 -45.60 -1.02
C ASP D 246 -31.81 -44.79 -2.19
N LEU D 247 -30.92 -43.84 -1.99
CA LEU D 247 -30.47 -43.08 -3.14
C LEU D 247 -29.59 -43.92 -4.03
N THR D 248 -29.67 -43.66 -5.32
CA THR D 248 -28.82 -44.38 -6.25
C THR D 248 -27.43 -43.83 -6.03
N ASP D 249 -26.43 -44.49 -6.57
CA ASP D 249 -25.10 -43.95 -6.38
C ASP D 249 -25.04 -42.61 -7.06
N ALA D 250 -25.77 -42.51 -8.16
CA ALA D 250 -25.83 -41.29 -8.90
C ALA D 250 -26.42 -40.16 -8.07
N GLN D 251 -27.57 -40.43 -7.52
CA GLN D 251 -28.28 -39.44 -6.73
C GLN D 251 -27.42 -39.00 -5.56
N ARG D 252 -26.67 -39.96 -5.06
CA ARG D 252 -25.77 -39.73 -3.93
C ARG D 252 -24.64 -38.78 -4.32
N SER D 253 -23.94 -39.06 -5.40
CA SER D 253 -22.89 -38.13 -5.78
C SER D 253 -23.51 -36.75 -6.07
N ASP D 254 -24.66 -36.76 -6.75
CA ASP D 254 -25.37 -35.56 -7.11
C ASP D 254 -25.83 -34.75 -5.92
N LEU D 255 -26.03 -35.46 -4.83
CA LEU D 255 -26.44 -34.86 -3.58
C LEU D 255 -25.29 -34.11 -2.97
N ALA D 256 -24.09 -34.72 -3.06
CA ALA D 256 -22.86 -34.10 -2.55
C ALA D 256 -22.66 -32.75 -3.24
N LEU D 257 -22.89 -32.74 -4.54
CA LEU D 257 -22.79 -31.55 -5.37
C LEU D 257 -23.80 -30.50 -4.97
N ALA D 258 -25.03 -30.96 -4.83
CA ALA D 258 -26.12 -30.10 -4.46
C ALA D 258 -25.81 -29.44 -3.13
N LEU D 259 -25.31 -30.25 -2.18
CA LEU D 259 -24.95 -29.77 -0.86
C LEU D 259 -23.84 -28.71 -0.97
N LYS D 260 -22.81 -29.03 -1.73
CA LYS D 260 -21.72 -28.12 -1.92
C LYS D 260 -22.17 -26.77 -2.48
N LYS D 261 -23.08 -26.81 -3.44
CA LYS D 261 -23.57 -25.57 -4.00
C LYS D 261 -24.39 -24.73 -3.03
N LEU D 262 -25.32 -25.37 -2.33
CA LEU D 262 -26.19 -24.65 -1.43
C LEU D 262 -25.42 -24.04 -0.29
N THR D 263 -24.54 -24.85 0.24
CA THR D 263 -23.79 -24.36 1.37
C THR D 263 -22.89 -23.20 0.99
N SER D 264 -22.44 -23.18 -0.26
CA SER D 264 -21.58 -22.10 -0.76
C SER D 264 -22.39 -20.82 -0.80
N ARG D 265 -23.56 -20.90 -1.48
CA ARG D 265 -24.46 -19.77 -1.61
C ARG D 265 -24.76 -19.15 -0.27
N TYR D 266 -24.92 -20.03 0.72
CA TYR D 266 -25.21 -19.61 2.08
C TYR D 266 -24.08 -18.76 2.60
N ASP D 267 -22.85 -19.28 2.43
CA ASP D 267 -21.61 -18.63 2.88
C ASP D 267 -21.33 -17.34 2.12
N ASN D 268 -21.62 -17.39 0.84
CA ASN D 268 -21.42 -16.24 -0.03
C ASN D 268 -22.35 -15.11 0.35
N LEU D 269 -23.51 -15.49 0.85
CA LEU D 269 -24.53 -14.56 1.27
C LEU D 269 -24.02 -13.38 2.08
N PHE D 270 -23.35 -13.68 3.15
CA PHE D 270 -22.86 -12.60 3.95
C PHE D 270 -21.38 -12.74 4.02
N GLN D 271 -20.85 -13.51 3.07
CA GLN D 271 -19.42 -13.71 3.02
C GLN D 271 -18.85 -14.05 4.37
N CYS D 272 -19.35 -15.13 4.95
CA CYS D 272 -18.89 -15.58 6.27
C CYS D 272 -19.34 -17.02 6.40
N SER D 273 -18.86 -17.73 7.42
CA SER D 273 -19.28 -19.11 7.65
C SER D 273 -20.71 -18.98 8.17
N PHE D 274 -21.67 -19.35 7.34
CA PHE D 274 -23.07 -19.22 7.64
C PHE D 274 -23.54 -20.33 8.54
N PRO D 275 -23.91 -19.96 9.79
CA PRO D 275 -24.37 -20.93 10.81
C PRO D 275 -25.77 -21.45 10.50
N TYR D 276 -26.05 -22.62 11.03
CA TYR D 276 -27.36 -23.23 10.84
C TYR D 276 -27.47 -24.53 11.60
N SER D 277 -28.71 -25.08 11.51
CA SER D 277 -29.08 -26.39 12.02
C SER D 277 -29.74 -27.04 10.81
N MET D 278 -29.36 -28.28 10.52
CA MET D 278 -29.91 -28.98 9.39
C MET D 278 -30.09 -30.44 9.78
N GLY D 279 -30.93 -31.11 9.02
CA GLY D 279 -31.17 -32.51 9.28
C GLY D 279 -32.07 -33.15 8.24
N TRP D 280 -31.99 -34.47 8.22
CA TRP D 280 -32.75 -35.30 7.30
C TRP D 280 -33.99 -35.93 7.93
N HIS D 281 -35.06 -35.86 7.13
CA HIS D 281 -36.36 -36.41 7.46
C HIS D 281 -36.65 -37.48 6.43
N GLY D 282 -36.94 -38.67 6.90
CA GLY D 282 -37.22 -39.76 5.98
C GLY D 282 -38.15 -40.75 6.62
N ALA D 283 -38.58 -41.71 5.82
CA ALA D 283 -39.46 -42.75 6.28
C ALA D 283 -38.93 -43.42 7.56
N PRO D 284 -39.83 -43.62 8.53
CA PRO D 284 -39.43 -44.26 9.77
C PRO D 284 -39.10 -45.75 9.55
N PHE D 285 -38.50 -46.36 10.56
CA PHE D 285 -38.16 -47.77 10.45
C PHE D 285 -39.24 -48.54 11.17
N ASN D 286 -40.39 -48.52 10.57
CA ASN D 286 -41.57 -49.20 11.05
C ASN D 286 -42.02 -50.17 9.94
N GLY D 287 -42.44 -51.38 10.26
CA GLY D 287 -42.82 -52.32 9.22
C GLY D 287 -43.85 -51.78 8.23
N GLU D 288 -44.27 -50.54 8.44
CA GLU D 288 -45.27 -49.92 7.58
C GLU D 288 -44.88 -49.53 6.18
N GLU D 289 -45.94 -49.29 5.41
CA GLU D 289 -45.78 -48.86 4.04
C GLU D 289 -45.74 -47.38 4.17
N ASN D 290 -44.60 -46.87 3.80
CA ASN D 290 -44.36 -45.46 3.90
C ASN D 290 -44.33 -44.79 2.56
N GLN D 291 -45.03 -45.34 1.58
CA GLN D 291 -45.03 -44.79 0.25
C GLN D 291 -45.36 -43.30 0.24
N HIS D 292 -45.92 -42.84 1.32
CA HIS D 292 -46.33 -41.45 1.42
C HIS D 292 -45.19 -40.52 1.75
N TRP D 293 -44.07 -41.10 2.22
CA TRP D 293 -42.87 -40.39 2.59
C TRP D 293 -42.00 -39.97 1.40
N GLN D 294 -41.32 -38.85 1.61
CA GLN D 294 -40.38 -38.29 0.66
C GLN D 294 -39.21 -37.67 1.41
N LEU D 295 -38.03 -38.26 1.17
CA LEU D 295 -36.77 -37.83 1.78
C LEU D 295 -36.55 -36.35 1.56
N HIS D 296 -36.06 -35.69 2.60
CA HIS D 296 -35.81 -34.28 2.56
C HIS D 296 -34.92 -33.81 3.70
N ALA D 297 -34.16 -32.73 3.47
CA ALA D 297 -33.33 -32.15 4.50
C ALA D 297 -33.81 -30.74 4.76
N HIS D 298 -33.73 -30.31 6.00
CA HIS D 298 -34.12 -28.96 6.33
C HIS D 298 -32.90 -28.22 6.81
N PHE D 299 -32.80 -26.96 6.39
CA PHE D 299 -31.74 -26.06 6.81
C PHE D 299 -32.44 -24.91 7.49
N TYR D 300 -32.03 -24.67 8.75
CA TYR D 300 -32.63 -23.62 9.59
C TYR D 300 -31.56 -22.66 10.09
N PRO D 301 -31.20 -21.69 9.23
CA PRO D 301 -30.19 -20.71 9.54
C PRO D 301 -30.77 -19.51 10.25
N PRO D 302 -30.07 -18.99 11.28
CA PRO D 302 -30.56 -17.83 12.04
C PRO D 302 -30.25 -16.43 11.52
N LEU D 303 -29.22 -16.32 10.67
CA LEU D 303 -28.86 -15.00 10.18
C LEU D 303 -29.97 -14.31 9.44
N LEU D 304 -30.12 -13.02 9.66
CA LEU D 304 -31.15 -12.32 8.97
C LEU D 304 -30.70 -11.10 8.17
N ARG D 305 -30.15 -10.12 8.88
CA ARG D 305 -29.77 -8.86 8.28
C ARG D 305 -28.38 -8.80 7.72
N SER D 306 -27.47 -9.47 8.38
CA SER D 306 -26.08 -9.48 8.01
C SER D 306 -25.40 -10.59 8.77
N ALA D 307 -24.07 -10.63 8.73
CA ALA D 307 -23.41 -11.69 9.47
C ALA D 307 -23.43 -11.49 10.99
N THR D 308 -23.90 -10.31 11.44
CA THR D 308 -23.90 -10.05 12.88
C THR D 308 -25.26 -9.79 13.46
N VAL D 309 -26.24 -9.89 12.61
CA VAL D 309 -27.61 -9.67 13.02
C VAL D 309 -28.50 -10.85 12.62
N ARG D 310 -28.86 -11.63 13.66
CA ARG D 310 -29.74 -12.80 13.51
C ARG D 310 -31.22 -12.52 13.84
N LYS D 311 -32.03 -13.49 13.43
CA LYS D 311 -33.46 -13.42 13.70
C LYS D 311 -33.74 -14.11 15.05
N PHE D 312 -34.47 -13.45 15.93
CA PHE D 312 -34.76 -14.09 17.21
C PHE D 312 -36.22 -14.55 17.25
N MET D 313 -36.41 -15.87 17.26
CA MET D 313 -37.74 -16.43 17.29
C MET D 313 -38.18 -16.34 18.73
N VAL D 314 -38.70 -15.20 19.14
CA VAL D 314 -39.08 -15.05 20.54
C VAL D 314 -40.41 -14.30 20.66
N GLY D 315 -40.82 -14.02 21.90
CA GLY D 315 -42.03 -13.25 22.18
C GLY D 315 -43.24 -13.81 21.49
N TYR D 316 -43.82 -12.96 20.68
CA TYR D 316 -45.00 -13.32 19.95
C TYR D 316 -44.87 -14.65 19.21
N GLU D 317 -43.67 -14.96 18.80
CA GLU D 317 -43.43 -16.15 18.04
C GLU D 317 -43.45 -17.42 18.89
N MET D 318 -43.13 -17.25 20.16
CA MET D 318 -43.13 -18.37 21.06
C MET D 318 -44.52 -18.52 21.68
N LEU D 319 -45.24 -17.43 21.79
CA LEU D 319 -46.55 -17.43 22.42
C LEU D 319 -47.70 -17.49 21.47
N ALA D 320 -47.41 -17.37 20.20
CA ALA D 320 -48.45 -17.39 19.20
C ALA D 320 -48.11 -18.11 17.90
N GLU D 321 -47.28 -17.47 17.09
CA GLU D 321 -46.91 -18.07 15.83
C GLU D 321 -45.64 -17.43 15.27
N THR D 322 -44.98 -18.17 14.41
CA THR D 322 -43.77 -17.70 13.77
C THR D 322 -44.07 -16.53 12.87
N GLN D 323 -43.19 -15.52 12.96
CA GLN D 323 -43.34 -14.32 12.16
C GLN D 323 -42.00 -13.94 11.49
N ARG D 324 -42.00 -14.09 10.17
CA ARG D 324 -40.82 -13.78 9.37
C ARG D 324 -40.86 -12.35 8.83
N ASP D 325 -39.66 -11.78 8.63
CA ASP D 325 -39.55 -10.39 8.19
C ASP D 325 -39.60 -10.14 6.70
N LEU D 326 -39.38 -11.18 5.93
CA LEU D 326 -39.43 -11.12 4.50
C LEU D 326 -40.03 -12.40 3.97
N THR D 327 -40.51 -12.30 2.73
CA THR D 327 -41.13 -13.42 2.05
C THR D 327 -40.15 -14.45 1.57
N ALA D 328 -40.66 -15.66 1.36
CA ALA D 328 -39.82 -16.76 0.89
C ALA D 328 -39.28 -16.44 -0.48
N GLU D 329 -40.04 -15.65 -1.24
CA GLU D 329 -39.60 -15.26 -2.57
C GLU D 329 -38.46 -14.28 -2.46
N GLN D 330 -38.61 -13.31 -1.58
CA GLN D 330 -37.57 -12.34 -1.37
C GLN D 330 -36.27 -13.04 -0.95
N ALA D 331 -36.36 -13.98 -0.01
CA ALA D 331 -35.17 -14.67 0.45
C ALA D 331 -34.54 -15.51 -0.65
N ALA D 332 -35.35 -16.17 -1.48
CA ALA D 332 -34.82 -17.01 -2.57
C ALA D 332 -34.03 -16.15 -3.56
N GLU D 333 -34.63 -15.04 -3.95
CA GLU D 333 -33.99 -14.13 -4.88
C GLU D 333 -32.62 -13.68 -4.37
N ARG D 334 -32.55 -13.33 -3.09
CA ARG D 334 -31.33 -12.93 -2.47
C ARG D 334 -30.28 -14.01 -2.55
N LEU D 335 -30.70 -15.24 -2.26
CA LEU D 335 -29.79 -16.40 -2.31
C LEU D 335 -29.32 -16.77 -3.71
N ARG D 336 -30.17 -16.51 -4.69
CA ARG D 336 -29.84 -16.81 -6.07
C ARG D 336 -28.91 -15.77 -6.70
N ALA D 337 -28.71 -14.64 -6.03
CA ALA D 337 -27.90 -13.53 -6.52
C ALA D 337 -26.41 -13.73 -6.36
N VAL D 338 -26.04 -14.54 -5.38
CA VAL D 338 -24.66 -14.82 -5.11
C VAL D 338 -24.19 -15.97 -5.94
N SER D 339 -22.89 -16.17 -5.98
CA SER D 339 -22.31 -17.26 -6.75
C SER D 339 -22.45 -18.56 -5.96
N ASP D 340 -22.50 -19.70 -6.67
CA ASP D 340 -22.57 -21.02 -6.03
C ASP D 340 -21.17 -21.61 -5.81
N ILE D 341 -20.19 -20.73 -6.02
CA ILE D 341 -18.78 -20.99 -5.84
C ILE D 341 -18.38 -20.34 -4.54
N HIS D 342 -17.78 -21.16 -3.72
CA HIS D 342 -17.37 -20.71 -2.43
C HIS D 342 -16.45 -19.52 -2.53
N PHE D 343 -16.76 -18.49 -1.79
CA PHE D 343 -15.94 -17.31 -1.84
C PHE D 343 -14.50 -17.55 -1.38
N ARG D 344 -14.24 -18.71 -0.80
CA ARG D 344 -12.89 -18.99 -0.34
C ARG D 344 -12.25 -20.09 -1.16
N GLU D 345 -12.64 -20.12 -2.44
CA GLU D 345 -12.14 -21.07 -3.41
C GLU D 345 -12.29 -20.46 -4.80
#